data_2E8O
#
_entry.id   2E8O
#
_cell.length_a   1.000
_cell.length_b   1.000
_cell.length_c   1.000
_cell.angle_alpha   90.00
_cell.angle_beta   90.00
_cell.angle_gamma   90.00
#
_symmetry.space_group_name_H-M   'P 1'
#
_entity_poly.entity_id   1
_entity_poly.type   'polypeptide(L)'
_entity_poly.pdbx_seq_one_letter_code
;GSSGSSGSNTPSAEADWSPGLELHPDYKTWGPEQVCSFLRRGGFEEPVLLKNIRENEITGALLPCLDESRFENLGVSSLG
ERKKLLSYIQRLVQIHVDTMKVI
;
_entity_poly.pdbx_strand_id   A
#
# COMPACT_ATOMS: atom_id res chain seq x y z
N GLY A 1 34.75 22.98 -6.91
CA GLY A 1 33.43 22.75 -6.34
C GLY A 1 33.46 22.72 -4.82
N SER A 2 32.28 22.81 -4.21
CA SER A 2 32.17 22.79 -2.76
C SER A 2 31.83 21.39 -2.26
N SER A 3 32.67 20.88 -1.35
CA SER A 3 32.46 19.55 -0.81
C SER A 3 32.80 19.52 0.68
N GLY A 4 31.90 18.94 1.48
CA GLY A 4 32.11 18.86 2.91
C GLY A 4 30.90 19.27 3.71
N SER A 5 30.53 18.47 4.70
CA SER A 5 29.37 18.75 5.53
C SER A 5 29.40 17.90 6.80
N SER A 6 29.52 18.56 7.95
CA SER A 6 29.56 17.86 9.23
C SER A 6 28.29 18.14 10.03
N GLY A 7 27.84 17.14 10.78
CA GLY A 7 26.65 17.30 11.59
C GLY A 7 25.67 16.15 11.42
N SER A 8 25.52 15.35 12.46
CA SER A 8 24.61 14.20 12.41
C SER A 8 24.04 13.90 13.79
N ASN A 9 22.72 13.72 13.84
CA ASN A 9 22.05 13.43 15.10
C ASN A 9 22.17 11.94 15.45
N THR A 10 21.82 11.61 16.70
CA THR A 10 21.89 10.23 17.16
C THR A 10 20.73 9.41 16.61
N PRO A 11 21.04 8.21 16.10
CA PRO A 11 20.04 7.30 15.54
C PRO A 11 19.13 6.71 16.61
N SER A 12 18.13 5.95 16.18
CA SER A 12 17.18 5.33 17.09
C SER A 12 17.36 3.82 17.14
N ALA A 13 17.56 3.23 15.96
CA ALA A 13 17.75 1.78 15.86
C ALA A 13 18.79 1.44 14.78
N GLU A 14 19.58 0.42 15.05
CA GLU A 14 20.62 -0.01 14.11
C GLU A 14 20.54 -1.52 13.86
N ALA A 15 19.81 -1.90 12.82
CA ALA A 15 19.65 -3.31 12.48
C ALA A 15 19.55 -3.50 10.97
N ASP A 16 19.50 -4.75 10.53
CA ASP A 16 19.39 -5.06 9.11
C ASP A 16 17.97 -5.50 8.75
N TRP A 17 17.00 -4.68 9.14
CA TRP A 17 15.60 -4.98 8.86
C TRP A 17 14.72 -3.76 9.11
N SER A 18 13.65 -3.64 8.32
CA SER A 18 12.74 -2.51 8.45
C SER A 18 11.29 -2.97 8.29
N PRO A 19 10.36 -2.22 8.90
CA PRO A 19 8.93 -2.52 8.84
C PRO A 19 8.35 -2.29 7.45
N GLY A 20 9.14 -1.72 6.56
CA GLY A 20 8.69 -1.46 5.21
C GLY A 20 9.80 -1.58 4.19
N LEU A 21 9.84 -2.70 3.49
CA LEU A 21 10.87 -2.94 2.48
C LEU A 21 10.28 -2.84 1.08
N GLU A 22 9.34 -3.72 0.78
CA GLU A 22 8.69 -3.74 -0.53
C GLU A 22 7.51 -4.69 -0.54
N LEU A 23 6.88 -4.84 -1.72
CA LEU A 23 5.74 -5.72 -1.86
C LEU A 23 5.93 -6.68 -3.04
N HIS A 24 5.02 -7.64 -3.17
CA HIS A 24 5.10 -8.62 -4.25
C HIS A 24 4.85 -7.95 -5.60
N PRO A 25 5.57 -8.41 -6.63
CA PRO A 25 5.44 -7.87 -7.99
C PRO A 25 4.12 -8.24 -8.63
N ASP A 26 3.56 -9.38 -8.23
CA ASP A 26 2.29 -9.85 -8.76
C ASP A 26 1.13 -9.43 -7.87
N TYR A 27 0.69 -8.18 -8.02
CA TYR A 27 -0.40 -7.66 -7.22
C TYR A 27 -1.65 -8.53 -7.37
N LYS A 28 -1.72 -9.25 -8.48
CA LYS A 28 -2.86 -10.12 -8.76
C LYS A 28 -3.03 -11.15 -7.64
N THR A 29 -1.96 -11.39 -6.90
CA THR A 29 -2.00 -12.35 -5.80
C THR A 29 -1.66 -11.70 -4.47
N TRP A 30 -2.11 -10.45 -4.31
CA TRP A 30 -1.87 -9.71 -3.08
C TRP A 30 -2.85 -10.10 -2.00
N GLY A 31 -4.05 -10.50 -2.40
CA GLY A 31 -5.07 -10.90 -1.45
C GLY A 31 -5.49 -9.76 -0.53
N PRO A 32 -6.37 -10.05 0.42
CA PRO A 32 -6.87 -9.06 1.39
C PRO A 32 -5.80 -8.64 2.38
N GLU A 33 -4.65 -9.31 2.33
CA GLU A 33 -3.55 -8.99 3.23
C GLU A 33 -2.74 -7.81 2.70
N GLN A 34 -2.03 -8.03 1.60
CA GLN A 34 -1.21 -6.99 1.00
C GLN A 34 -2.03 -5.73 0.78
N VAL A 35 -3.24 -5.88 0.26
CA VAL A 35 -4.12 -4.75 0.00
C VAL A 35 -4.31 -3.90 1.26
N CYS A 36 -4.42 -4.56 2.40
CA CYS A 36 -4.61 -3.86 3.67
C CYS A 36 -3.37 -3.04 4.02
N SER A 37 -2.24 -3.38 3.41
CA SER A 37 -0.98 -2.68 3.66
C SER A 37 -0.74 -1.62 2.58
N PHE A 38 -1.08 -1.94 1.34
CA PHE A 38 -0.90 -1.01 0.23
C PHE A 38 -1.51 0.35 0.55
N LEU A 39 -2.79 0.35 0.92
CA LEU A 39 -3.49 1.58 1.26
C LEU A 39 -2.76 2.35 2.35
N ARG A 40 -2.22 1.62 3.32
CA ARG A 40 -1.49 2.23 4.42
C ARG A 40 -0.28 3.01 3.91
N ARG A 41 0.21 2.62 2.73
CA ARG A 41 1.37 3.28 2.14
C ARG A 41 0.96 4.60 1.49
N GLY A 42 -0.30 4.69 1.09
CA GLY A 42 -0.79 5.91 0.46
C GLY A 42 -1.19 6.96 1.47
N GLY A 43 -1.52 6.53 2.68
CA GLY A 43 -1.90 7.46 3.72
C GLY A 43 -3.19 7.06 4.41
N PHE A 44 -3.93 6.14 3.80
CA PHE A 44 -5.18 5.67 4.36
C PHE A 44 -4.94 4.68 5.49
N GLU A 45 -5.46 4.99 6.67
CA GLU A 45 -5.28 4.12 7.83
C GLU A 45 -6.63 3.86 8.52
N GLU A 46 -7.71 3.99 7.75
CA GLU A 46 -9.04 3.76 8.28
C GLU A 46 -9.30 2.27 8.52
N PRO A 47 -9.93 1.96 9.65
CA PRO A 47 -10.24 0.58 10.03
C PRO A 47 -11.32 -0.03 9.16
N VAL A 48 -12.40 0.73 8.93
CA VAL A 48 -13.50 0.27 8.11
C VAL A 48 -13.04 -0.01 6.68
N LEU A 49 -12.13 0.81 6.18
CA LEU A 49 -11.61 0.65 4.83
C LEU A 49 -10.88 -0.67 4.68
N LEU A 50 -9.94 -0.91 5.58
CA LEU A 50 -9.16 -2.15 5.55
C LEU A 50 -10.02 -3.34 5.97
N LYS A 51 -11.08 -3.07 6.72
CA LYS A 51 -11.98 -4.12 7.18
C LYS A 51 -12.73 -4.76 6.01
N ASN A 52 -13.29 -3.93 5.14
CA ASN A 52 -14.02 -4.41 3.98
C ASN A 52 -13.12 -5.26 3.09
N ILE A 53 -11.83 -4.95 3.07
CA ILE A 53 -10.87 -5.69 2.26
C ILE A 53 -10.91 -7.18 2.61
N ARG A 54 -11.12 -7.49 3.88
CA ARG A 54 -11.17 -8.87 4.33
C ARG A 54 -12.60 -9.41 4.26
N GLU A 55 -13.57 -8.49 4.25
CA GLU A 55 -14.97 -8.88 4.19
C GLU A 55 -15.38 -9.19 2.76
N ASN A 56 -14.65 -8.65 1.79
CA ASN A 56 -14.93 -8.86 0.39
C ASN A 56 -13.75 -9.54 -0.31
N GLU A 57 -12.81 -10.03 0.48
CA GLU A 57 -11.64 -10.70 -0.06
C GLU A 57 -10.96 -9.84 -1.13
N ILE A 58 -11.07 -8.53 -0.97
CA ILE A 58 -10.47 -7.58 -1.92
C ILE A 58 -9.00 -7.90 -2.14
N THR A 59 -8.63 -8.08 -3.40
CA THR A 59 -7.24 -8.39 -3.76
C THR A 59 -6.68 -7.34 -4.72
N GLY A 60 -5.36 -7.38 -4.90
CA GLY A 60 -4.71 -6.43 -5.80
C GLY A 60 -5.33 -6.44 -7.19
N ALA A 61 -5.79 -7.60 -7.64
CA ALA A 61 -6.39 -7.73 -8.94
C ALA A 61 -7.75 -7.04 -9.00
N LEU A 62 -8.33 -6.79 -7.83
CA LEU A 62 -9.63 -6.13 -7.73
C LEU A 62 -9.47 -4.65 -7.40
N LEU A 63 -8.28 -4.30 -6.91
CA LEU A 63 -8.00 -2.91 -6.54
C LEU A 63 -8.37 -1.96 -7.68
N PRO A 64 -7.76 -2.18 -8.86
CA PRO A 64 -8.02 -1.35 -10.04
C PRO A 64 -9.42 -1.58 -10.62
N CYS A 65 -10.11 -2.57 -10.08
CA CYS A 65 -11.46 -2.89 -10.54
C CYS A 65 -12.50 -2.06 -9.79
N LEU A 66 -12.25 -1.82 -8.51
CA LEU A 66 -13.16 -1.04 -7.68
C LEU A 66 -13.25 0.40 -8.18
N ASP A 67 -14.45 0.97 -8.12
CA ASP A 67 -14.65 2.35 -8.56
C ASP A 67 -15.06 3.24 -7.39
N GLU A 68 -15.41 4.48 -7.69
CA GLU A 68 -15.80 5.43 -6.66
C GLU A 68 -16.91 4.85 -5.78
N SER A 69 -18.01 4.46 -6.40
CA SER A 69 -19.14 3.90 -5.68
C SER A 69 -18.68 2.74 -4.78
N ARG A 70 -17.82 1.89 -5.32
CA ARG A 70 -17.30 0.75 -4.57
C ARG A 70 -16.60 1.20 -3.30
N PHE A 71 -15.59 2.07 -3.46
CA PHE A 71 -14.83 2.58 -2.33
C PHE A 71 -15.77 3.19 -1.28
N GLU A 72 -16.79 3.89 -1.75
CA GLU A 72 -17.75 4.52 -0.86
C GLU A 72 -18.46 3.48 0.00
N ASN A 73 -18.52 2.25 -0.49
CA ASN A 73 -19.16 1.17 0.24
C ASN A 73 -18.16 0.41 1.12
N LEU A 74 -16.88 0.50 0.74
CA LEU A 74 -15.83 -0.17 1.50
C LEU A 74 -15.46 0.63 2.75
N GLY A 75 -16.11 1.78 2.93
CA GLY A 75 -15.84 2.61 4.08
C GLY A 75 -15.32 3.98 3.70
N VAL A 76 -14.82 4.11 2.47
CA VAL A 76 -14.30 5.38 1.99
C VAL A 76 -15.42 6.30 1.53
N SER A 77 -16.35 6.59 2.44
CA SER A 77 -17.48 7.46 2.13
C SER A 77 -17.08 8.93 2.23
N SER A 78 -16.08 9.32 1.44
CA SER A 78 -15.60 10.70 1.43
C SER A 78 -15.25 11.14 0.02
N LEU A 79 -15.78 12.29 -0.39
CA LEU A 79 -15.51 12.83 -1.71
C LEU A 79 -14.01 13.02 -1.93
N GLY A 80 -13.32 13.43 -0.89
CA GLY A 80 -11.87 13.65 -0.98
C GLY A 80 -11.09 12.35 -0.94
N GLU A 81 -11.46 11.48 0.01
CA GLU A 81 -10.78 10.20 0.16
C GLU A 81 -10.79 9.42 -1.15
N ARG A 82 -11.98 9.12 -1.65
CA ARG A 82 -12.13 8.38 -2.90
C ARG A 82 -11.31 9.02 -4.01
N LYS A 83 -11.46 10.34 -4.16
CA LYS A 83 -10.74 11.08 -5.18
C LYS A 83 -9.24 10.79 -5.12
N LYS A 84 -8.75 10.48 -3.92
CA LYS A 84 -7.35 10.17 -3.72
C LYS A 84 -7.08 8.69 -3.95
N LEU A 85 -7.91 7.84 -3.35
CA LEU A 85 -7.76 6.40 -3.48
C LEU A 85 -7.80 5.97 -4.95
N LEU A 86 -8.80 6.47 -5.67
CA LEU A 86 -8.96 6.15 -7.09
C LEU A 86 -7.67 6.42 -7.85
N SER A 87 -7.08 7.59 -7.62
CA SER A 87 -5.84 7.97 -8.29
C SER A 87 -4.65 7.18 -7.72
N TYR A 88 -4.79 6.74 -6.48
CA TYR A 88 -3.74 5.98 -5.81
C TYR A 88 -3.53 4.63 -6.48
N ILE A 89 -4.58 3.81 -6.46
CA ILE A 89 -4.52 2.49 -7.08
C ILE A 89 -4.04 2.57 -8.51
N GLN A 90 -4.31 3.70 -9.16
CA GLN A 90 -3.92 3.91 -10.55
C GLN A 90 -2.40 3.91 -10.69
N ARG A 91 -1.72 4.37 -9.65
CA ARG A 91 -0.26 4.44 -9.65
C ARG A 91 0.33 3.04 -9.48
N LEU A 92 -0.52 2.07 -9.20
CA LEU A 92 -0.07 0.69 -9.02
C LEU A 92 -0.08 -0.07 -10.34
N VAL A 93 -1.26 -0.30 -10.88
CA VAL A 93 -1.40 -1.01 -12.16
C VAL A 93 -0.54 -0.37 -13.24
N GLN A 94 -0.48 0.95 -13.24
CA GLN A 94 0.31 1.68 -14.22
C GLN A 94 1.78 1.25 -14.16
N ILE A 95 2.19 0.72 -13.02
CA ILE A 95 3.57 0.27 -12.84
C ILE A 95 3.66 -1.25 -12.94
N HIS A 96 2.91 -1.93 -12.07
CA HIS A 96 2.91 -3.40 -12.06
C HIS A 96 2.38 -3.95 -13.37
N VAL A 97 3.00 -5.04 -13.84
CA VAL A 97 2.59 -5.66 -15.09
C VAL A 97 2.70 -4.69 -16.27
N ASP A 98 3.65 -3.77 -16.17
CA ASP A 98 3.85 -2.78 -17.22
C ASP A 98 5.08 -3.12 -18.06
N THR A 99 5.00 -2.87 -19.36
CA THR A 99 6.09 -3.16 -20.27
C THR A 99 7.40 -2.56 -19.76
N MET A 100 7.29 -1.44 -19.05
CA MET A 100 8.46 -0.77 -18.51
C MET A 100 8.65 -1.11 -17.03
N LYS A 101 9.87 -1.48 -16.67
CA LYS A 101 10.18 -1.84 -15.29
C LYS A 101 11.29 -0.93 -14.74
N VAL A 102 11.15 -0.54 -13.47
CA VAL A 102 12.13 0.31 -12.83
C VAL A 102 12.15 0.09 -11.32
N ILE A 103 13.34 0.09 -10.74
CA ILE A 103 13.49 -0.12 -9.31
C ILE A 103 13.06 1.12 -8.52
N GLY A 1 30.37 19.64 -2.76
CA GLY A 1 31.61 20.24 -2.28
C GLY A 1 32.42 19.30 -1.41
N SER A 2 33.17 19.87 -0.48
CA SER A 2 34.00 19.08 0.42
C SER A 2 34.11 19.75 1.79
N SER A 3 33.83 18.99 2.84
CA SER A 3 33.91 19.51 4.20
C SER A 3 35.20 19.07 4.89
N GLY A 4 35.39 19.54 6.12
CA GLY A 4 36.58 19.18 6.86
C GLY A 4 36.37 19.26 8.36
N SER A 5 35.36 18.54 8.85
CA SER A 5 35.06 18.53 10.28
C SER A 5 35.91 17.50 11.01
N SER A 6 36.16 17.75 12.29
CA SER A 6 36.96 16.85 13.10
C SER A 6 36.12 16.19 14.18
N GLY A 7 36.68 15.16 14.82
CA GLY A 7 35.96 14.46 15.86
C GLY A 7 35.04 13.39 15.30
N SER A 8 35.21 12.15 15.78
CA SER A 8 34.39 11.04 15.31
C SER A 8 34.04 10.11 16.47
N ASN A 9 32.93 9.39 16.32
CA ASN A 9 32.49 8.46 17.36
C ASN A 9 31.68 7.31 16.76
N THR A 10 31.48 6.27 17.54
CA THR A 10 30.73 5.11 17.08
C THR A 10 29.52 4.84 17.97
N PRO A 11 28.40 4.45 17.35
CA PRO A 11 27.16 4.16 18.08
C PRO A 11 27.26 2.87 18.90
N SER A 12 26.36 2.74 19.87
CA SER A 12 26.35 1.55 20.74
C SER A 12 25.74 0.36 20.02
N ALA A 13 24.53 0.55 19.49
CA ALA A 13 23.83 -0.50 18.77
C ALA A 13 23.11 0.05 17.54
N GLU A 14 23.11 -0.73 16.46
CA GLU A 14 22.47 -0.32 15.23
C GLU A 14 21.81 -1.51 14.54
N ALA A 15 20.50 -1.40 14.29
CA ALA A 15 19.76 -2.46 13.64
C ALA A 15 19.89 -2.38 12.11
N ASP A 16 19.39 -3.40 11.43
CA ASP A 16 19.46 -3.45 9.98
C ASP A 16 18.11 -3.84 9.38
N TRP A 17 17.06 -3.18 9.85
CA TRP A 17 15.71 -3.47 9.37
C TRP A 17 14.77 -2.30 9.67
N SER A 18 13.80 -2.09 8.78
CA SER A 18 12.84 -1.00 8.95
C SER A 18 11.43 -1.46 8.55
N PRO A 19 10.42 -0.82 9.15
CA PRO A 19 9.01 -1.13 8.88
C PRO A 19 8.59 -0.72 7.48
N GLY A 20 8.39 -1.71 6.61
CA GLY A 20 7.97 -1.44 5.24
C GLY A 20 9.15 -1.37 4.29
N LEU A 21 9.36 -2.44 3.53
CA LEU A 21 10.46 -2.49 2.58
C LEU A 21 9.93 -2.50 1.14
N GLU A 22 9.21 -3.55 0.79
CA GLU A 22 8.64 -3.68 -0.55
C GLU A 22 7.45 -4.64 -0.55
N LEU A 23 6.86 -4.82 -1.73
CA LEU A 23 5.70 -5.71 -1.87
C LEU A 23 5.90 -6.67 -3.03
N HIS A 24 5.00 -7.63 -3.16
CA HIS A 24 5.06 -8.62 -4.22
C HIS A 24 4.82 -7.96 -5.59
N PRO A 25 5.55 -8.44 -6.60
CA PRO A 25 5.43 -7.91 -7.97
C PRO A 25 4.10 -8.28 -8.62
N ASP A 26 3.54 -9.41 -8.21
CA ASP A 26 2.28 -9.89 -8.75
C ASP A 26 1.12 -9.45 -7.86
N TYR A 27 0.69 -8.20 -8.01
CA TYR A 27 -0.41 -7.68 -7.21
C TYR A 27 -1.66 -8.54 -7.36
N LYS A 28 -1.73 -9.27 -8.47
CA LYS A 28 -2.87 -10.14 -8.74
C LYS A 28 -3.05 -11.17 -7.62
N THR A 29 -1.98 -11.40 -6.87
CA THR A 29 -2.01 -12.36 -5.78
C THR A 29 -1.67 -11.69 -4.44
N TRP A 30 -2.11 -10.45 -4.28
CA TRP A 30 -1.86 -9.71 -3.06
C TRP A 30 -2.85 -10.10 -1.96
N GLY A 31 -4.06 -10.49 -2.36
CA GLY A 31 -5.06 -10.89 -1.40
C GLY A 31 -5.49 -9.75 -0.50
N PRO A 32 -6.38 -10.05 0.46
CA PRO A 32 -6.88 -9.05 1.42
C PRO A 32 -5.81 -8.61 2.41
N GLU A 33 -4.65 -9.27 2.37
CA GLU A 33 -3.55 -8.94 3.27
C GLU A 33 -2.73 -7.77 2.73
N GLN A 34 -2.03 -8.00 1.62
CA GLN A 34 -1.23 -6.96 1.00
C GLN A 34 -2.04 -5.69 0.77
N VAL A 35 -3.25 -5.86 0.25
CA VAL A 35 -4.14 -4.73 -0.01
C VAL A 35 -4.32 -3.87 1.23
N CYS A 36 -4.44 -4.52 2.38
CA CYS A 36 -4.63 -3.81 3.64
C CYS A 36 -3.39 -2.99 3.99
N SER A 37 -2.26 -3.34 3.38
CA SER A 37 -1.01 -2.64 3.63
C SER A 37 -0.77 -1.57 2.56
N PHE A 38 -1.12 -1.90 1.32
CA PHE A 38 -0.94 -0.97 0.21
C PHE A 38 -1.55 0.39 0.53
N LEU A 39 -2.83 0.38 0.91
CA LEU A 39 -3.54 1.62 1.24
C LEU A 39 -2.81 2.38 2.34
N ARG A 40 -2.21 1.64 3.27
CA ARG A 40 -1.49 2.26 4.38
C ARG A 40 -0.26 3.01 3.87
N ARG A 41 0.22 2.63 2.69
CA ARG A 41 1.39 3.26 2.10
C ARG A 41 1.00 4.59 1.44
N GLY A 42 -0.26 4.70 1.04
CA GLY A 42 -0.74 5.91 0.41
C GLY A 42 -1.16 6.97 1.41
N GLY A 43 -1.49 6.53 2.62
CA GLY A 43 -1.91 7.46 3.65
C GLY A 43 -3.21 7.03 4.33
N PHE A 44 -3.93 6.12 3.68
CA PHE A 44 -5.19 5.63 4.22
C PHE A 44 -4.95 4.62 5.34
N GLU A 45 -5.42 4.95 6.54
CA GLU A 45 -5.25 4.07 7.69
C GLU A 45 -6.59 3.83 8.40
N GLU A 46 -7.67 3.97 7.65
CA GLU A 46 -9.01 3.78 8.19
C GLU A 46 -9.28 2.29 8.44
N PRO A 47 -9.90 1.98 9.59
CA PRO A 47 -10.21 0.60 9.98
C PRO A 47 -11.32 0.01 9.11
N VAL A 48 -12.37 0.80 8.88
CA VAL A 48 -13.49 0.34 8.07
C VAL A 48 -13.05 0.01 6.64
N LEU A 49 -12.16 0.84 6.10
CA LEU A 49 -11.66 0.64 4.75
C LEU A 49 -10.93 -0.70 4.64
N LEU A 50 -9.94 -0.90 5.51
CA LEU A 50 -9.17 -2.13 5.51
C LEU A 50 -10.03 -3.31 5.96
N LYS A 51 -11.09 -3.02 6.68
CA LYS A 51 -12.00 -4.06 7.16
C LYS A 51 -12.74 -4.72 6.00
N ASN A 52 -13.29 -3.90 5.11
CA ASN A 52 -14.02 -4.40 3.95
C ASN A 52 -13.13 -5.26 3.07
N ILE A 53 -11.83 -4.94 3.06
CA ILE A 53 -10.87 -5.68 2.25
C ILE A 53 -10.89 -7.16 2.60
N ARG A 54 -11.07 -7.47 3.89
CA ARG A 54 -11.12 -8.84 4.35
C ARG A 54 -12.54 -9.39 4.29
N GLU A 55 -13.51 -8.49 4.26
CA GLU A 55 -14.92 -8.88 4.21
C GLU A 55 -15.34 -9.22 2.78
N ASN A 56 -14.62 -8.65 1.81
CA ASN A 56 -14.92 -8.91 0.40
C ASN A 56 -13.74 -9.58 -0.30
N GLU A 57 -12.79 -10.06 0.50
CA GLU A 57 -11.61 -10.72 -0.04
C GLU A 57 -10.93 -9.87 -1.10
N ILE A 58 -11.07 -8.55 -0.96
CA ILE A 58 -10.47 -7.62 -1.91
C ILE A 58 -8.99 -7.93 -2.12
N THR A 59 -8.60 -8.07 -3.39
CA THR A 59 -7.21 -8.37 -3.72
C THR A 59 -6.65 -7.32 -4.69
N GLY A 60 -5.33 -7.36 -4.89
CA GLY A 60 -4.69 -6.42 -5.78
C GLY A 60 -5.31 -6.41 -7.17
N ALA A 61 -5.77 -7.58 -7.60
CA ALA A 61 -6.38 -7.71 -8.92
C ALA A 61 -7.74 -7.01 -8.96
N LEU A 62 -8.32 -6.77 -7.80
CA LEU A 62 -9.61 -6.10 -7.70
C LEU A 62 -9.43 -4.62 -7.38
N LEU A 63 -8.25 -4.26 -6.89
CA LEU A 63 -7.97 -2.87 -6.54
C LEU A 63 -8.34 -1.94 -7.68
N PRO A 64 -7.74 -2.15 -8.85
CA PRO A 64 -7.99 -1.34 -10.04
C PRO A 64 -9.39 -1.57 -10.60
N CYS A 65 -10.09 -2.56 -10.07
CA CYS A 65 -11.44 -2.88 -10.51
C CYS A 65 -12.48 -2.04 -9.77
N LEU A 66 -12.24 -1.82 -8.48
CA LEU A 66 -13.15 -1.04 -7.66
C LEU A 66 -13.22 0.41 -8.14
N ASP A 67 -14.42 0.97 -8.11
CA ASP A 67 -14.63 2.35 -8.55
C ASP A 67 -15.04 3.24 -7.38
N GLU A 68 -15.37 4.49 -7.68
CA GLU A 68 -15.78 5.43 -6.64
C GLU A 68 -16.89 4.85 -5.78
N SER A 69 -18.00 4.48 -6.42
CA SER A 69 -19.14 3.91 -5.71
C SER A 69 -18.70 2.75 -4.82
N ARG A 70 -17.84 1.90 -5.35
CA ARG A 70 -17.34 0.75 -4.61
C ARG A 70 -16.65 1.19 -3.32
N PHE A 71 -15.64 2.04 -3.47
CA PHE A 71 -14.88 2.53 -2.33
C PHE A 71 -15.82 3.15 -1.28
N GLU A 72 -16.82 3.88 -1.75
CA GLU A 72 -17.79 4.51 -0.86
C GLU A 72 -18.51 3.47 -0.02
N ASN A 73 -18.58 2.24 -0.53
CA ASN A 73 -19.24 1.15 0.17
C ASN A 73 -18.26 0.37 1.03
N LEU A 74 -16.98 0.47 0.70
CA LEU A 74 -15.93 -0.22 1.44
C LEU A 74 -15.55 0.56 2.69
N GLY A 75 -16.21 1.70 2.90
CA GLY A 75 -15.91 2.52 4.07
C GLY A 75 -15.38 3.89 3.69
N VAL A 76 -14.92 4.02 2.45
CA VAL A 76 -14.38 5.28 1.96
C VAL A 76 -15.50 6.23 1.53
N SER A 77 -16.42 6.51 2.45
CA SER A 77 -17.55 7.39 2.15
C SER A 77 -17.14 8.85 2.26
N SER A 78 -16.15 9.23 1.46
CA SER A 78 -15.65 10.61 1.46
C SER A 78 -15.28 11.05 0.05
N LEU A 79 -15.75 12.24 -0.33
CA LEU A 79 -15.48 12.78 -1.66
C LEU A 79 -13.97 12.97 -1.87
N GLY A 80 -13.27 13.35 -0.80
CA GLY A 80 -11.84 13.55 -0.89
C GLY A 80 -11.06 12.25 -0.83
N GLU A 81 -11.44 11.38 0.09
CA GLU A 81 -10.77 10.09 0.24
C GLU A 81 -10.78 9.32 -1.07
N ARG A 82 -11.98 9.07 -1.59
CA ARG A 82 -12.11 8.33 -2.85
C ARG A 82 -11.29 8.99 -3.96
N LYS A 83 -11.43 10.30 -4.10
CA LYS A 83 -10.70 11.05 -5.12
C LYS A 83 -9.21 10.74 -5.05
N LYS A 84 -8.73 10.44 -3.85
CA LYS A 84 -7.32 10.12 -3.66
C LYS A 84 -7.04 8.65 -3.91
N LEU A 85 -7.89 7.78 -3.34
CA LEU A 85 -7.73 6.34 -3.52
C LEU A 85 -7.77 5.97 -4.99
N LEU A 86 -8.78 6.47 -5.69
CA LEU A 86 -8.93 6.19 -7.11
C LEU A 86 -7.64 6.48 -7.88
N SER A 87 -7.01 7.61 -7.55
CA SER A 87 -5.77 7.99 -8.20
C SER A 87 -4.59 7.19 -7.65
N TYR A 88 -4.73 6.74 -6.41
CA TYR A 88 -3.67 5.95 -5.77
C TYR A 88 -3.49 4.61 -6.46
N ILE A 89 -4.54 3.81 -6.47
CA ILE A 89 -4.51 2.50 -7.11
C ILE A 89 -4.01 2.59 -8.55
N GLN A 90 -4.38 3.68 -9.22
CA GLN A 90 -3.97 3.90 -10.61
C GLN A 90 -2.45 3.94 -10.73
N ARG A 91 -1.79 4.35 -9.65
CA ARG A 91 -0.34 4.43 -9.64
C ARG A 91 0.29 3.05 -9.47
N LEU A 92 -0.56 2.06 -9.21
CA LEU A 92 -0.08 0.69 -9.01
C LEU A 92 -0.08 -0.07 -10.33
N VAL A 93 -1.26 -0.30 -10.88
CA VAL A 93 -1.39 -1.02 -12.15
C VAL A 93 -0.51 -0.39 -13.23
N GLN A 94 -0.46 0.94 -13.24
CA GLN A 94 0.34 1.67 -14.22
C GLN A 94 1.80 1.23 -14.15
N ILE A 95 2.21 0.71 -13.00
CA ILE A 95 3.58 0.26 -12.81
C ILE A 95 3.67 -1.26 -12.90
N HIS A 96 2.91 -1.94 -12.06
CA HIS A 96 2.91 -3.40 -12.04
C HIS A 96 2.38 -3.96 -13.36
N VAL A 97 3.02 -5.02 -13.85
CA VAL A 97 2.61 -5.64 -15.11
C VAL A 97 2.58 -4.62 -16.24
N ASP A 98 3.44 -3.62 -16.15
CA ASP A 98 3.50 -2.58 -17.18
C ASP A 98 4.73 -2.78 -18.08
N THR A 99 4.54 -2.50 -19.36
CA THR A 99 5.63 -2.65 -20.33
C THR A 99 6.89 -1.95 -19.86
N MET A 100 6.71 -0.86 -19.11
CA MET A 100 7.84 -0.09 -18.59
C MET A 100 8.13 -0.45 -17.14
N LYS A 101 9.34 -0.90 -16.86
CA LYS A 101 9.73 -1.27 -15.52
C LYS A 101 11.15 -0.81 -15.21
N VAL A 102 11.59 -1.02 -13.97
CA VAL A 102 12.93 -0.62 -13.55
C VAL A 102 13.37 -1.40 -12.32
N ILE A 103 14.67 -1.69 -12.26
CA ILE A 103 15.23 -2.43 -11.12
C ILE A 103 16.12 -1.54 -10.27
N GLY A 1 17.44 10.18 14.96
CA GLY A 1 18.35 9.08 14.80
C GLY A 1 19.80 9.51 14.78
N SER A 2 20.68 8.66 15.29
CA SER A 2 22.11 8.96 15.34
C SER A 2 22.87 8.15 14.30
N SER A 3 23.00 6.86 14.55
CA SER A 3 23.71 5.96 13.64
C SER A 3 22.89 5.69 12.39
N GLY A 4 23.22 6.39 11.31
CA GLY A 4 22.49 6.21 10.06
C GLY A 4 22.51 7.45 9.20
N SER A 5 23.48 7.53 8.29
CA SER A 5 23.60 8.68 7.40
C SER A 5 22.27 8.96 6.69
N SER A 6 21.51 7.91 6.44
CA SER A 6 20.22 8.04 5.77
C SER A 6 19.07 8.00 6.78
N GLY A 7 19.30 7.34 7.90
CA GLY A 7 18.28 7.24 8.92
C GLY A 7 17.31 6.11 8.67
N SER A 8 16.89 5.45 9.75
CA SER A 8 15.96 4.33 9.65
C SER A 8 14.53 4.79 9.88
N ASN A 9 13.57 3.93 9.54
CA ASN A 9 12.16 4.25 9.72
C ASN A 9 11.75 4.14 11.18
N THR A 10 12.42 3.25 11.92
CA THR A 10 12.13 3.06 13.33
C THR A 10 13.41 2.88 14.13
N PRO A 11 13.44 3.48 15.33
CA PRO A 11 14.60 3.40 16.22
C PRO A 11 14.79 2.00 16.80
N SER A 12 15.37 1.10 16.00
CA SER A 12 15.60 -0.27 16.44
C SER A 12 17.11 -0.57 16.50
N ALA A 13 17.45 -1.72 17.07
CA ALA A 13 18.84 -2.12 17.19
C ALA A 13 19.49 -2.26 15.83
N GLU A 14 20.79 -2.53 15.82
CA GLU A 14 21.54 -2.70 14.58
C GLU A 14 21.43 -4.13 14.06
N ALA A 15 20.42 -4.39 13.25
CA ALA A 15 20.21 -5.72 12.68
C ALA A 15 20.09 -5.66 11.17
N ASP A 16 20.44 -4.52 10.58
CA ASP A 16 20.37 -4.34 9.14
C ASP A 16 18.99 -4.73 8.62
N TRP A 17 17.95 -4.08 9.14
CA TRP A 17 16.59 -4.36 8.73
C TRP A 17 15.64 -3.26 9.21
N SER A 18 14.60 -2.99 8.43
CA SER A 18 13.62 -1.97 8.78
C SER A 18 12.21 -2.43 8.43
N PRO A 19 11.22 -1.89 9.16
CA PRO A 19 9.81 -2.23 8.96
C PRO A 19 9.27 -1.69 7.64
N GLY A 20 9.03 -2.59 6.68
CA GLY A 20 8.52 -2.19 5.39
C GLY A 20 9.62 -1.97 4.37
N LEU A 21 9.81 -2.95 3.49
CA LEU A 21 10.83 -2.86 2.45
C LEU A 21 10.20 -2.74 1.08
N GLU A 22 9.35 -3.70 0.73
CA GLU A 22 8.68 -3.69 -0.57
C GLU A 22 7.49 -4.66 -0.58
N LEU A 23 6.87 -4.81 -1.73
CA LEU A 23 5.72 -5.69 -1.87
C LEU A 23 5.92 -6.65 -3.04
N HIS A 24 5.02 -7.63 -3.17
CA HIS A 24 5.09 -8.60 -4.23
C HIS A 24 4.83 -7.95 -5.59
N PRO A 25 5.56 -8.41 -6.62
CA PRO A 25 5.43 -7.88 -7.99
C PRO A 25 4.11 -8.26 -8.63
N ASP A 26 3.56 -9.40 -8.22
CA ASP A 26 2.29 -9.87 -8.75
C ASP A 26 1.13 -9.45 -7.87
N TYR A 27 0.69 -8.20 -8.02
CA TYR A 27 -0.41 -7.66 -7.23
C TYR A 27 -1.65 -8.54 -7.38
N LYS A 28 -1.73 -9.28 -8.49
CA LYS A 28 -2.87 -10.14 -8.75
C LYS A 28 -3.03 -11.18 -7.64
N THR A 29 -1.97 -11.41 -6.88
CA THR A 29 -2.00 -12.36 -5.78
C THR A 29 -1.65 -11.69 -4.46
N TRP A 30 -2.11 -10.46 -4.29
CA TRP A 30 -1.86 -9.70 -3.07
C TRP A 30 -2.84 -10.10 -1.98
N GLY A 31 -4.04 -10.50 -2.38
CA GLY A 31 -5.06 -10.89 -1.41
C GLY A 31 -5.47 -9.75 -0.51
N PRO A 32 -6.36 -10.05 0.45
CA PRO A 32 -6.86 -9.05 1.40
C PRO A 32 -5.79 -8.60 2.40
N GLU A 33 -4.64 -9.27 2.35
CA GLU A 33 -3.54 -8.95 3.26
C GLU A 33 -2.73 -7.77 2.71
N GLN A 34 -2.03 -7.99 1.61
CA GLN A 34 -1.22 -6.95 0.99
C GLN A 34 -2.03 -5.69 0.77
N VAL A 35 -3.24 -5.86 0.26
CA VAL A 35 -4.13 -4.73 0.00
C VAL A 35 -4.31 -3.87 1.24
N CYS A 36 -4.42 -4.53 2.39
CA CYS A 36 -4.60 -3.82 3.66
C CYS A 36 -3.37 -3.00 4.00
N SER A 37 -2.24 -3.36 3.39
CA SER A 37 -0.99 -2.65 3.64
C SER A 37 -0.74 -1.59 2.58
N PHE A 38 -1.10 -1.91 1.34
CA PHE A 38 -0.92 -0.98 0.23
C PHE A 38 -1.52 0.39 0.56
N LEU A 39 -2.78 0.39 0.95
CA LEU A 39 -3.48 1.63 1.30
C LEU A 39 -2.73 2.39 2.39
N ARG A 40 -2.19 1.65 3.36
CA ARG A 40 -1.46 2.25 4.46
C ARG A 40 -0.26 3.05 3.94
N ARG A 41 0.24 2.67 2.77
CA ARG A 41 1.38 3.35 2.17
C ARG A 41 0.94 4.66 1.51
N GLY A 42 -0.32 4.71 1.07
CA GLY A 42 -0.84 5.90 0.43
C GLY A 42 -1.25 6.97 1.43
N GLY A 43 -1.54 6.54 2.66
CA GLY A 43 -1.95 7.48 3.69
C GLY A 43 -3.23 7.06 4.38
N PHE A 44 -3.96 6.13 3.76
CA PHE A 44 -5.20 5.64 4.33
C PHE A 44 -4.95 4.65 5.46
N GLU A 45 -5.45 4.96 6.65
CA GLU A 45 -5.27 4.10 7.81
C GLU A 45 -6.60 3.83 8.51
N GLU A 46 -7.69 3.95 7.76
CA GLU A 46 -9.02 3.73 8.30
C GLU A 46 -9.28 2.23 8.53
N PRO A 47 -9.89 1.91 9.68
CA PRO A 47 -10.21 0.54 10.04
C PRO A 47 -11.31 -0.06 9.17
N VAL A 48 -12.34 0.73 8.90
CA VAL A 48 -13.46 0.28 8.09
C VAL A 48 -13.01 -0.01 6.66
N LEU A 49 -12.17 0.86 6.11
CA LEU A 49 -11.66 0.69 4.75
C LEU A 49 -10.92 -0.64 4.62
N LEU A 50 -9.96 -0.87 5.52
CA LEU A 50 -9.18 -2.10 5.50
C LEU A 50 -10.03 -3.29 5.93
N LYS A 51 -11.09 -3.02 6.67
CA LYS A 51 -11.99 -4.07 7.14
C LYS A 51 -12.72 -4.73 5.98
N ASN A 52 -13.30 -3.90 5.11
CA ASN A 52 -14.04 -4.40 3.95
C ASN A 52 -13.14 -5.26 3.07
N ILE A 53 -11.85 -4.94 3.07
CA ILE A 53 -10.89 -5.69 2.26
C ILE A 53 -10.91 -7.18 2.61
N ARG A 54 -11.10 -7.48 3.89
CA ARG A 54 -11.16 -8.86 4.35
C ARG A 54 -12.58 -9.40 4.28
N GLU A 55 -13.55 -8.50 4.25
CA GLU A 55 -14.95 -8.89 4.18
C GLU A 55 -15.36 -9.21 2.75
N ASN A 56 -14.63 -8.65 1.79
CA ASN A 56 -14.92 -8.87 0.38
C ASN A 56 -13.73 -9.54 -0.31
N GLU A 57 -12.78 -10.03 0.48
CA GLU A 57 -11.61 -10.69 -0.05
C GLU A 57 -10.93 -9.82 -1.11
N ILE A 58 -11.05 -8.51 -0.97
CA ILE A 58 -10.46 -7.57 -1.91
C ILE A 58 -8.98 -7.88 -2.13
N THR A 59 -8.60 -8.07 -3.39
CA THR A 59 -7.22 -8.37 -3.73
C THR A 59 -6.65 -7.32 -4.69
N GLY A 60 -5.34 -7.37 -4.89
CA GLY A 60 -4.70 -6.42 -5.79
C GLY A 60 -5.30 -6.42 -7.17
N ALA A 61 -5.75 -7.59 -7.61
CA ALA A 61 -6.38 -7.73 -8.93
C ALA A 61 -7.73 -7.04 -8.97
N LEU A 62 -8.30 -6.79 -7.80
CA LEU A 62 -9.60 -6.14 -7.71
C LEU A 62 -9.45 -4.66 -7.40
N LEU A 63 -8.27 -4.28 -6.90
CA LEU A 63 -7.99 -2.90 -6.56
C LEU A 63 -8.37 -1.96 -7.70
N PRO A 64 -7.76 -2.18 -8.87
CA PRO A 64 -8.03 -1.38 -10.06
C PRO A 64 -9.42 -1.62 -10.64
N CYS A 65 -10.11 -2.60 -10.09
CA CYS A 65 -11.46 -2.93 -10.53
C CYS A 65 -12.50 -2.11 -9.79
N LEU A 66 -12.26 -1.87 -8.51
CA LEU A 66 -13.17 -1.08 -7.69
C LEU A 66 -13.26 0.35 -8.19
N ASP A 67 -14.46 0.92 -8.14
CA ASP A 67 -14.68 2.29 -8.58
C ASP A 67 -15.08 3.19 -7.40
N GLU A 68 -15.39 4.44 -7.71
CA GLU A 68 -15.79 5.40 -6.67
C GLU A 68 -16.92 4.84 -5.83
N SER A 69 -18.00 4.42 -6.48
CA SER A 69 -19.15 3.87 -5.78
C SER A 69 -18.73 2.72 -4.87
N ARG A 70 -17.83 1.88 -5.36
CA ARG A 70 -17.35 0.73 -4.60
C ARG A 70 -16.64 1.19 -3.33
N PHE A 71 -15.64 2.05 -3.49
CA PHE A 71 -14.88 2.56 -2.35
C PHE A 71 -15.81 3.17 -1.31
N GLU A 72 -16.82 3.90 -1.77
CA GLU A 72 -17.78 4.52 -0.87
C GLU A 72 -18.51 3.48 -0.03
N ASN A 73 -18.56 2.26 -0.53
CA ASN A 73 -19.22 1.16 0.17
C ASN A 73 -18.24 0.40 1.04
N LEU A 74 -16.95 0.50 0.71
CA LEU A 74 -15.91 -0.18 1.47
C LEU A 74 -15.53 0.60 2.72
N GLY A 75 -16.20 1.74 2.92
CA GLY A 75 -15.93 2.57 4.08
C GLY A 75 -15.41 3.94 3.70
N VAL A 76 -14.91 4.06 2.47
CA VAL A 76 -14.37 5.33 1.99
C VAL A 76 -15.48 6.27 1.54
N SER A 77 -16.41 6.56 2.45
CA SER A 77 -17.52 7.44 2.16
C SER A 77 -17.11 8.91 2.27
N SER A 78 -16.12 9.29 1.46
CA SER A 78 -15.63 10.66 1.46
C SER A 78 -15.25 11.10 0.05
N LEU A 79 -15.72 12.29 -0.33
CA LEU A 79 -15.43 12.83 -1.66
C LEU A 79 -13.93 13.02 -1.86
N GLY A 80 -13.25 13.39 -0.79
CA GLY A 80 -11.81 13.60 -0.87
C GLY A 80 -11.03 12.30 -0.84
N GLU A 81 -11.41 11.42 0.09
CA GLU A 81 -10.74 10.13 0.23
C GLU A 81 -10.75 9.37 -1.10
N ARG A 82 -11.95 9.07 -1.59
CA ARG A 82 -12.10 8.35 -2.85
C ARG A 82 -11.28 9.00 -3.96
N LYS A 83 -11.41 10.31 -4.09
CA LYS A 83 -10.69 11.05 -5.11
C LYS A 83 -9.20 10.75 -5.05
N LYS A 84 -8.71 10.44 -3.85
CA LYS A 84 -7.30 10.12 -3.65
C LYS A 84 -7.03 8.64 -3.91
N LEU A 85 -7.87 7.78 -3.34
CA LEU A 85 -7.73 6.34 -3.52
C LEU A 85 -7.79 5.97 -4.99
N LEU A 86 -8.80 6.46 -5.69
CA LEU A 86 -8.97 6.17 -7.11
C LEU A 86 -7.68 6.46 -7.88
N SER A 87 -7.04 7.58 -7.55
CA SER A 87 -5.80 7.97 -8.21
C SER A 87 -4.62 7.17 -7.67
N TYR A 88 -4.74 6.72 -6.42
CA TYR A 88 -3.69 5.95 -5.79
C TYR A 88 -3.50 4.60 -6.48
N ILE A 89 -4.57 3.79 -6.48
CA ILE A 89 -4.53 2.48 -7.12
C ILE A 89 -4.04 2.58 -8.55
N GLN A 90 -4.41 3.66 -9.22
CA GLN A 90 -4.00 3.88 -10.61
C GLN A 90 -2.48 3.91 -10.74
N ARG A 91 -1.82 4.34 -9.67
CA ARG A 91 -0.36 4.42 -9.67
C ARG A 91 0.27 3.04 -9.50
N LEU A 92 -0.58 2.05 -9.23
CA LEU A 92 -0.12 0.67 -9.04
C LEU A 92 -0.10 -0.09 -10.36
N VAL A 93 -1.29 -0.32 -10.92
CA VAL A 93 -1.42 -1.02 -12.18
C VAL A 93 -0.54 -0.40 -13.26
N GLN A 94 -0.49 0.93 -13.27
CA GLN A 94 0.30 1.67 -14.24
C GLN A 94 1.77 1.24 -14.18
N ILE A 95 2.18 0.70 -13.03
CA ILE A 95 3.55 0.26 -12.84
C ILE A 95 3.65 -1.26 -12.94
N HIS A 96 2.89 -1.95 -12.10
CA HIS A 96 2.89 -3.41 -12.09
C HIS A 96 2.37 -3.96 -13.40
N VAL A 97 2.98 -5.04 -13.88
CA VAL A 97 2.57 -5.66 -15.14
C VAL A 97 2.56 -4.65 -16.27
N ASP A 98 3.43 -3.65 -16.19
CA ASP A 98 3.51 -2.62 -17.21
C ASP A 98 4.72 -2.84 -18.12
N THR A 99 4.54 -2.56 -19.41
CA THR A 99 5.61 -2.74 -20.37
C THR A 99 6.90 -2.04 -19.91
N MET A 100 6.73 -0.95 -19.17
CA MET A 100 7.88 -0.20 -18.65
C MET A 100 8.13 -0.54 -17.19
N LYS A 101 9.38 -0.87 -16.87
CA LYS A 101 9.76 -1.22 -15.51
C LYS A 101 10.25 0.01 -14.76
N VAL A 102 9.97 0.07 -13.46
CA VAL A 102 10.38 1.18 -12.62
C VAL A 102 11.29 0.72 -11.49
N ILE A 103 12.51 1.24 -11.45
CA ILE A 103 13.47 0.88 -10.42
C ILE A 103 13.93 2.11 -9.65
N GLY A 1 16.18 -15.85 51.31
CA GLY A 1 16.76 -15.80 49.99
C GLY A 1 17.14 -14.39 49.57
N SER A 2 17.64 -14.25 48.35
CA SER A 2 18.05 -12.95 47.83
C SER A 2 16.92 -12.30 47.04
N SER A 3 16.77 -10.99 47.21
CA SER A 3 15.71 -10.24 46.52
C SER A 3 16.20 -8.85 46.14
N GLY A 4 16.10 -8.53 44.85
CA GLY A 4 16.53 -7.23 44.38
C GLY A 4 17.83 -7.29 43.60
N SER A 5 17.74 -7.19 42.28
CA SER A 5 18.91 -7.25 41.43
C SER A 5 18.89 -6.12 40.40
N SER A 6 19.98 -5.97 39.67
CA SER A 6 20.09 -4.94 38.64
C SER A 6 20.18 -5.55 37.26
N GLY A 7 20.32 -4.70 36.24
CA GLY A 7 20.42 -5.17 34.87
C GLY A 7 21.19 -4.22 33.99
N SER A 8 21.72 -4.75 32.88
CA SER A 8 22.49 -3.94 31.94
C SER A 8 22.06 -4.21 30.51
N ASN A 9 22.14 -3.18 29.67
CA ASN A 9 21.76 -3.30 28.27
C ASN A 9 22.84 -2.74 27.35
N THR A 10 23.44 -3.62 26.55
CA THR A 10 24.50 -3.21 25.64
C THR A 10 24.36 -3.93 24.30
N PRO A 11 24.62 -3.18 23.20
CA PRO A 11 24.53 -3.73 21.84
C PRO A 11 25.65 -4.73 21.55
N SER A 12 25.33 -6.02 21.68
CA SER A 12 26.30 -7.08 21.43
C SER A 12 26.59 -7.20 19.94
N ALA A 13 25.54 -7.16 19.12
CA ALA A 13 25.67 -7.27 17.68
C ALA A 13 25.03 -6.08 16.98
N GLU A 14 25.07 -6.09 15.65
CA GLU A 14 24.48 -5.02 14.85
C GLU A 14 23.62 -5.57 13.73
N ALA A 15 22.42 -5.02 13.59
CA ALA A 15 21.50 -5.46 12.55
C ALA A 15 21.02 -4.28 11.71
N ASP A 16 20.28 -4.58 10.64
CA ASP A 16 19.76 -3.55 9.75
C ASP A 16 18.42 -3.97 9.16
N TRP A 17 17.34 -3.41 9.68
CA TRP A 17 16.00 -3.72 9.21
C TRP A 17 15.01 -2.62 9.57
N SER A 18 14.02 -2.40 8.71
CA SER A 18 13.01 -1.37 8.95
C SER A 18 11.62 -1.87 8.55
N PRO A 19 10.60 -1.31 9.19
CA PRO A 19 9.20 -1.67 8.93
C PRO A 19 8.73 -1.21 7.55
N GLY A 20 8.56 -2.17 6.64
CA GLY A 20 8.11 -1.84 5.29
C GLY A 20 9.28 -1.67 4.33
N LEU A 21 9.52 -2.68 3.51
CA LEU A 21 10.60 -2.64 2.54
C LEU A 21 10.05 -2.60 1.12
N GLU A 22 9.21 -3.57 0.78
CA GLU A 22 8.62 -3.64 -0.55
C GLU A 22 7.42 -4.59 -0.56
N LEU A 23 6.87 -4.83 -1.75
CA LEU A 23 5.73 -5.72 -1.90
C LEU A 23 5.93 -6.67 -3.07
N HIS A 24 5.02 -7.64 -3.20
CA HIS A 24 5.09 -8.61 -4.28
C HIS A 24 4.84 -7.94 -5.63
N PRO A 25 5.56 -8.40 -6.66
CA PRO A 25 5.43 -7.86 -8.02
C PRO A 25 4.10 -8.24 -8.67
N ASP A 26 3.55 -9.38 -8.26
CA ASP A 26 2.28 -9.85 -8.79
C ASP A 26 1.12 -9.43 -7.89
N TYR A 27 0.68 -8.19 -8.03
CA TYR A 27 -0.42 -7.66 -7.23
C TYR A 27 -1.66 -8.53 -7.38
N LYS A 28 -1.73 -9.26 -8.49
CA LYS A 28 -2.87 -10.13 -8.76
C LYS A 28 -3.04 -11.17 -7.64
N THR A 29 -1.97 -11.39 -6.89
CA THR A 29 -2.00 -12.35 -5.79
C THR A 29 -1.67 -11.68 -4.46
N TRP A 30 -2.12 -10.44 -4.30
CA TRP A 30 -1.86 -9.69 -3.08
C TRP A 30 -2.84 -10.08 -1.97
N GLY A 31 -4.05 -10.47 -2.38
CA GLY A 31 -5.06 -10.87 -1.42
C GLY A 31 -5.47 -9.73 -0.51
N PRO A 32 -6.36 -10.03 0.45
CA PRO A 32 -6.86 -9.03 1.40
C PRO A 32 -5.79 -8.58 2.39
N GLU A 33 -4.64 -9.26 2.35
CA GLU A 33 -3.53 -8.93 3.25
C GLU A 33 -2.72 -7.75 2.71
N GLN A 34 -2.02 -7.98 1.60
CA GLN A 34 -1.20 -6.94 0.98
C GLN A 34 -2.02 -5.67 0.76
N VAL A 35 -3.24 -5.84 0.26
CA VAL A 35 -4.12 -4.72 0.00
C VAL A 35 -4.30 -3.85 1.24
N CYS A 36 -4.41 -4.51 2.40
CA CYS A 36 -4.58 -3.80 3.66
C CYS A 36 -3.34 -2.98 4.01
N SER A 37 -2.23 -3.33 3.37
CA SER A 37 -0.96 -2.63 3.62
C SER A 37 -0.73 -1.56 2.56
N PHE A 38 -1.04 -1.89 1.31
CA PHE A 38 -0.86 -0.96 0.21
C PHE A 38 -1.51 0.39 0.52
N LEU A 39 -2.78 0.35 0.90
CA LEU A 39 -3.52 1.57 1.23
C LEU A 39 -2.80 2.36 2.32
N ARG A 40 -2.23 1.64 3.28
CA ARG A 40 -1.51 2.28 4.39
C ARG A 40 -0.33 3.07 3.87
N ARG A 41 0.20 2.66 2.72
CA ARG A 41 1.34 3.35 2.12
C ARG A 41 0.92 4.64 1.44
N GLY A 42 -0.35 4.70 1.04
CA GLY A 42 -0.85 5.89 0.38
C GLY A 42 -1.28 6.97 1.37
N GLY A 43 -1.58 6.56 2.60
CA GLY A 43 -1.99 7.51 3.61
C GLY A 43 -3.27 7.11 4.30
N PHE A 44 -3.99 6.16 3.70
CA PHE A 44 -5.25 5.69 4.25
C PHE A 44 -5.01 4.70 5.39
N GLU A 45 -5.51 5.02 6.57
CA GLU A 45 -5.35 4.15 7.74
C GLU A 45 -6.68 3.90 8.42
N GLU A 46 -7.77 4.03 7.65
CA GLU A 46 -9.10 3.81 8.19
C GLU A 46 -9.37 2.33 8.44
N PRO A 47 -9.98 2.03 9.59
CA PRO A 47 -10.31 0.65 9.97
C PRO A 47 -11.40 0.04 9.10
N VAL A 48 -12.46 0.81 8.87
CA VAL A 48 -13.58 0.35 8.05
C VAL A 48 -13.13 0.05 6.64
N LEU A 49 -12.18 0.85 6.14
CA LEU A 49 -11.66 0.66 4.79
C LEU A 49 -10.92 -0.67 4.66
N LEU A 50 -9.97 -0.90 5.56
CA LEU A 50 -9.20 -2.14 5.54
C LEU A 50 -10.06 -3.32 5.98
N LYS A 51 -11.13 -3.04 6.70
CA LYS A 51 -12.04 -4.08 7.18
C LYS A 51 -12.76 -4.73 6.00
N ASN A 52 -13.31 -3.92 5.12
CA ASN A 52 -14.04 -4.41 3.96
C ASN A 52 -13.13 -5.28 3.09
N ILE A 53 -11.84 -4.94 3.06
CA ILE A 53 -10.87 -5.68 2.26
C ILE A 53 -10.89 -7.16 2.61
N ARG A 54 -11.11 -7.47 3.89
CA ARG A 54 -11.15 -8.84 4.35
C ARG A 54 -12.57 -9.39 4.28
N GLU A 55 -13.55 -8.49 4.27
CA GLU A 55 -14.95 -8.88 4.21
C GLU A 55 -15.36 -9.23 2.77
N ASN A 56 -14.63 -8.68 1.81
CA ASN A 56 -14.92 -8.91 0.41
C ASN A 56 -13.73 -9.58 -0.28
N GLU A 57 -12.79 -10.05 0.51
CA GLU A 57 -11.60 -10.71 -0.02
C GLU A 57 -10.93 -9.86 -1.09
N ILE A 58 -11.06 -8.55 -0.95
CA ILE A 58 -10.47 -7.62 -1.91
C ILE A 58 -8.99 -7.91 -2.13
N THR A 59 -8.61 -8.10 -3.39
CA THR A 59 -7.23 -8.39 -3.74
C THR A 59 -6.66 -7.34 -4.69
N GLY A 60 -5.35 -7.39 -4.90
CA GLY A 60 -4.71 -6.43 -5.79
C GLY A 60 -5.32 -6.43 -7.16
N ALA A 61 -5.77 -7.60 -7.62
CA ALA A 61 -6.38 -7.73 -8.93
C ALA A 61 -7.74 -7.04 -8.98
N LEU A 62 -8.32 -6.79 -7.80
CA LEU A 62 -9.62 -6.13 -7.71
C LEU A 62 -9.46 -4.65 -7.39
N LEU A 63 -8.28 -4.28 -6.90
CA LEU A 63 -8.00 -2.89 -6.55
C LEU A 63 -8.38 -1.97 -7.69
N PRO A 64 -7.77 -2.18 -8.87
CA PRO A 64 -8.03 -1.38 -10.07
C PRO A 64 -9.43 -1.62 -10.63
N CYS A 65 -10.13 -2.60 -10.08
CA CYS A 65 -11.48 -2.93 -10.53
C CYS A 65 -12.51 -2.11 -9.79
N LEU A 66 -12.26 -1.86 -8.51
CA LEU A 66 -13.17 -1.08 -7.68
C LEU A 66 -13.27 0.36 -8.18
N ASP A 67 -14.46 0.92 -8.14
CA ASP A 67 -14.69 2.29 -8.58
C ASP A 67 -15.08 3.19 -7.41
N GLU A 68 -15.39 4.45 -7.71
CA GLU A 68 -15.78 5.40 -6.68
C GLU A 68 -16.90 4.84 -5.81
N SER A 69 -17.99 4.43 -6.45
CA SER A 69 -19.14 3.88 -5.73
C SER A 69 -18.71 2.72 -4.84
N ARG A 70 -17.82 1.89 -5.35
CA ARG A 70 -17.32 0.74 -4.60
C ARG A 70 -16.62 1.18 -3.32
N PHE A 71 -15.61 2.03 -3.48
CA PHE A 71 -14.85 2.54 -2.34
C PHE A 71 -15.78 3.13 -1.29
N GLU A 72 -16.79 3.86 -1.75
CA GLU A 72 -17.75 4.50 -0.85
C GLU A 72 -18.47 3.45 0.00
N ASN A 73 -18.55 2.23 -0.52
CA ASN A 73 -19.21 1.13 0.18
C ASN A 73 -18.22 0.37 1.05
N LEU A 74 -16.94 0.46 0.69
CA LEU A 74 -15.89 -0.23 1.44
C LEU A 74 -15.51 0.55 2.70
N GLY A 75 -16.17 1.69 2.90
CA GLY A 75 -15.89 2.51 4.08
C GLY A 75 -15.35 3.88 3.70
N VAL A 76 -14.87 4.02 2.47
CA VAL A 76 -14.33 5.28 1.99
C VAL A 76 -15.45 6.22 1.56
N SER A 77 -16.37 6.52 2.47
CA SER A 77 -17.50 7.40 2.18
C SER A 77 -17.07 8.86 2.29
N SER A 78 -16.08 9.25 1.48
CA SER A 78 -15.59 10.62 1.49
C SER A 78 -15.22 11.08 0.09
N LEU A 79 -15.71 12.25 -0.30
CA LEU A 79 -15.43 12.80 -1.62
C LEU A 79 -13.94 12.99 -1.83
N GLY A 80 -13.23 13.36 -0.76
CA GLY A 80 -11.79 13.57 -0.85
C GLY A 80 -11.02 12.27 -0.81
N GLU A 81 -11.40 11.39 0.11
CA GLU A 81 -10.73 10.10 0.25
C GLU A 81 -10.73 9.34 -1.07
N ARG A 82 -11.94 9.06 -1.58
CA ARG A 82 -12.08 8.33 -2.83
C ARG A 82 -11.26 8.98 -3.93
N LYS A 83 -11.40 10.29 -4.07
CA LYS A 83 -10.66 11.05 -5.10
C LYS A 83 -9.17 10.74 -5.02
N LYS A 84 -8.69 10.42 -3.82
CA LYS A 84 -7.28 10.10 -3.62
C LYS A 84 -7.01 8.62 -3.89
N LEU A 85 -7.86 7.77 -3.33
CA LEU A 85 -7.71 6.32 -3.51
C LEU A 85 -7.77 5.95 -4.99
N LEU A 86 -8.78 6.46 -5.69
CA LEU A 86 -8.94 6.18 -7.11
C LEU A 86 -7.65 6.47 -7.87
N SER A 87 -7.01 7.59 -7.54
CA SER A 87 -5.77 7.98 -8.20
C SER A 87 -4.59 7.18 -7.66
N TYR A 88 -4.72 6.72 -6.42
CA TYR A 88 -3.67 5.95 -5.78
C TYR A 88 -3.49 4.60 -6.47
N ILE A 89 -4.55 3.79 -6.46
CA ILE A 89 -4.50 2.48 -7.09
C ILE A 89 -4.02 2.57 -8.54
N GLN A 90 -4.40 3.67 -9.21
CA GLN A 90 -4.00 3.88 -10.60
C GLN A 90 -2.48 3.90 -10.73
N ARG A 91 -1.81 4.34 -9.66
CA ARG A 91 -0.35 4.42 -9.66
C ARG A 91 0.27 3.03 -9.50
N LEU A 92 -0.57 2.04 -9.22
CA LEU A 92 -0.10 0.67 -9.04
C LEU A 92 -0.10 -0.09 -10.36
N VAL A 93 -1.29 -0.32 -10.92
CA VAL A 93 -1.42 -1.04 -12.18
C VAL A 93 -0.55 -0.39 -13.26
N GLN A 94 -0.50 0.93 -13.26
CA GLN A 94 0.29 1.66 -14.25
C GLN A 94 1.76 1.24 -14.19
N ILE A 95 2.17 0.71 -13.04
CA ILE A 95 3.55 0.26 -12.86
C ILE A 95 3.65 -1.25 -12.95
N HIS A 96 2.90 -1.95 -12.09
CA HIS A 96 2.90 -3.40 -12.07
C HIS A 96 2.38 -3.97 -13.38
N VAL A 97 3.00 -5.04 -13.87
CA VAL A 97 2.59 -5.67 -15.11
C VAL A 97 2.68 -4.69 -16.28
N ASP A 98 3.62 -3.76 -16.19
CA ASP A 98 3.81 -2.76 -17.23
C ASP A 98 5.04 -3.09 -18.08
N THR A 99 4.93 -2.83 -19.38
CA THR A 99 6.04 -3.09 -20.29
C THR A 99 7.34 -2.47 -19.79
N MET A 100 7.22 -1.34 -19.10
CA MET A 100 8.38 -0.65 -18.57
C MET A 100 8.88 -1.34 -17.30
N LYS A 101 9.93 -0.78 -16.70
CA LYS A 101 10.51 -1.33 -15.49
C LYS A 101 9.46 -1.53 -14.42
N VAL A 102 9.63 -2.56 -13.59
CA VAL A 102 8.69 -2.85 -12.52
C VAL A 102 9.37 -2.83 -11.16
N ILE A 103 9.01 -1.86 -10.33
CA ILE A 103 9.60 -1.74 -8.99
C ILE A 103 9.04 -2.80 -8.05
N GLY A 1 50.07 3.98 26.02
CA GLY A 1 51.08 2.95 26.04
C GLY A 1 50.50 1.58 26.35
N SER A 2 50.46 0.72 25.34
CA SER A 2 49.92 -0.63 25.51
C SER A 2 50.93 -1.68 25.05
N SER A 3 50.57 -2.95 25.21
CA SER A 3 51.44 -4.05 24.81
C SER A 3 50.73 -4.97 23.84
N GLY A 4 50.98 -4.77 22.55
CA GLY A 4 50.36 -5.60 21.54
C GLY A 4 49.29 -4.86 20.75
N SER A 5 48.08 -5.41 20.75
CA SER A 5 46.97 -4.80 20.03
C SER A 5 45.78 -4.58 20.97
N SER A 6 44.92 -3.62 20.61
CA SER A 6 43.75 -3.30 21.40
C SER A 6 42.71 -2.55 20.58
N GLY A 7 41.64 -3.25 20.21
CA GLY A 7 40.59 -2.64 19.41
C GLY A 7 39.69 -3.66 18.76
N SER A 8 38.39 -3.59 19.10
CA SER A 8 37.42 -4.52 18.54
C SER A 8 36.85 -3.99 17.22
N ASN A 9 37.67 -4.00 16.19
CA ASN A 9 37.25 -3.53 14.88
C ASN A 9 36.36 -4.55 14.18
N THR A 10 35.08 -4.55 14.54
CA THR A 10 34.12 -5.47 13.96
C THR A 10 32.71 -5.17 14.45
N PRO A 11 31.73 -5.29 13.54
CA PRO A 11 30.32 -5.04 13.85
C PRO A 11 29.73 -6.12 14.76
N SER A 12 28.52 -5.88 15.25
CA SER A 12 27.85 -6.82 16.12
C SER A 12 26.44 -7.14 15.62
N ALA A 13 25.56 -6.16 15.70
CA ALA A 13 24.19 -6.33 15.24
C ALA A 13 23.84 -5.33 14.15
N GLU A 14 22.81 -5.64 13.36
CA GLU A 14 22.38 -4.76 12.29
C GLU A 14 21.12 -3.99 12.66
N ALA A 15 21.17 -2.68 12.52
CA ALA A 15 20.03 -1.83 12.85
C ALA A 15 19.45 -1.17 11.60
N ASP A 16 19.47 -1.90 10.49
CA ASP A 16 18.95 -1.39 9.24
C ASP A 16 17.86 -2.31 8.68
N TRP A 17 16.74 -2.38 9.38
CA TRP A 17 15.62 -3.22 8.96
C TRP A 17 14.28 -2.54 9.27
N SER A 18 13.29 -2.80 8.43
CA SER A 18 11.97 -2.22 8.61
C SER A 18 10.88 -3.23 8.29
N PRO A 19 9.71 -3.05 8.90
CA PRO A 19 8.56 -3.95 8.70
C PRO A 19 7.96 -3.82 7.31
N GLY A 20 8.42 -2.83 6.56
CA GLY A 20 7.93 -2.61 5.21
C GLY A 20 8.99 -2.08 4.27
N LEU A 21 9.55 -2.98 3.46
CA LEU A 21 10.59 -2.59 2.51
C LEU A 21 10.05 -2.57 1.09
N GLU A 22 9.23 -3.56 0.76
CA GLU A 22 8.63 -3.67 -0.57
C GLU A 22 7.46 -4.64 -0.57
N LEU A 23 6.84 -4.80 -1.74
CA LEU A 23 5.70 -5.70 -1.88
C LEU A 23 5.90 -6.65 -3.05
N HIS A 24 4.99 -7.62 -3.17
CA HIS A 24 5.08 -8.61 -4.24
C HIS A 24 4.82 -7.95 -5.60
N PRO A 25 5.56 -8.41 -6.62
CA PRO A 25 5.43 -7.88 -7.99
C PRO A 25 4.11 -8.26 -8.64
N ASP A 26 3.55 -9.39 -8.22
CA ASP A 26 2.28 -9.87 -8.77
C ASP A 26 1.12 -9.44 -7.88
N TYR A 27 0.69 -8.20 -8.01
CA TYR A 27 -0.41 -7.67 -7.22
C TYR A 27 -1.66 -8.53 -7.37
N LYS A 28 -1.73 -9.27 -8.48
CA LYS A 28 -2.87 -10.14 -8.75
C LYS A 28 -3.03 -11.17 -7.64
N THR A 29 -1.96 -11.40 -6.89
CA THR A 29 -1.99 -12.36 -5.79
C THR A 29 -1.65 -11.69 -4.46
N TRP A 30 -2.11 -10.46 -4.29
CA TRP A 30 -1.85 -9.71 -3.06
C TRP A 30 -2.84 -10.11 -1.98
N GLY A 31 -4.04 -10.50 -2.37
CA GLY A 31 -5.06 -10.90 -1.42
C GLY A 31 -5.48 -9.77 -0.51
N PRO A 32 -6.37 -10.07 0.45
CA PRO A 32 -6.87 -9.06 1.40
C PRO A 32 -5.80 -8.63 2.40
N GLU A 33 -4.65 -9.29 2.35
CA GLU A 33 -3.55 -8.96 3.26
C GLU A 33 -2.74 -7.78 2.71
N GLN A 34 -2.04 -8.01 1.61
CA GLN A 34 -1.22 -6.97 0.99
C GLN A 34 -2.04 -5.71 0.77
N VAL A 35 -3.25 -5.88 0.26
CA VAL A 35 -4.14 -4.75 -0.01
C VAL A 35 -4.33 -3.89 1.23
N CYS A 36 -4.45 -4.55 2.39
CA CYS A 36 -4.64 -3.84 3.65
C CYS A 36 -3.40 -3.02 4.00
N SER A 37 -2.27 -3.36 3.39
CA SER A 37 -1.02 -2.66 3.64
C SER A 37 -0.77 -1.59 2.58
N PHE A 38 -1.13 -1.91 1.34
CA PHE A 38 -0.94 -0.99 0.23
C PHE A 38 -1.55 0.38 0.56
N LEU A 39 -2.81 0.38 0.94
CA LEU A 39 -3.51 1.62 1.28
C LEU A 39 -2.77 2.37 2.37
N ARG A 40 -2.19 1.63 3.32
CA ARG A 40 -1.45 2.24 4.42
C ARG A 40 -0.23 3.00 3.90
N ARG A 41 0.25 2.60 2.72
CA ARG A 41 1.41 3.25 2.12
C ARG A 41 1.02 4.57 1.46
N GLY A 42 -0.25 4.69 1.09
CA GLY A 42 -0.73 5.90 0.45
C GLY A 42 -1.14 6.95 1.47
N GLY A 43 -1.48 6.51 2.67
CA GLY A 43 -1.90 7.44 3.71
C GLY A 43 -3.19 7.00 4.39
N PHE A 44 -3.92 6.11 3.74
CA PHE A 44 -5.18 5.61 4.29
C PHE A 44 -4.92 4.60 5.41
N GLU A 45 -5.42 4.92 6.60
CA GLU A 45 -5.25 4.04 7.75
C GLU A 45 -6.58 3.79 8.46
N GLU A 46 -7.67 3.94 7.70
CA GLU A 46 -9.00 3.73 8.26
C GLU A 46 -9.28 2.25 8.50
N PRO A 47 -9.89 1.93 9.64
CA PRO A 47 -10.22 0.56 10.02
C PRO A 47 -11.32 -0.03 9.16
N VAL A 48 -12.35 0.78 8.90
CA VAL A 48 -13.49 0.34 8.09
C VAL A 48 -13.05 0.02 6.67
N LEU A 49 -12.15 0.84 6.12
CA LEU A 49 -11.65 0.65 4.77
C LEU A 49 -10.93 -0.69 4.65
N LEU A 50 -9.94 -0.90 5.52
CA LEU A 50 -9.17 -2.14 5.51
C LEU A 50 -10.03 -3.32 5.95
N LYS A 51 -11.09 -3.03 6.69
CA LYS A 51 -11.99 -4.07 7.18
C LYS A 51 -12.74 -4.72 6.02
N ASN A 52 -13.28 -3.90 5.12
CA ASN A 52 -14.02 -4.40 3.96
C ASN A 52 -13.12 -5.26 3.08
N ILE A 53 -11.83 -4.94 3.07
CA ILE A 53 -10.86 -5.68 2.26
C ILE A 53 -10.90 -7.18 2.60
N ARG A 54 -11.07 -7.48 3.88
CA ARG A 54 -11.13 -8.86 4.34
C ARG A 54 -12.55 -9.39 4.28
N GLU A 55 -13.52 -8.48 4.26
CA GLU A 55 -14.93 -8.86 4.21
C GLU A 55 -15.36 -9.19 2.78
N ASN A 56 -14.62 -8.65 1.81
CA ASN A 56 -14.92 -8.89 0.41
C ASN A 56 -13.75 -9.57 -0.30
N GLU A 57 -12.80 -10.05 0.49
CA GLU A 57 -11.62 -10.72 -0.04
C GLU A 57 -10.94 -9.86 -1.11
N ILE A 58 -11.07 -8.54 -0.97
CA ILE A 58 -10.46 -7.61 -1.91
C ILE A 58 -8.99 -7.91 -2.13
N THR A 59 -8.61 -8.07 -3.40
CA THR A 59 -7.22 -8.37 -3.73
C THR A 59 -6.65 -7.33 -4.70
N GLY A 60 -5.34 -7.37 -4.89
CA GLY A 60 -4.70 -6.42 -5.79
C GLY A 60 -5.31 -6.43 -7.18
N ALA A 61 -5.78 -7.59 -7.61
CA ALA A 61 -6.38 -7.72 -8.93
C ALA A 61 -7.74 -7.02 -8.98
N LEU A 62 -8.32 -6.78 -7.80
CA LEU A 62 -9.62 -6.12 -7.71
C LEU A 62 -9.45 -4.64 -7.39
N LEU A 63 -8.26 -4.28 -6.89
CA LEU A 63 -7.98 -2.89 -6.54
C LEU A 63 -8.35 -1.94 -7.68
N PRO A 64 -7.74 -2.17 -8.86
CA PRO A 64 -8.01 -1.35 -10.05
C PRO A 64 -9.40 -1.58 -10.61
N CYS A 65 -10.10 -2.57 -10.07
CA CYS A 65 -11.45 -2.88 -10.52
C CYS A 65 -12.49 -2.05 -9.77
N LEU A 66 -12.23 -1.81 -8.49
CA LEU A 66 -13.14 -1.03 -7.66
C LEU A 66 -13.23 0.41 -8.15
N ASP A 67 -14.43 0.98 -8.12
CA ASP A 67 -14.64 2.35 -8.56
C ASP A 67 -15.05 3.23 -7.39
N GLU A 68 -15.40 4.48 -7.69
CA GLU A 68 -15.80 5.43 -6.67
C GLU A 68 -16.90 4.85 -5.79
N SER A 69 -18.01 4.47 -6.43
CA SER A 69 -19.15 3.90 -5.71
C SER A 69 -18.70 2.74 -4.81
N ARG A 70 -17.83 1.89 -5.35
CA ARG A 70 -17.33 0.75 -4.60
C ARG A 70 -16.63 1.20 -3.31
N PHE A 71 -15.63 2.06 -3.47
CA PHE A 71 -14.87 2.57 -2.32
C PHE A 71 -15.81 3.18 -1.29
N GLU A 72 -16.83 3.89 -1.77
CA GLU A 72 -17.80 4.52 -0.87
C GLU A 72 -18.52 3.47 -0.02
N ASN A 73 -18.56 2.25 -0.51
CA ASN A 73 -19.21 1.16 0.20
C ASN A 73 -18.21 0.40 1.07
N LEU A 74 -16.94 0.50 0.73
CA LEU A 74 -15.90 -0.18 1.48
C LEU A 74 -15.52 0.61 2.73
N GLY A 75 -16.18 1.75 2.92
CA GLY A 75 -15.91 2.58 4.08
C GLY A 75 -15.36 3.95 3.70
N VAL A 76 -14.89 4.07 2.47
CA VAL A 76 -14.34 5.34 1.98
C VAL A 76 -15.46 6.28 1.53
N SER A 77 -16.38 6.56 2.42
CA SER A 77 -17.50 7.45 2.12
C SER A 77 -17.08 8.92 2.23
N SER A 78 -16.09 9.30 1.45
CA SER A 78 -15.59 10.66 1.46
C SER A 78 -15.21 11.13 0.05
N LEU A 79 -15.76 12.26 -0.36
CA LEU A 79 -15.49 12.81 -1.68
C LEU A 79 -13.99 12.99 -1.89
N GLY A 80 -13.29 13.39 -0.84
CA GLY A 80 -11.86 13.59 -0.93
C GLY A 80 -11.08 12.29 -0.88
N GLU A 81 -11.46 11.42 0.05
CA GLU A 81 -10.79 10.13 0.20
C GLU A 81 -10.79 9.36 -1.12
N ARG A 82 -11.99 9.08 -1.62
CA ARG A 82 -12.13 8.34 -2.88
C ARG A 82 -11.31 9.00 -3.99
N LYS A 83 -11.46 10.31 -4.13
CA LYS A 83 -10.73 11.05 -5.15
C LYS A 83 -9.23 10.75 -5.08
N LYS A 84 -8.76 10.46 -3.88
CA LYS A 84 -7.34 10.15 -3.68
C LYS A 84 -7.06 8.67 -3.94
N LEU A 85 -7.90 7.81 -3.37
CA LEU A 85 -7.74 6.36 -3.54
C LEU A 85 -7.79 5.98 -5.01
N LEU A 86 -8.80 6.48 -5.71
CA LEU A 86 -8.95 6.20 -7.14
C LEU A 86 -7.65 6.49 -7.90
N SER A 87 -7.01 7.60 -7.56
CA SER A 87 -5.78 7.99 -8.21
C SER A 87 -4.60 7.20 -7.65
N TYR A 88 -4.73 6.73 -6.41
CA TYR A 88 -3.68 5.96 -5.77
C TYR A 88 -3.49 4.61 -6.46
N ILE A 89 -4.56 3.81 -6.47
CA ILE A 89 -4.51 2.50 -7.11
C ILE A 89 -4.02 2.59 -8.54
N GLN A 90 -4.37 3.68 -9.21
CA GLN A 90 -3.97 3.89 -10.60
C GLN A 90 -2.46 3.93 -10.72
N ARG A 91 -1.78 4.35 -9.64
CA ARG A 91 -0.33 4.44 -9.63
C ARG A 91 0.29 3.05 -9.47
N LEU A 92 -0.56 2.06 -9.20
CA LEU A 92 -0.09 0.68 -9.01
C LEU A 92 -0.08 -0.07 -10.33
N VAL A 93 -1.26 -0.30 -10.88
CA VAL A 93 -1.39 -1.02 -12.15
C VAL A 93 -0.51 -0.38 -13.23
N GLN A 94 -0.46 0.94 -13.24
CA GLN A 94 0.34 1.67 -14.21
C GLN A 94 1.80 1.24 -14.15
N ILE A 95 2.22 0.72 -12.99
CA ILE A 95 3.59 0.27 -12.81
C ILE A 95 3.67 -1.26 -12.90
N HIS A 96 2.93 -1.94 -12.03
CA HIS A 96 2.92 -3.39 -12.02
C HIS A 96 2.41 -3.96 -13.34
N VAL A 97 3.04 -5.02 -13.82
CA VAL A 97 2.64 -5.65 -15.07
C VAL A 97 2.60 -4.64 -16.21
N ASP A 98 3.46 -3.62 -16.13
CA ASP A 98 3.52 -2.58 -17.15
C ASP A 98 4.71 -2.80 -18.07
N THR A 99 4.51 -2.54 -19.36
CA THR A 99 5.57 -2.70 -20.34
C THR A 99 6.85 -2.00 -19.91
N MET A 100 6.70 -0.89 -19.20
CA MET A 100 7.85 -0.13 -18.72
C MET A 100 7.88 -0.11 -17.19
N LYS A 101 8.76 -0.91 -16.61
CA LYS A 101 8.90 -0.99 -15.16
C LYS A 101 10.34 -0.72 -14.73
N VAL A 102 10.58 -0.76 -13.42
CA VAL A 102 11.91 -0.52 -12.89
C VAL A 102 12.00 -0.93 -11.43
N ILE A 103 13.15 -1.49 -11.04
CA ILE A 103 13.35 -1.92 -9.66
C ILE A 103 14.39 -1.06 -8.96
N GLY A 1 10.80 -3.27 30.69
CA GLY A 1 12.17 -2.80 30.63
C GLY A 1 13.17 -3.86 31.02
N SER A 2 14.09 -4.19 30.12
CA SER A 2 15.10 -5.20 30.39
C SER A 2 16.02 -4.76 31.53
N SER A 3 16.26 -5.68 32.46
CA SER A 3 17.11 -5.39 33.61
C SER A 3 17.73 -6.67 34.16
N GLY A 4 19.04 -6.81 33.98
CA GLY A 4 19.74 -7.98 34.46
C GLY A 4 21.13 -8.11 33.87
N SER A 5 21.65 -9.33 33.83
CA SER A 5 22.97 -9.59 33.29
C SER A 5 23.04 -10.96 32.63
N SER A 6 23.72 -11.02 31.49
CA SER A 6 23.86 -12.27 30.74
C SER A 6 22.49 -12.86 30.43
N GLY A 7 21.56 -12.00 30.04
CA GLY A 7 20.21 -12.46 29.71
C GLY A 7 19.92 -12.36 28.23
N SER A 8 20.44 -11.32 27.59
CA SER A 8 20.23 -11.11 26.16
C SER A 8 18.74 -11.01 25.84
N ASN A 9 17.96 -10.56 26.82
CA ASN A 9 16.52 -10.42 26.65
C ASN A 9 16.20 -9.40 25.56
N THR A 10 17.01 -8.35 25.48
CA THR A 10 16.81 -7.31 24.48
C THR A 10 17.45 -7.69 23.15
N PRO A 11 17.01 -7.05 22.06
CA PRO A 11 17.52 -7.30 20.71
C PRO A 11 18.95 -6.80 20.54
N SER A 12 19.49 -6.97 19.34
CA SER A 12 20.85 -6.53 19.03
C SER A 12 20.89 -5.75 17.73
N ALA A 13 21.70 -4.70 17.70
CA ALA A 13 21.85 -3.87 16.51
C ALA A 13 23.08 -4.26 15.71
N GLU A 14 23.00 -5.39 15.02
CA GLU A 14 24.11 -5.88 14.21
C GLU A 14 23.66 -6.18 12.78
N ALA A 15 22.64 -5.46 12.33
CA ALA A 15 22.11 -5.65 10.98
C ALA A 15 21.38 -4.41 10.50
N ASP A 16 21.11 -4.36 9.19
CA ASP A 16 20.41 -3.22 8.61
C ASP A 16 19.05 -3.65 8.06
N TRP A 17 18.05 -3.71 8.93
CA TRP A 17 16.70 -4.11 8.54
C TRP A 17 15.66 -3.17 9.13
N SER A 18 14.57 -2.96 8.40
CA SER A 18 13.50 -2.08 8.85
C SER A 18 12.14 -2.66 8.51
N PRO A 19 11.12 -2.29 9.31
CA PRO A 19 9.75 -2.76 9.11
C PRO A 19 9.11 -2.19 7.85
N GLY A 20 8.94 -3.04 6.85
CA GLY A 20 8.34 -2.59 5.60
C GLY A 20 9.37 -2.18 4.57
N LEU A 21 9.63 -3.06 3.60
CA LEU A 21 10.60 -2.79 2.56
C LEU A 21 9.92 -2.62 1.21
N GLU A 22 9.35 -3.72 0.70
CA GLU A 22 8.66 -3.70 -0.58
C GLU A 22 7.48 -4.67 -0.58
N LEU A 23 6.86 -4.82 -1.74
CA LEU A 23 5.72 -5.73 -1.88
C LEU A 23 5.91 -6.68 -3.05
N HIS A 24 5.01 -7.65 -3.17
CA HIS A 24 5.08 -8.63 -4.25
C HIS A 24 4.84 -7.97 -5.60
N PRO A 25 5.57 -8.43 -6.63
CA PRO A 25 5.44 -7.90 -8.00
C PRO A 25 4.10 -8.27 -8.64
N ASP A 26 3.56 -9.41 -8.22
CA ASP A 26 2.28 -9.88 -8.77
C ASP A 26 1.12 -9.46 -7.87
N TYR A 27 0.69 -8.20 -8.02
CA TYR A 27 -0.41 -7.68 -7.22
C TYR A 27 -1.65 -8.54 -7.38
N LYS A 28 -1.73 -9.27 -8.48
CA LYS A 28 -2.87 -10.14 -8.75
C LYS A 28 -3.04 -11.17 -7.65
N THR A 29 -1.97 -11.40 -6.89
CA THR A 29 -2.01 -12.37 -5.79
C THR A 29 -1.67 -11.70 -4.46
N TRP A 30 -2.11 -10.46 -4.30
CA TRP A 30 -1.86 -9.71 -3.07
C TRP A 30 -2.84 -10.11 -1.98
N GLY A 31 -4.05 -10.51 -2.38
CA GLY A 31 -5.06 -10.90 -1.43
C GLY A 31 -5.48 -9.77 -0.51
N PRO A 32 -6.37 -10.07 0.45
CA PRO A 32 -6.87 -9.07 1.40
C PRO A 32 -5.80 -8.63 2.39
N GLU A 33 -4.64 -9.30 2.35
CA GLU A 33 -3.55 -8.98 3.24
C GLU A 33 -2.74 -7.80 2.72
N GLN A 34 -2.03 -8.03 1.61
CA GLN A 34 -1.21 -6.99 1.00
C GLN A 34 -2.03 -5.72 0.77
N VAL A 35 -3.25 -5.89 0.26
CA VAL A 35 -4.13 -4.76 -0.01
C VAL A 35 -4.31 -3.90 1.24
N CYS A 36 -4.43 -4.56 2.39
CA CYS A 36 -4.61 -3.86 3.65
C CYS A 36 -3.38 -3.03 4.00
N SER A 37 -2.25 -3.38 3.39
CA SER A 37 -1.00 -2.68 3.64
C SER A 37 -0.75 -1.61 2.58
N PHE A 38 -1.10 -1.94 1.34
CA PHE A 38 -0.91 -1.01 0.22
C PHE A 38 -1.51 0.35 0.55
N LEU A 39 -2.79 0.36 0.92
CA LEU A 39 -3.48 1.60 1.25
C LEU A 39 -2.75 2.36 2.34
N ARG A 40 -2.21 1.63 3.31
CA ARG A 40 -1.49 2.23 4.42
C ARG A 40 -0.27 3.01 3.90
N ARG A 41 0.22 2.62 2.73
CA ARG A 41 1.38 3.27 2.14
C ARG A 41 0.98 4.60 1.49
N GLY A 42 -0.29 4.71 1.11
CA GLY A 42 -0.77 5.93 0.50
C GLY A 42 -1.18 6.97 1.51
N GLY A 43 -1.49 6.53 2.72
CA GLY A 43 -1.90 7.45 3.78
C GLY A 43 -3.18 7.03 4.45
N PHE A 44 -3.92 6.13 3.81
CA PHE A 44 -5.19 5.64 4.35
C PHE A 44 -4.94 4.62 5.46
N GLU A 45 -5.42 4.94 6.67
CA GLU A 45 -5.26 4.05 7.80
C GLU A 45 -6.59 3.80 8.50
N GLU A 46 -7.68 3.94 7.74
CA GLU A 46 -9.02 3.73 8.29
C GLU A 46 -9.27 2.24 8.52
N PRO A 47 -9.90 1.93 9.67
CA PRO A 47 -10.22 0.54 10.04
C PRO A 47 -11.31 -0.05 9.17
N VAL A 48 -12.36 0.73 8.92
CA VAL A 48 -13.47 0.29 8.09
C VAL A 48 -13.02 -0.03 6.67
N LEU A 49 -12.16 0.82 6.14
CA LEU A 49 -11.64 0.62 4.78
C LEU A 49 -10.91 -0.71 4.66
N LEU A 50 -9.93 -0.91 5.53
CA LEU A 50 -9.15 -2.16 5.53
C LEU A 50 -10.02 -3.34 5.96
N LYS A 51 -11.07 -3.06 6.71
CA LYS A 51 -11.97 -4.09 7.18
C LYS A 51 -12.71 -4.75 6.02
N ASN A 52 -13.27 -3.92 5.14
CA ASN A 52 -14.01 -4.40 3.99
C ASN A 52 -13.11 -5.26 3.10
N ILE A 53 -11.83 -4.94 3.07
CA ILE A 53 -10.87 -5.68 2.26
C ILE A 53 -10.90 -7.17 2.59
N ARG A 54 -11.12 -7.48 3.87
CA ARG A 54 -11.17 -8.86 4.32
C ARG A 54 -12.60 -9.40 4.25
N GLU A 55 -13.57 -8.49 4.25
CA GLU A 55 -14.98 -8.87 4.18
C GLU A 55 -15.39 -9.18 2.75
N ASN A 56 -14.64 -8.64 1.79
CA ASN A 56 -14.93 -8.87 0.37
C ASN A 56 -13.75 -9.53 -0.32
N GLU A 57 -12.80 -10.02 0.48
CA GLU A 57 -11.62 -10.70 -0.07
C GLU A 57 -10.95 -9.83 -1.13
N ILE A 58 -11.07 -8.52 -0.97
CA ILE A 58 -10.46 -7.57 -1.92
C ILE A 58 -8.99 -7.90 -2.13
N THR A 59 -8.61 -8.06 -3.39
CA THR A 59 -7.22 -8.36 -3.74
C THR A 59 -6.66 -7.33 -4.71
N GLY A 60 -5.34 -7.37 -4.91
CA GLY A 60 -4.70 -6.42 -5.80
C GLY A 60 -5.32 -6.43 -7.19
N ALA A 61 -5.78 -7.60 -7.63
CA ALA A 61 -6.38 -7.74 -8.94
C ALA A 61 -7.74 -7.04 -8.99
N LEU A 62 -8.32 -6.80 -7.82
CA LEU A 62 -9.62 -6.14 -7.73
C LEU A 62 -9.45 -4.65 -7.40
N LEU A 63 -8.27 -4.30 -6.90
CA LEU A 63 -7.99 -2.91 -6.55
C LEU A 63 -8.36 -1.97 -7.68
N PRO A 64 -7.75 -2.18 -8.85
CA PRO A 64 -8.01 -1.36 -10.04
C PRO A 64 -9.41 -1.58 -10.61
N CYS A 65 -10.11 -2.57 -10.08
CA CYS A 65 -11.45 -2.89 -10.53
C CYS A 65 -12.50 -2.05 -9.78
N LEU A 66 -12.25 -1.83 -8.50
CA LEU A 66 -13.16 -1.04 -7.67
C LEU A 66 -13.24 0.40 -8.16
N ASP A 67 -14.44 0.97 -8.11
CA ASP A 67 -14.64 2.35 -8.55
C ASP A 67 -15.04 3.24 -7.38
N GLU A 68 -15.38 4.49 -7.67
CA GLU A 68 -15.78 5.43 -6.64
C GLU A 68 -16.90 4.85 -5.77
N SER A 69 -18.00 4.47 -6.40
CA SER A 69 -19.13 3.90 -5.69
C SER A 69 -18.68 2.75 -4.79
N ARG A 70 -17.82 1.89 -5.32
CA ARG A 70 -17.31 0.76 -4.56
C ARG A 70 -16.60 1.22 -3.30
N PHE A 71 -15.60 2.07 -3.45
CA PHE A 71 -14.84 2.59 -2.32
C PHE A 71 -15.77 3.19 -1.27
N GLU A 72 -16.80 3.90 -1.74
CA GLU A 72 -17.76 4.53 -0.85
C GLU A 72 -18.48 3.50 0.01
N ASN A 73 -18.54 2.26 -0.48
CA ASN A 73 -19.19 1.18 0.23
C ASN A 73 -18.19 0.43 1.12
N LEU A 74 -16.92 0.52 0.77
CA LEU A 74 -15.86 -0.15 1.53
C LEU A 74 -15.52 0.65 2.79
N GLY A 75 -16.17 1.80 2.95
CA GLY A 75 -15.91 2.63 4.11
C GLY A 75 -15.37 4.00 3.74
N VAL A 76 -14.86 4.13 2.51
CA VAL A 76 -14.32 5.39 2.03
C VAL A 76 -15.42 6.32 1.57
N SER A 77 -16.35 6.62 2.47
CA SER A 77 -17.47 7.50 2.15
C SER A 77 -17.05 8.97 2.26
N SER A 78 -16.05 9.36 1.46
CA SER A 78 -15.55 10.71 1.47
C SER A 78 -15.17 11.17 0.06
N LEU A 79 -15.80 12.24 -0.40
CA LEU A 79 -15.54 12.77 -1.73
C LEU A 79 -14.05 13.00 -1.94
N GLY A 80 -13.36 13.41 -0.88
CA GLY A 80 -11.93 13.65 -0.97
C GLY A 80 -11.13 12.37 -0.92
N GLU A 81 -11.47 11.49 0.01
CA GLU A 81 -10.77 10.22 0.16
C GLU A 81 -10.78 9.44 -1.14
N ARG A 82 -11.97 9.13 -1.64
CA ARG A 82 -12.12 8.39 -2.88
C ARG A 82 -11.30 9.03 -4.00
N LYS A 83 -11.46 10.34 -4.16
CA LYS A 83 -10.74 11.07 -5.19
C LYS A 83 -9.24 10.79 -5.12
N LYS A 84 -8.75 10.48 -3.92
CA LYS A 84 -7.34 10.18 -3.73
C LYS A 84 -7.07 8.70 -3.95
N LEU A 85 -7.89 7.85 -3.35
CA LEU A 85 -7.75 6.40 -3.49
C LEU A 85 -7.79 5.99 -4.95
N LEU A 86 -8.80 6.47 -5.67
CA LEU A 86 -8.96 6.15 -7.08
C LEU A 86 -7.67 6.42 -7.85
N SER A 87 -7.08 7.58 -7.62
CA SER A 87 -5.85 7.97 -8.30
C SER A 87 -4.66 7.19 -7.72
N TYR A 88 -4.79 6.75 -6.48
CA TYR A 88 -3.73 6.00 -5.82
C TYR A 88 -3.52 4.64 -6.48
N ILE A 89 -4.57 3.82 -6.46
CA ILE A 89 -4.51 2.49 -7.07
C ILE A 89 -4.04 2.57 -8.51
N GLN A 90 -4.31 3.70 -9.16
CA GLN A 90 -3.91 3.90 -10.55
C GLN A 90 -2.39 3.90 -10.68
N ARG A 91 -1.71 4.37 -9.65
CA ARG A 91 -0.25 4.43 -9.66
C ARG A 91 0.35 3.04 -9.48
N LEU A 92 -0.51 2.05 -9.21
CA LEU A 92 -0.07 0.69 -9.02
C LEU A 92 -0.07 -0.07 -10.34
N VAL A 93 -1.26 -0.30 -10.88
CA VAL A 93 -1.41 -1.01 -12.15
C VAL A 93 -0.54 -0.39 -13.24
N GLN A 94 -0.48 0.95 -13.24
CA GLN A 94 0.32 1.67 -14.22
C GLN A 94 1.78 1.23 -14.17
N ILE A 95 2.19 0.70 -13.03
CA ILE A 95 3.56 0.24 -12.85
C ILE A 95 3.65 -1.28 -12.93
N HIS A 96 2.90 -1.96 -12.07
CA HIS A 96 2.90 -3.42 -12.05
C HIS A 96 2.37 -3.98 -13.37
N VAL A 97 3.02 -5.03 -13.86
CA VAL A 97 2.61 -5.65 -15.11
C VAL A 97 2.57 -4.64 -16.25
N ASP A 98 3.44 -3.64 -16.17
CA ASP A 98 3.51 -2.61 -17.19
C ASP A 98 4.71 -2.82 -18.11
N THR A 99 4.53 -2.55 -19.39
CA THR A 99 5.60 -2.71 -20.37
C THR A 99 6.87 -2.02 -19.91
N MET A 100 6.72 -0.92 -19.18
CA MET A 100 7.86 -0.16 -18.67
C MET A 100 8.10 -0.46 -17.20
N LYS A 101 9.31 -0.87 -16.86
CA LYS A 101 9.67 -1.19 -15.49
C LYS A 101 10.66 -0.17 -14.94
N VAL A 102 10.38 0.34 -13.74
CA VAL A 102 11.24 1.32 -13.10
C VAL A 102 11.62 0.89 -11.69
N ILE A 103 12.86 1.13 -11.31
CA ILE A 103 13.35 0.76 -9.99
C ILE A 103 14.12 1.92 -9.34
N GLY A 1 61.71 -2.14 11.83
CA GLY A 1 60.54 -2.79 11.28
C GLY A 1 59.34 -2.69 12.21
N SER A 2 58.18 -2.39 11.62
CA SER A 2 56.96 -2.26 12.40
C SER A 2 56.01 -3.43 12.13
N SER A 3 54.92 -3.48 12.89
CA SER A 3 53.95 -4.55 12.74
C SER A 3 52.69 -4.25 13.56
N GLY A 4 51.57 -4.07 12.87
CA GLY A 4 50.32 -3.78 13.54
C GLY A 4 49.44 -5.01 13.68
N SER A 5 49.51 -5.66 14.84
CA SER A 5 48.71 -6.86 15.09
C SER A 5 47.52 -6.54 16.01
N SER A 6 47.82 -6.06 17.20
CA SER A 6 46.78 -5.73 18.17
C SER A 6 46.03 -4.47 17.75
N GLY A 7 44.71 -4.58 17.62
CA GLY A 7 43.90 -3.45 17.23
C GLY A 7 43.35 -2.68 18.41
N SER A 8 42.48 -1.72 18.14
CA SER A 8 41.88 -0.91 19.19
C SER A 8 40.47 -1.39 19.54
N ASN A 9 39.74 -1.80 18.51
CA ASN A 9 38.37 -2.29 18.71
C ASN A 9 38.04 -3.36 17.67
N THR A 10 37.18 -4.30 18.07
CA THR A 10 36.77 -5.38 17.17
C THR A 10 35.27 -5.32 16.87
N PRO A 11 34.93 -5.46 15.58
CA PRO A 11 33.54 -5.41 15.13
C PRO A 11 32.74 -6.64 15.58
N SER A 12 31.91 -6.45 16.60
CA SER A 12 31.10 -7.53 17.14
C SER A 12 30.07 -8.00 16.11
N ALA A 13 29.06 -7.17 15.87
CA ALA A 13 28.01 -7.50 14.91
C ALA A 13 27.34 -6.23 14.39
N GLU A 14 26.65 -6.36 13.25
CA GLU A 14 25.96 -5.22 12.65
C GLU A 14 24.74 -5.69 11.87
N ALA A 15 23.63 -4.97 12.01
CA ALA A 15 22.40 -5.30 11.32
C ALA A 15 21.56 -4.05 11.06
N ASP A 16 20.59 -4.17 10.15
CA ASP A 16 19.73 -3.06 9.80
C ASP A 16 18.44 -3.56 9.15
N TRP A 17 17.32 -3.38 9.85
CA TRP A 17 16.03 -3.82 9.32
C TRP A 17 14.93 -2.86 9.75
N SER A 18 13.92 -2.69 8.89
CA SER A 18 12.80 -1.80 9.19
C SER A 18 11.48 -2.42 8.74
N PRO A 19 10.39 -2.03 9.39
CA PRO A 19 9.04 -2.53 9.08
C PRO A 19 8.54 -2.02 7.74
N GLY A 20 8.48 -2.91 6.76
CA GLY A 20 8.02 -2.54 5.43
C GLY A 20 9.15 -2.17 4.50
N LEU A 21 9.52 -3.09 3.62
CA LEU A 21 10.59 -2.85 2.66
C LEU A 21 10.06 -2.76 1.24
N GLU A 22 9.22 -3.72 0.87
CA GLU A 22 8.63 -3.76 -0.46
C GLU A 22 7.42 -4.68 -0.50
N LEU A 23 6.88 -4.89 -1.70
CA LEU A 23 5.72 -5.75 -1.88
C LEU A 23 5.92 -6.69 -3.06
N HIS A 24 5.01 -7.66 -3.19
CA HIS A 24 5.09 -8.63 -4.28
C HIS A 24 4.83 -7.96 -5.63
N PRO A 25 5.57 -8.41 -6.66
CA PRO A 25 5.44 -7.86 -8.01
C PRO A 25 4.11 -8.23 -8.67
N ASP A 26 3.56 -9.37 -8.26
CA ASP A 26 2.29 -9.83 -8.80
C ASP A 26 1.13 -9.42 -7.90
N TYR A 27 0.69 -8.17 -8.03
CA TYR A 27 -0.41 -7.66 -7.22
C TYR A 27 -1.65 -8.52 -7.38
N LYS A 28 -1.73 -9.24 -8.49
CA LYS A 28 -2.86 -10.11 -8.77
C LYS A 28 -3.04 -11.14 -7.67
N THR A 29 -1.97 -11.39 -6.90
CA THR A 29 -2.01 -12.34 -5.81
C THR A 29 -1.66 -11.69 -4.48
N TRP A 30 -2.12 -10.45 -4.31
CA TRP A 30 -1.85 -9.71 -3.08
C TRP A 30 -2.84 -10.10 -1.98
N GLY A 31 -4.04 -10.49 -2.39
CA GLY A 31 -5.05 -10.89 -1.43
C GLY A 31 -5.47 -9.75 -0.51
N PRO A 32 -6.36 -10.05 0.45
CA PRO A 32 -6.85 -9.06 1.41
C PRO A 32 -5.78 -8.61 2.39
N GLU A 33 -4.63 -9.28 2.34
CA GLU A 33 -3.52 -8.95 3.24
C GLU A 33 -2.72 -7.78 2.70
N GLN A 34 -2.02 -8.01 1.60
CA GLN A 34 -1.20 -6.96 0.98
C GLN A 34 -2.02 -5.69 0.76
N VAL A 35 -3.23 -5.86 0.26
CA VAL A 35 -4.12 -4.73 0.01
C VAL A 35 -4.29 -3.87 1.26
N CYS A 36 -4.43 -4.53 2.40
CA CYS A 36 -4.59 -3.83 3.67
C CYS A 36 -3.36 -3.01 4.01
N SER A 37 -2.24 -3.36 3.39
CA SER A 37 -0.98 -2.65 3.63
C SER A 37 -0.75 -1.57 2.58
N PHE A 38 -1.06 -1.91 1.33
CA PHE A 38 -0.88 -0.97 0.22
C PHE A 38 -1.54 0.37 0.54
N LEU A 39 -2.83 0.32 0.90
CA LEU A 39 -3.57 1.52 1.23
C LEU A 39 -2.88 2.32 2.33
N ARG A 40 -2.28 1.60 3.27
CA ARG A 40 -1.59 2.24 4.39
C ARG A 40 -0.37 3.03 3.89
N ARG A 41 0.15 2.62 2.73
CA ARG A 41 1.31 3.28 2.14
C ARG A 41 0.91 4.60 1.47
N GLY A 42 -0.36 4.69 1.07
CA GLY A 42 -0.85 5.90 0.44
C GLY A 42 -1.26 6.96 1.42
N GLY A 43 -1.56 6.54 2.65
CA GLY A 43 -1.99 7.48 3.68
C GLY A 43 -3.27 7.06 4.35
N PHE A 44 -3.98 6.13 3.74
CA PHE A 44 -5.25 5.65 4.29
C PHE A 44 -5.02 4.64 5.40
N GLU A 45 -5.44 4.98 6.60
CA GLU A 45 -5.27 4.10 7.75
C GLU A 45 -6.61 3.85 8.45
N GLU A 46 -7.69 3.99 7.69
CA GLU A 46 -9.04 3.78 8.23
C GLU A 46 -9.30 2.29 8.47
N PRO A 47 -9.92 1.99 9.62
CA PRO A 47 -10.24 0.60 10.00
C PRO A 47 -11.34 0.00 9.13
N VAL A 48 -12.39 0.76 8.91
CA VAL A 48 -13.51 0.31 8.10
C VAL A 48 -13.06 0.01 6.66
N LEU A 49 -12.16 0.83 6.15
CA LEU A 49 -11.65 0.66 4.80
C LEU A 49 -10.91 -0.67 4.66
N LEU A 50 -9.96 -0.90 5.56
CA LEU A 50 -9.17 -2.15 5.54
C LEU A 50 -10.03 -3.33 5.97
N LYS A 51 -11.09 -3.05 6.71
CA LYS A 51 -12.00 -4.10 7.18
C LYS A 51 -12.74 -4.74 6.02
N ASN A 52 -13.29 -3.91 5.14
CA ASN A 52 -14.02 -4.41 3.98
C ASN A 52 -13.13 -5.27 3.09
N ILE A 53 -11.84 -4.94 3.08
CA ILE A 53 -10.88 -5.69 2.27
C ILE A 53 -10.90 -7.17 2.62
N ARG A 54 -11.10 -7.47 3.89
CA ARG A 54 -11.15 -8.85 4.35
C ARG A 54 -12.57 -9.41 4.29
N GLU A 55 -13.55 -8.50 4.27
CA GLU A 55 -14.95 -8.88 4.21
C GLU A 55 -15.37 -9.22 2.77
N ASN A 56 -14.64 -8.66 1.81
CA ASN A 56 -14.92 -8.89 0.41
C ASN A 56 -13.75 -9.57 -0.29
N GLU A 57 -12.79 -10.05 0.51
CA GLU A 57 -11.62 -10.71 -0.04
C GLU A 57 -10.94 -9.86 -1.10
N ILE A 58 -11.06 -8.54 -0.96
CA ILE A 58 -10.47 -7.61 -1.90
C ILE A 58 -8.99 -7.92 -2.12
N THR A 59 -8.61 -8.10 -3.39
CA THR A 59 -7.23 -8.39 -3.72
C THR A 59 -6.66 -7.35 -4.67
N GLY A 60 -5.34 -7.38 -4.87
CA GLY A 60 -4.70 -6.42 -5.75
C GLY A 60 -5.30 -6.40 -7.14
N ALA A 61 -5.75 -7.58 -7.60
CA ALA A 61 -6.35 -7.69 -8.92
C ALA A 61 -7.71 -7.00 -8.96
N LEU A 62 -8.30 -6.79 -7.80
CA LEU A 62 -9.61 -6.13 -7.70
C LEU A 62 -9.45 -4.66 -7.34
N LEU A 63 -8.27 -4.29 -6.84
CA LEU A 63 -7.99 -2.91 -6.46
C LEU A 63 -8.37 -1.95 -7.59
N PRO A 64 -7.76 -2.14 -8.77
CA PRO A 64 -8.02 -1.31 -9.94
C PRO A 64 -9.41 -1.54 -10.52
N CYS A 65 -10.11 -2.55 -10.00
CA CYS A 65 -11.45 -2.87 -10.47
C CYS A 65 -12.50 -2.05 -9.72
N LEU A 66 -12.25 -1.81 -8.44
CA LEU A 66 -13.17 -1.03 -7.61
C LEU A 66 -13.27 0.41 -8.10
N ASP A 67 -14.48 0.95 -8.10
CA ASP A 67 -14.69 2.33 -8.55
C ASP A 67 -15.09 3.22 -7.37
N GLU A 68 -15.42 4.47 -7.67
CA GLU A 68 -15.81 5.42 -6.65
C GLU A 68 -16.93 4.85 -5.77
N SER A 69 -18.03 4.46 -6.40
CA SER A 69 -19.16 3.90 -5.68
C SER A 69 -18.73 2.74 -4.79
N ARG A 70 -17.85 1.90 -5.32
CA ARG A 70 -17.35 0.75 -4.57
C ARG A 70 -16.63 1.19 -3.30
N PHE A 71 -15.62 2.04 -3.48
CA PHE A 71 -14.85 2.56 -2.34
C PHE A 71 -15.77 3.15 -1.29
N GLU A 72 -16.79 3.87 -1.74
CA GLU A 72 -17.74 4.51 -0.83
C GLU A 72 -18.46 3.46 0.02
N ASN A 73 -18.55 2.24 -0.49
CA ASN A 73 -19.20 1.16 0.23
C ASN A 73 -18.21 0.40 1.09
N LEU A 74 -16.92 0.49 0.75
CA LEU A 74 -15.88 -0.18 1.49
C LEU A 74 -15.50 0.61 2.75
N GLY A 75 -16.15 1.76 2.93
CA GLY A 75 -15.88 2.59 4.09
C GLY A 75 -15.36 3.96 3.71
N VAL A 76 -14.87 4.08 2.47
CA VAL A 76 -14.33 5.35 1.99
C VAL A 76 -15.45 6.27 1.54
N SER A 77 -16.38 6.57 2.45
CA SER A 77 -17.49 7.45 2.16
C SER A 77 -17.08 8.91 2.25
N SER A 78 -16.10 9.30 1.44
CA SER A 78 -15.61 10.67 1.44
C SER A 78 -15.24 11.12 0.03
N LEU A 79 -15.73 12.29 -0.37
CA LEU A 79 -15.45 12.82 -1.69
C LEU A 79 -13.95 13.02 -1.90
N GLY A 80 -13.26 13.41 -0.84
CA GLY A 80 -11.82 13.62 -0.93
C GLY A 80 -11.05 12.32 -0.88
N GLU A 81 -11.41 11.44 0.05
CA GLU A 81 -10.73 10.16 0.19
C GLU A 81 -10.74 9.38 -1.13
N ARG A 82 -11.94 9.10 -1.62
CA ARG A 82 -12.10 8.36 -2.87
C ARG A 82 -11.29 9.01 -3.98
N LYS A 83 -11.42 10.31 -4.13
CA LYS A 83 -10.70 11.05 -5.16
C LYS A 83 -9.20 10.76 -5.08
N LYS A 84 -8.72 10.45 -3.89
CA LYS A 84 -7.30 10.14 -3.69
C LYS A 84 -7.04 8.65 -3.93
N LEU A 85 -7.88 7.81 -3.37
CA LEU A 85 -7.73 6.36 -3.53
C LEU A 85 -7.79 5.97 -4.99
N LEU A 86 -8.81 6.45 -5.70
CA LEU A 86 -8.97 6.15 -7.12
C LEU A 86 -7.68 6.45 -7.89
N SER A 87 -7.05 7.57 -7.57
CA SER A 87 -5.82 7.96 -8.24
C SER A 87 -4.62 7.18 -7.69
N TYR A 88 -4.76 6.72 -6.44
CA TYR A 88 -3.69 5.97 -5.80
C TYR A 88 -3.50 4.61 -6.47
N ILE A 89 -4.55 3.80 -6.47
CA ILE A 89 -4.50 2.48 -7.09
C ILE A 89 -4.01 2.57 -8.53
N GLN A 90 -4.33 3.68 -9.19
CA GLN A 90 -3.92 3.88 -10.58
C GLN A 90 -2.40 3.91 -10.70
N ARG A 91 -1.74 4.36 -9.65
CA ARG A 91 -0.28 4.43 -9.64
C ARG A 91 0.33 3.04 -9.47
N LEU A 92 -0.51 2.05 -9.21
CA LEU A 92 -0.06 0.68 -9.02
C LEU A 92 -0.05 -0.07 -10.34
N VAL A 93 -1.25 -0.28 -10.90
CA VAL A 93 -1.38 -0.99 -12.17
C VAL A 93 -0.51 -0.36 -13.25
N GLN A 94 -0.41 0.97 -13.22
CA GLN A 94 0.40 1.70 -14.19
C GLN A 94 1.85 1.29 -14.12
N ILE A 95 2.24 0.69 -12.99
CA ILE A 95 3.61 0.24 -12.79
C ILE A 95 3.72 -1.27 -12.87
N HIS A 96 2.96 -1.95 -12.01
CA HIS A 96 2.96 -3.41 -11.99
C HIS A 96 2.45 -3.98 -13.31
N VAL A 97 3.08 -5.06 -13.76
CA VAL A 97 2.68 -5.70 -15.01
C VAL A 97 2.79 -4.73 -16.18
N ASP A 98 3.73 -3.80 -16.09
CA ASP A 98 3.95 -2.81 -17.15
C ASP A 98 5.18 -3.16 -17.97
N THR A 99 5.10 -2.91 -19.27
CA THR A 99 6.20 -3.20 -20.18
C THR A 99 7.50 -2.59 -19.67
N MET A 100 7.39 -1.45 -18.99
CA MET A 100 8.56 -0.77 -18.45
C MET A 100 8.76 -1.13 -16.98
N LYS A 101 9.92 -1.70 -16.66
CA LYS A 101 10.24 -2.08 -15.29
C LYS A 101 11.14 -1.06 -14.63
N VAL A 102 10.72 -0.54 -13.49
CA VAL A 102 11.50 0.44 -12.75
C VAL A 102 11.18 0.39 -11.26
N ILE A 103 12.23 0.48 -10.43
CA ILE A 103 12.06 0.45 -8.99
C ILE A 103 12.38 1.80 -8.37
N GLY A 1 25.78 31.21 2.50
CA GLY A 1 25.84 29.87 3.04
C GLY A 1 27.24 29.29 3.01
N SER A 2 27.35 28.05 2.56
CA SER A 2 28.64 27.38 2.48
C SER A 2 29.29 27.28 3.86
N SER A 3 28.45 27.25 4.89
CA SER A 3 28.94 27.16 6.27
C SER A 3 28.75 25.75 6.82
N GLY A 4 29.06 24.75 6.00
CA GLY A 4 28.91 23.37 6.43
C GLY A 4 29.72 23.06 7.67
N SER A 5 29.32 22.01 8.38
CA SER A 5 30.02 21.62 9.60
C SER A 5 29.93 20.11 9.81
N SER A 6 30.55 19.62 10.88
CA SER A 6 30.54 18.20 11.19
C SER A 6 29.59 17.90 12.35
N GLY A 7 28.62 17.03 12.10
CA GLY A 7 27.66 16.67 13.13
C GLY A 7 26.54 15.80 12.61
N SER A 8 25.71 15.30 13.51
CA SER A 8 24.59 14.44 13.13
C SER A 8 23.29 14.90 13.79
N ASN A 9 22.21 14.20 13.51
CA ASN A 9 20.91 14.55 14.07
C ASN A 9 20.20 13.30 14.60
N THR A 10 20.22 12.23 13.81
CA THR A 10 19.58 10.98 14.19
C THR A 10 20.05 10.51 15.57
N PRO A 11 19.13 9.99 16.37
CA PRO A 11 19.42 9.49 17.71
C PRO A 11 20.27 8.23 17.69
N SER A 12 20.45 7.63 18.87
CA SER A 12 21.25 6.41 18.98
C SER A 12 20.42 5.19 18.61
N ALA A 13 20.22 5.00 17.31
CA ALA A 13 19.44 3.86 16.81
C ALA A 13 20.20 3.12 15.72
N GLU A 14 20.52 1.85 15.97
CA GLU A 14 21.24 1.04 15.01
C GLU A 14 20.47 -0.25 14.70
N ALA A 15 19.86 -0.29 13.52
CA ALA A 15 19.08 -1.46 13.11
C ALA A 15 19.20 -1.68 11.60
N ASP A 16 18.72 -2.82 11.14
CA ASP A 16 18.76 -3.15 9.72
C ASP A 16 17.44 -3.79 9.26
N TRP A 17 16.34 -3.17 9.65
CA TRP A 17 15.02 -3.68 9.28
C TRP A 17 13.96 -2.58 9.42
N SER A 18 12.95 -2.63 8.56
CA SER A 18 11.87 -1.64 8.58
C SER A 18 10.53 -2.30 8.35
N PRO A 19 9.46 -1.67 8.86
CA PRO A 19 8.09 -2.18 8.72
C PRO A 19 7.58 -2.08 7.28
N GLY A 20 8.36 -1.41 6.43
CA GLY A 20 7.97 -1.26 5.05
C GLY A 20 9.16 -1.25 4.10
N LEU A 21 9.40 -2.38 3.45
CA LEU A 21 10.52 -2.50 2.52
C LEU A 21 10.02 -2.53 1.08
N GLU A 22 9.17 -3.51 0.76
CA GLU A 22 8.62 -3.64 -0.58
C GLU A 22 7.43 -4.58 -0.58
N LEU A 23 6.88 -4.82 -1.77
CA LEU A 23 5.72 -5.71 -1.92
C LEU A 23 5.92 -6.67 -3.08
N HIS A 24 5.01 -7.63 -3.21
CA HIS A 24 5.07 -8.61 -4.29
C HIS A 24 4.83 -7.95 -5.64
N PRO A 25 5.56 -8.41 -6.67
CA PRO A 25 5.43 -7.87 -8.03
C PRO A 25 4.11 -8.25 -8.68
N ASP A 26 3.55 -9.38 -8.27
CA ASP A 26 2.28 -9.85 -8.81
C ASP A 26 1.11 -9.44 -7.91
N TYR A 27 0.69 -8.18 -8.03
CA TYR A 27 -0.41 -7.66 -7.23
C TYR A 27 -1.65 -8.53 -7.39
N LYS A 28 -1.73 -9.25 -8.50
CA LYS A 28 -2.87 -10.12 -8.77
C LYS A 28 -3.04 -11.15 -7.66
N THR A 29 -1.97 -11.39 -6.91
CA THR A 29 -2.01 -12.35 -5.82
C THR A 29 -1.67 -11.69 -4.49
N TRP A 30 -2.12 -10.46 -4.32
CA TRP A 30 -1.86 -9.71 -3.09
C TRP A 30 -2.83 -10.12 -1.99
N GLY A 31 -4.03 -10.50 -2.39
CA GLY A 31 -5.05 -10.90 -1.42
C GLY A 31 -5.46 -9.76 -0.51
N PRO A 32 -6.35 -10.06 0.45
CA PRO A 32 -6.85 -9.06 1.40
C PRO A 32 -5.78 -8.62 2.39
N GLU A 33 -4.63 -9.28 2.34
CA GLU A 33 -3.52 -8.95 3.24
C GLU A 33 -2.72 -7.78 2.70
N GLN A 34 -2.02 -8.01 1.60
CA GLN A 34 -1.21 -6.97 0.97
C GLN A 34 -2.02 -5.70 0.75
N VAL A 35 -3.24 -5.87 0.25
CA VAL A 35 -4.12 -4.73 -0.02
C VAL A 35 -4.29 -3.87 1.23
N CYS A 36 -4.43 -4.52 2.38
CA CYS A 36 -4.60 -3.82 3.65
C CYS A 36 -3.36 -3.00 3.98
N SER A 37 -2.23 -3.36 3.38
CA SER A 37 -0.98 -2.66 3.62
C SER A 37 -0.75 -1.58 2.57
N PHE A 38 -1.06 -1.91 1.31
CA PHE A 38 -0.89 -0.97 0.21
C PHE A 38 -1.55 0.37 0.54
N LEU A 39 -2.82 0.33 0.90
CA LEU A 39 -3.57 1.54 1.23
C LEU A 39 -2.86 2.33 2.34
N ARG A 40 -2.26 1.61 3.28
CA ARG A 40 -1.55 2.24 4.38
C ARG A 40 -0.33 3.00 3.87
N ARG A 41 0.18 2.59 2.73
CA ARG A 41 1.35 3.24 2.14
C ARG A 41 0.96 4.56 1.46
N GLY A 42 -0.30 4.66 1.07
CA GLY A 42 -0.77 5.87 0.42
C GLY A 42 -1.19 6.94 1.41
N GLY A 43 -1.47 6.53 2.64
CA GLY A 43 -1.87 7.47 3.66
C GLY A 43 -3.18 7.09 4.33
N PHE A 44 -3.90 6.16 3.71
CA PHE A 44 -5.18 5.70 4.25
C PHE A 44 -4.98 4.69 5.36
N GLU A 45 -5.41 5.04 6.56
CA GLU A 45 -5.27 4.16 7.72
C GLU A 45 -6.64 3.90 8.37
N GLU A 46 -7.69 4.04 7.59
CA GLU A 46 -9.05 3.82 8.09
C GLU A 46 -9.28 2.35 8.41
N PRO A 47 -9.92 2.09 9.56
CA PRO A 47 -10.21 0.72 10.02
C PRO A 47 -11.28 0.05 9.16
N VAL A 48 -12.37 0.77 8.90
CA VAL A 48 -13.46 0.24 8.09
C VAL A 48 -13.00 -0.05 6.67
N LEU A 49 -12.20 0.85 6.12
CA LEU A 49 -11.68 0.69 4.76
C LEU A 49 -10.94 -0.63 4.62
N LEU A 50 -10.02 -0.90 5.55
CA LEU A 50 -9.24 -2.12 5.52
C LEU A 50 -10.09 -3.32 5.95
N LYS A 51 -11.13 -3.04 6.72
CA LYS A 51 -12.02 -4.10 7.21
C LYS A 51 -12.77 -4.74 6.05
N ASN A 52 -13.28 -3.92 5.13
CA ASN A 52 -14.01 -4.42 3.99
C ASN A 52 -13.11 -5.27 3.09
N ILE A 53 -11.82 -4.95 3.08
CA ILE A 53 -10.86 -5.69 2.27
C ILE A 53 -10.88 -7.18 2.62
N ARG A 54 -11.08 -7.48 3.90
CA ARG A 54 -11.12 -8.86 4.36
C ARG A 54 -12.54 -9.42 4.29
N GLU A 55 -13.52 -8.52 4.25
CA GLU A 55 -14.92 -8.92 4.18
C GLU A 55 -15.33 -9.24 2.75
N ASN A 56 -14.62 -8.65 1.79
CA ASN A 56 -14.91 -8.87 0.38
C ASN A 56 -13.73 -9.54 -0.32
N GLU A 57 -12.78 -10.03 0.48
CA GLU A 57 -11.59 -10.69 -0.06
C GLU A 57 -10.92 -9.82 -1.12
N ILE A 58 -11.05 -8.51 -0.97
CA ILE A 58 -10.45 -7.56 -1.91
C ILE A 58 -8.97 -7.86 -2.13
N THR A 59 -8.60 -8.08 -3.38
CA THR A 59 -7.21 -8.38 -3.73
C THR A 59 -6.65 -7.33 -4.68
N GLY A 60 -5.33 -7.36 -4.87
CA GLY A 60 -4.68 -6.42 -5.75
C GLY A 60 -5.29 -6.40 -7.15
N ALA A 61 -5.74 -7.58 -7.60
CA ALA A 61 -6.35 -7.70 -8.91
C ALA A 61 -7.70 -7.01 -8.97
N LEU A 62 -8.30 -6.80 -7.79
CA LEU A 62 -9.60 -6.14 -7.70
C LEU A 62 -9.45 -4.67 -7.33
N LEU A 63 -8.27 -4.31 -6.84
CA LEU A 63 -8.00 -2.93 -6.46
C LEU A 63 -8.38 -1.96 -7.59
N PRO A 64 -7.76 -2.16 -8.76
CA PRO A 64 -8.03 -1.32 -9.94
C PRO A 64 -9.41 -1.55 -10.51
N CYS A 65 -10.10 -2.56 -10.00
CA CYS A 65 -11.45 -2.89 -10.46
C CYS A 65 -12.49 -2.06 -9.72
N LEU A 66 -12.25 -1.83 -8.44
CA LEU A 66 -13.18 -1.05 -7.61
C LEU A 66 -13.27 0.39 -8.11
N ASP A 67 -14.48 0.94 -8.09
CA ASP A 67 -14.71 2.31 -8.54
C ASP A 67 -15.11 3.20 -7.37
N GLU A 68 -15.43 4.46 -7.67
CA GLU A 68 -15.83 5.41 -6.64
C GLU A 68 -16.95 4.84 -5.78
N SER A 69 -18.04 4.44 -6.41
CA SER A 69 -19.18 3.88 -5.71
C SER A 69 -18.75 2.72 -4.81
N ARG A 70 -17.86 1.88 -5.32
CA ARG A 70 -17.36 0.73 -4.57
C ARG A 70 -16.65 1.19 -3.29
N PHE A 71 -15.65 2.05 -3.46
CA PHE A 71 -14.88 2.57 -2.33
C PHE A 71 -15.81 3.17 -1.28
N GLU A 72 -16.83 3.89 -1.74
CA GLU A 72 -17.78 4.52 -0.84
C GLU A 72 -18.50 3.48 0.01
N ASN A 73 -18.55 2.25 -0.49
CA ASN A 73 -19.22 1.17 0.22
C ASN A 73 -18.23 0.42 1.11
N LEU A 74 -16.95 0.50 0.77
CA LEU A 74 -15.90 -0.17 1.54
C LEU A 74 -15.56 0.64 2.79
N GLY A 75 -16.20 1.79 2.95
CA GLY A 75 -15.94 2.63 4.11
C GLY A 75 -15.43 4.00 3.72
N VAL A 76 -14.91 4.11 2.51
CA VAL A 76 -14.38 5.37 2.01
C VAL A 76 -15.50 6.31 1.56
N SER A 77 -16.42 6.61 2.46
CA SER A 77 -17.54 7.49 2.15
C SER A 77 -17.13 8.96 2.24
N SER A 78 -16.14 9.34 1.43
CA SER A 78 -15.65 10.71 1.41
C SER A 78 -15.28 11.14 0.00
N LEU A 79 -15.75 12.32 -0.40
CA LEU A 79 -15.46 12.84 -1.73
C LEU A 79 -13.96 13.04 -1.93
N GLY A 80 -13.27 13.42 -0.87
CA GLY A 80 -11.84 13.64 -0.94
C GLY A 80 -11.06 12.34 -0.89
N GLU A 81 -11.43 11.47 0.05
CA GLU A 81 -10.74 10.18 0.20
C GLU A 81 -10.76 9.40 -1.11
N ARG A 82 -11.96 9.11 -1.61
CA ARG A 82 -12.11 8.36 -2.85
C ARG A 82 -11.28 9.00 -3.97
N LYS A 83 -11.42 10.31 -4.13
CA LYS A 83 -10.70 11.04 -5.16
C LYS A 83 -9.20 10.74 -5.08
N LYS A 84 -8.73 10.44 -3.88
CA LYS A 84 -7.31 10.14 -3.67
C LYS A 84 -7.04 8.65 -3.90
N LEU A 85 -7.88 7.80 -3.34
CA LEU A 85 -7.73 6.36 -3.49
C LEU A 85 -7.78 5.96 -4.96
N LEU A 86 -8.80 6.44 -5.66
CA LEU A 86 -8.96 6.13 -7.08
C LEU A 86 -7.67 6.42 -7.85
N SER A 87 -7.05 7.55 -7.55
CA SER A 87 -5.82 7.95 -8.21
C SER A 87 -4.63 7.17 -7.67
N TYR A 88 -4.75 6.73 -6.42
CA TYR A 88 -3.69 5.96 -5.78
C TYR A 88 -3.50 4.61 -6.45
N ILE A 89 -4.55 3.80 -6.46
CA ILE A 89 -4.50 2.48 -7.08
C ILE A 89 -4.01 2.57 -8.52
N GLN A 90 -4.32 3.68 -9.17
CA GLN A 90 -3.91 3.90 -10.55
C GLN A 90 -2.40 3.91 -10.68
N ARG A 91 -1.72 4.37 -9.63
CA ARG A 91 -0.27 4.44 -9.62
C ARG A 91 0.34 3.05 -9.45
N LEU A 92 -0.51 2.07 -9.19
CA LEU A 92 -0.05 0.69 -9.01
C LEU A 92 -0.05 -0.07 -10.34
N VAL A 93 -1.24 -0.27 -10.89
CA VAL A 93 -1.39 -0.98 -12.16
C VAL A 93 -0.52 -0.34 -13.25
N GLN A 94 -0.42 0.98 -13.21
CA GLN A 94 0.38 1.71 -14.19
C GLN A 94 1.84 1.28 -14.13
N ILE A 95 2.24 0.71 -12.99
CA ILE A 95 3.62 0.26 -12.80
C ILE A 95 3.70 -1.27 -12.88
N HIS A 96 2.95 -1.94 -12.03
CA HIS A 96 2.94 -3.40 -12.01
C HIS A 96 2.42 -3.96 -13.32
N VAL A 97 3.05 -5.04 -13.80
CA VAL A 97 2.64 -5.67 -15.05
C VAL A 97 2.73 -4.69 -16.21
N ASP A 98 3.66 -3.75 -16.11
CA ASP A 98 3.84 -2.75 -17.16
C ASP A 98 5.06 -3.08 -18.02
N THR A 99 4.96 -2.83 -19.32
CA THR A 99 6.05 -3.10 -20.24
C THR A 99 7.35 -2.49 -19.75
N MET A 100 7.25 -1.35 -19.09
CA MET A 100 8.42 -0.65 -18.56
C MET A 100 8.94 -1.35 -17.30
N LYS A 101 10.17 -1.84 -17.38
CA LYS A 101 10.80 -2.53 -16.25
C LYS A 101 10.72 -1.68 -14.99
N VAL A 102 10.88 -2.33 -13.84
CA VAL A 102 10.83 -1.63 -12.56
C VAL A 102 12.02 -1.99 -11.68
N ILE A 103 12.64 -0.99 -11.07
CA ILE A 103 13.79 -1.20 -10.21
C ILE A 103 13.48 -2.24 -9.13
N GLY A 1 29.85 25.65 0.17
CA GLY A 1 30.60 24.62 0.87
C GLY A 1 30.11 24.43 2.29
N SER A 2 29.78 23.19 2.64
CA SER A 2 29.30 22.88 3.98
C SER A 2 30.37 22.14 4.77
N SER A 3 30.54 22.55 6.03
CA SER A 3 31.54 21.93 6.90
C SER A 3 31.09 21.98 8.36
N GLY A 4 31.81 21.27 9.22
CA GLY A 4 31.48 21.26 10.64
C GLY A 4 30.90 19.92 11.08
N SER A 5 31.44 19.38 12.17
CA SER A 5 30.99 18.10 12.69
C SER A 5 29.50 18.17 13.08
N SER A 6 28.97 17.04 13.50
CA SER A 6 27.56 16.97 13.90
C SER A 6 27.43 16.42 15.33
N GLY A 7 26.19 16.22 15.76
CA GLY A 7 25.94 15.71 17.09
C GLY A 7 24.96 14.56 17.10
N SER A 8 25.48 13.33 17.04
CA SER A 8 24.64 12.14 17.03
C SER A 8 25.30 11.01 17.81
N ASN A 9 24.77 10.74 19.00
CA ASN A 9 25.31 9.68 19.86
C ASN A 9 24.98 8.31 19.28
N THR A 10 25.86 7.35 19.54
CA THR A 10 25.66 5.98 19.05
C THR A 10 24.66 5.23 19.91
N PRO A 11 23.71 4.54 19.26
CA PRO A 11 22.68 3.76 19.94
C PRO A 11 23.24 2.52 20.63
N SER A 12 22.39 1.82 21.36
CA SER A 12 22.81 0.61 22.07
C SER A 12 22.31 -0.64 21.34
N ALA A 13 22.30 -0.59 20.03
CA ALA A 13 21.84 -1.72 19.21
C ALA A 13 22.41 -1.65 17.80
N GLU A 14 22.54 -2.81 17.16
CA GLU A 14 23.08 -2.88 15.81
C GLU A 14 22.16 -3.72 14.91
N ALA A 15 21.13 -3.08 14.37
CA ALA A 15 20.19 -3.77 13.49
C ALA A 15 20.04 -3.03 12.16
N ASP A 16 19.79 -3.78 11.10
CA ASP A 16 19.62 -3.20 9.78
C ASP A 16 18.30 -3.63 9.15
N TRP A 17 17.20 -3.27 9.82
CA TRP A 17 15.87 -3.62 9.33
C TRP A 17 14.86 -2.54 9.71
N SER A 18 13.86 -2.35 8.84
CA SER A 18 12.83 -1.34 9.09
C SER A 18 11.46 -1.87 8.68
N PRO A 19 10.41 -1.33 9.32
CA PRO A 19 9.03 -1.73 9.05
C PRO A 19 8.55 -1.27 7.67
N GLY A 20 8.41 -2.22 6.76
CA GLY A 20 7.97 -1.88 5.42
C GLY A 20 9.11 -1.67 4.45
N LEU A 21 9.39 -2.68 3.63
CA LEU A 21 10.48 -2.60 2.66
C LEU A 21 9.94 -2.55 1.25
N GLU A 22 9.19 -3.58 0.86
CA GLU A 22 8.61 -3.66 -0.48
C GLU A 22 7.40 -4.59 -0.49
N LEU A 23 6.88 -4.84 -1.69
CA LEU A 23 5.73 -5.72 -1.84
C LEU A 23 5.92 -6.68 -3.01
N HIS A 24 5.01 -7.64 -3.15
CA HIS A 24 5.08 -8.61 -4.23
C HIS A 24 4.84 -7.95 -5.58
N PRO A 25 5.56 -8.41 -6.60
CA PRO A 25 5.44 -7.88 -7.96
C PRO A 25 4.11 -8.24 -8.61
N ASP A 26 3.55 -9.38 -8.21
CA ASP A 26 2.29 -9.84 -8.75
C ASP A 26 1.12 -9.43 -7.86
N TYR A 27 0.69 -8.18 -8.00
CA TYR A 27 -0.41 -7.65 -7.21
C TYR A 27 -1.66 -8.51 -7.36
N LYS A 28 -1.72 -9.25 -8.48
CA LYS A 28 -2.86 -10.11 -8.75
C LYS A 28 -3.04 -11.15 -7.64
N THR A 29 -1.98 -11.38 -6.89
CA THR A 29 -2.02 -12.35 -5.80
C THR A 29 -1.67 -11.69 -4.46
N TRP A 30 -2.13 -10.45 -4.29
CA TRP A 30 -1.86 -9.71 -3.06
C TRP A 30 -2.85 -10.11 -1.97
N GLY A 31 -4.05 -10.50 -2.37
CA GLY A 31 -5.07 -10.90 -1.42
C GLY A 31 -5.49 -9.76 -0.50
N PRO A 32 -6.38 -10.06 0.46
CA PRO A 32 -6.87 -9.07 1.41
C PRO A 32 -5.81 -8.63 2.40
N GLU A 33 -4.66 -9.29 2.36
CA GLU A 33 -3.55 -8.96 3.25
C GLU A 33 -2.74 -7.78 2.72
N GLN A 34 -2.04 -8.02 1.62
CA GLN A 34 -1.22 -6.98 1.00
C GLN A 34 -2.04 -5.71 0.77
N VAL A 35 -3.26 -5.87 0.27
CA VAL A 35 -4.14 -4.75 0.00
C VAL A 35 -4.32 -3.88 1.24
N CYS A 36 -4.44 -4.54 2.40
CA CYS A 36 -4.62 -3.83 3.66
C CYS A 36 -3.38 -3.01 4.00
N SER A 37 -2.26 -3.35 3.39
CA SER A 37 -1.01 -2.65 3.63
C SER A 37 -0.77 -1.57 2.56
N PHE A 38 -1.07 -1.91 1.31
CA PHE A 38 -0.89 -0.98 0.21
C PHE A 38 -1.56 0.36 0.52
N LEU A 39 -2.83 0.32 0.88
CA LEU A 39 -3.59 1.52 1.21
C LEU A 39 -2.89 2.32 2.31
N ARG A 40 -2.30 1.60 3.25
CA ARG A 40 -1.60 2.24 4.36
C ARG A 40 -0.37 3.02 3.87
N ARG A 41 0.14 2.61 2.71
CA ARG A 41 1.31 3.27 2.12
C ARG A 41 0.91 4.58 1.46
N GLY A 42 -0.35 4.70 1.08
CA GLY A 42 -0.83 5.91 0.44
C GLY A 42 -1.24 6.97 1.44
N GLY A 43 -1.54 6.54 2.66
CA GLY A 43 -1.95 7.48 3.69
C GLY A 43 -3.25 7.07 4.38
N PHE A 44 -3.96 6.13 3.76
CA PHE A 44 -5.22 5.65 4.31
C PHE A 44 -4.98 4.63 5.43
N GLU A 45 -5.34 5.00 6.65
CA GLU A 45 -5.15 4.12 7.80
C GLU A 45 -6.48 3.85 8.49
N GLU A 46 -7.57 3.98 7.75
CA GLU A 46 -8.90 3.74 8.28
C GLU A 46 -9.14 2.25 8.52
N PRO A 47 -9.75 1.94 9.67
CA PRO A 47 -10.05 0.55 10.06
C PRO A 47 -11.14 -0.07 9.18
N VAL A 48 -12.18 0.71 8.90
CA VAL A 48 -13.28 0.24 8.08
C VAL A 48 -12.83 -0.04 6.65
N LEU A 49 -12.11 0.91 6.06
CA LEU A 49 -11.61 0.77 4.70
C LEU A 49 -10.85 -0.55 4.53
N LEU A 50 -10.02 -0.88 5.52
CA LEU A 50 -9.25 -2.10 5.48
C LEU A 50 -10.09 -3.30 5.92
N LYS A 51 -11.13 -3.02 6.70
CA LYS A 51 -12.02 -4.06 7.19
C LYS A 51 -12.78 -4.72 6.04
N ASN A 52 -13.28 -3.89 5.13
CA ASN A 52 -14.03 -4.39 3.97
C ASN A 52 -13.14 -5.26 3.09
N ILE A 53 -11.84 -4.96 3.09
CA ILE A 53 -10.89 -5.71 2.27
C ILE A 53 -10.93 -7.20 2.62
N ARG A 54 -11.10 -7.50 3.91
CA ARG A 54 -11.15 -8.88 4.37
C ARG A 54 -12.57 -9.41 4.30
N GLU A 55 -13.54 -8.52 4.26
CA GLU A 55 -14.95 -8.90 4.19
C GLU A 55 -15.35 -9.23 2.76
N ASN A 56 -14.64 -8.64 1.80
CA ASN A 56 -14.93 -8.86 0.39
C ASN A 56 -13.75 -9.53 -0.31
N GLU A 57 -12.81 -10.02 0.49
CA GLU A 57 -11.63 -10.68 -0.05
C GLU A 57 -10.95 -9.82 -1.11
N ILE A 58 -11.07 -8.51 -0.95
CA ILE A 58 -10.47 -7.57 -1.90
C ILE A 58 -8.99 -7.88 -2.11
N THR A 59 -8.61 -8.06 -3.37
CA THR A 59 -7.22 -8.36 -3.71
C THR A 59 -6.65 -7.31 -4.65
N GLY A 60 -5.33 -7.35 -4.85
CA GLY A 60 -4.68 -6.41 -5.73
C GLY A 60 -5.29 -6.39 -7.13
N ALA A 61 -5.74 -7.56 -7.58
CA ALA A 61 -6.33 -7.68 -8.90
C ALA A 61 -7.70 -6.99 -8.95
N LEU A 62 -8.28 -6.76 -7.78
CA LEU A 62 -9.59 -6.12 -7.69
C LEU A 62 -9.43 -4.64 -7.34
N LEU A 63 -8.26 -4.27 -6.84
CA LEU A 63 -7.98 -2.90 -6.47
C LEU A 63 -8.36 -1.94 -7.60
N PRO A 64 -7.74 -2.14 -8.77
CA PRO A 64 -8.00 -1.31 -9.95
C PRO A 64 -9.39 -1.54 -10.53
N CYS A 65 -10.08 -2.55 -10.00
CA CYS A 65 -11.42 -2.87 -10.47
C CYS A 65 -12.48 -2.05 -9.74
N LEU A 66 -12.24 -1.82 -8.45
CA LEU A 66 -13.16 -1.04 -7.64
C LEU A 66 -13.26 0.40 -8.13
N ASP A 67 -14.46 0.95 -8.11
CA ASP A 67 -14.69 2.32 -8.55
C ASP A 67 -15.09 3.21 -7.38
N GLU A 68 -15.42 4.47 -7.69
CA GLU A 68 -15.82 5.42 -6.66
C GLU A 68 -16.93 4.84 -5.79
N SER A 69 -18.03 4.44 -6.43
CA SER A 69 -19.16 3.87 -5.72
C SER A 69 -18.73 2.72 -4.82
N ARG A 70 -17.84 1.88 -5.34
CA ARG A 70 -17.34 0.73 -4.59
C ARG A 70 -16.64 1.19 -3.31
N PHE A 71 -15.64 2.04 -3.47
CA PHE A 71 -14.88 2.56 -2.34
C PHE A 71 -15.81 3.16 -1.28
N GLU A 72 -16.81 3.89 -1.75
CA GLU A 72 -17.78 4.52 -0.86
C GLU A 72 -18.50 3.47 -0.01
N ASN A 73 -18.54 2.25 -0.51
CA ASN A 73 -19.21 1.16 0.20
C ASN A 73 -18.22 0.40 1.07
N LEU A 74 -16.94 0.51 0.75
CA LEU A 74 -15.89 -0.16 1.50
C LEU A 74 -15.52 0.64 2.75
N GLY A 75 -16.20 1.76 2.95
CA GLY A 75 -15.92 2.60 4.10
C GLY A 75 -15.40 3.98 3.71
N VAL A 76 -14.91 4.08 2.49
CA VAL A 76 -14.38 5.35 1.99
C VAL A 76 -15.50 6.28 1.54
N SER A 77 -16.42 6.57 2.45
CA SER A 77 -17.55 7.44 2.14
C SER A 77 -17.14 8.91 2.22
N SER A 78 -16.16 9.30 1.42
CA SER A 78 -15.68 10.68 1.41
C SER A 78 -15.30 11.11 -0.01
N LEU A 79 -15.76 12.29 -0.40
CA LEU A 79 -15.48 12.82 -1.73
C LEU A 79 -13.98 13.02 -1.93
N GLY A 80 -13.29 13.40 -0.85
CA GLY A 80 -11.86 13.62 -0.93
C GLY A 80 -11.07 12.32 -0.88
N GLU A 81 -11.45 11.45 0.04
CA GLU A 81 -10.77 10.17 0.20
C GLU A 81 -10.78 9.39 -1.12
N ARG A 82 -11.97 9.10 -1.62
CA ARG A 82 -12.12 8.36 -2.86
C ARG A 82 -11.29 9.00 -3.98
N LYS A 83 -11.43 10.31 -4.12
CA LYS A 83 -10.71 11.05 -5.15
C LYS A 83 -9.21 10.75 -5.08
N LYS A 84 -8.73 10.44 -3.88
CA LYS A 84 -7.32 10.13 -3.67
C LYS A 84 -7.05 8.65 -3.91
N LEU A 85 -7.89 7.80 -3.35
CA LEU A 85 -7.73 6.36 -3.50
C LEU A 85 -7.78 5.96 -4.97
N LEU A 86 -8.79 6.46 -5.68
CA LEU A 86 -8.95 6.15 -7.10
C LEU A 86 -7.66 6.45 -7.86
N SER A 87 -7.04 7.59 -7.57
CA SER A 87 -5.80 7.97 -8.23
C SER A 87 -4.62 7.19 -7.67
N TYR A 88 -4.74 6.73 -6.43
CA TYR A 88 -3.69 5.98 -5.78
C TYR A 88 -3.50 4.62 -6.45
N ILE A 89 -4.55 3.81 -6.45
CA ILE A 89 -4.50 2.49 -7.07
C ILE A 89 -4.02 2.58 -8.52
N GLN A 90 -4.33 3.68 -9.17
CA GLN A 90 -3.92 3.89 -10.56
C GLN A 90 -2.40 3.91 -10.68
N ARG A 91 -1.74 4.37 -9.62
CA ARG A 91 -0.27 4.44 -9.61
C ARG A 91 0.34 3.06 -9.44
N LEU A 92 -0.51 2.07 -9.18
CA LEU A 92 -0.05 0.70 -8.99
C LEU A 92 -0.05 -0.06 -10.31
N VAL A 93 -1.24 -0.27 -10.88
CA VAL A 93 -1.37 -0.98 -12.14
C VAL A 93 -0.50 -0.35 -13.21
N GLN A 94 -0.41 0.98 -13.20
CA GLN A 94 0.40 1.70 -14.17
C GLN A 94 1.87 1.28 -14.10
N ILE A 95 2.25 0.71 -12.97
CA ILE A 95 3.63 0.26 -12.76
C ILE A 95 3.72 -1.26 -12.84
N HIS A 96 2.96 -1.94 -12.00
CA HIS A 96 2.96 -3.40 -11.98
C HIS A 96 2.46 -3.96 -13.30
N VAL A 97 3.10 -5.01 -13.78
CA VAL A 97 2.72 -5.66 -15.04
C VAL A 97 2.72 -4.64 -16.19
N ASP A 98 3.60 -3.65 -16.09
CA ASP A 98 3.70 -2.62 -17.11
C ASP A 98 4.92 -2.86 -18.00
N THR A 99 4.76 -2.59 -19.29
CA THR A 99 5.84 -2.77 -20.25
C THR A 99 7.12 -2.10 -19.77
N MET A 100 6.97 -1.00 -19.04
CA MET A 100 8.11 -0.25 -18.53
C MET A 100 8.46 -0.71 -17.12
N LYS A 101 9.52 -1.52 -17.00
CA LYS A 101 9.95 -2.02 -15.71
C LYS A 101 10.43 -0.88 -14.80
N VAL A 102 10.81 -1.22 -13.58
CA VAL A 102 11.28 -0.23 -12.62
C VAL A 102 12.53 -0.71 -11.90
N ILE A 103 13.48 0.19 -11.70
CA ILE A 103 14.73 -0.13 -11.02
C ILE A 103 14.96 0.76 -9.81
N GLY A 1 58.09 13.95 6.14
CA GLY A 1 56.71 13.52 6.16
C GLY A 1 56.04 13.80 7.50
N SER A 2 54.76 14.15 7.46
CA SER A 2 54.01 14.45 8.68
C SER A 2 53.26 13.21 9.16
N SER A 3 52.63 13.32 10.32
CA SER A 3 51.87 12.22 10.90
C SER A 3 50.48 12.66 11.32
N GLY A 4 49.47 12.18 10.59
CA GLY A 4 48.10 12.55 10.90
C GLY A 4 47.18 11.34 10.93
N SER A 5 47.72 10.19 11.29
CA SER A 5 46.94 8.96 11.34
C SER A 5 46.41 8.71 12.76
N SER A 6 45.14 8.33 12.84
CA SER A 6 44.51 8.07 14.14
C SER A 6 43.13 7.45 13.96
N GLY A 7 42.67 6.73 14.97
CA GLY A 7 41.37 6.09 14.90
C GLY A 7 41.47 4.59 14.65
N SER A 8 41.01 3.80 15.61
CA SER A 8 41.05 2.35 15.50
C SER A 8 39.97 1.85 14.54
N ASN A 9 40.40 1.40 13.37
CA ASN A 9 39.46 0.89 12.36
C ASN A 9 38.80 -0.40 12.84
N THR A 10 39.58 -1.48 12.86
CA THR A 10 39.08 -2.77 13.29
C THR A 10 38.03 -3.31 12.32
N PRO A 11 38.13 -4.60 11.99
CA PRO A 11 37.20 -5.26 11.06
C PRO A 11 35.81 -5.42 11.66
N SER A 12 34.94 -4.45 11.40
CA SER A 12 33.58 -4.50 11.93
C SER A 12 32.65 -3.63 11.09
N ALA A 13 31.37 -3.97 11.07
CA ALA A 13 30.37 -3.22 10.31
C ALA A 13 29.07 -3.11 11.08
N GLU A 14 28.10 -2.40 10.50
CA GLU A 14 26.81 -2.21 11.13
C GLU A 14 25.68 -2.62 10.20
N ALA A 15 24.62 -3.20 10.76
CA ALA A 15 23.48 -3.64 9.97
C ALA A 15 22.36 -2.60 10.01
N ASP A 16 21.23 -2.94 9.39
CA ASP A 16 20.10 -2.03 9.34
C ASP A 16 18.89 -2.71 8.69
N TRP A 17 17.75 -2.66 9.36
CA TRP A 17 16.53 -3.27 8.84
C TRP A 17 15.29 -2.55 9.38
N SER A 18 14.24 -2.50 8.58
CA SER A 18 13.00 -1.84 8.96
C SER A 18 11.79 -2.65 8.50
N PRO A 19 10.67 -2.49 9.22
CA PRO A 19 9.42 -3.20 8.90
C PRO A 19 8.78 -2.69 7.62
N GLY A 20 8.84 -3.51 6.57
CA GLY A 20 8.26 -3.12 5.30
C GLY A 20 9.28 -2.50 4.37
N LEU A 21 9.76 -3.28 3.40
CA LEU A 21 10.74 -2.79 2.45
C LEU A 21 10.13 -2.70 1.04
N GLU A 22 9.29 -3.66 0.70
CA GLU A 22 8.65 -3.69 -0.61
C GLU A 22 7.46 -4.64 -0.60
N LEU A 23 6.86 -4.83 -1.78
CA LEU A 23 5.70 -5.71 -1.91
C LEU A 23 5.90 -6.69 -3.07
N HIS A 24 4.99 -7.64 -3.19
CA HIS A 24 5.06 -8.63 -4.26
C HIS A 24 4.81 -7.98 -5.62
N PRO A 25 5.54 -8.46 -6.64
CA PRO A 25 5.42 -7.94 -8.01
C PRO A 25 4.10 -8.31 -8.65
N ASP A 26 3.54 -9.44 -8.25
CA ASP A 26 2.27 -9.91 -8.78
C ASP A 26 1.11 -9.48 -7.89
N TYR A 27 0.68 -8.22 -8.04
CA TYR A 27 -0.42 -7.69 -7.24
C TYR A 27 -1.67 -8.56 -7.40
N LYS A 28 -1.74 -9.29 -8.50
CA LYS A 28 -2.88 -10.16 -8.76
C LYS A 28 -3.06 -11.18 -7.65
N THR A 29 -1.99 -11.42 -6.90
CA THR A 29 -2.02 -12.38 -5.80
C THR A 29 -1.67 -11.71 -4.47
N TRP A 30 -2.12 -10.47 -4.31
CA TRP A 30 -1.85 -9.72 -3.08
C TRP A 30 -2.82 -10.12 -1.98
N GLY A 31 -4.03 -10.50 -2.37
CA GLY A 31 -5.04 -10.90 -1.41
C GLY A 31 -5.46 -9.75 -0.50
N PRO A 32 -6.35 -10.05 0.46
CA PRO A 32 -6.85 -9.04 1.41
C PRO A 32 -5.77 -8.60 2.39
N GLU A 33 -4.62 -9.26 2.35
CA GLU A 33 -3.52 -8.93 3.24
C GLU A 33 -2.71 -7.75 2.69
N GLN A 34 -2.01 -7.99 1.59
CA GLN A 34 -1.21 -6.95 0.97
C GLN A 34 -2.01 -5.69 0.74
N VAL A 35 -3.23 -5.86 0.24
CA VAL A 35 -4.12 -4.73 -0.02
C VAL A 35 -4.29 -3.86 1.22
N CYS A 36 -4.42 -4.51 2.38
CA CYS A 36 -4.59 -3.80 3.64
C CYS A 36 -3.35 -2.98 3.97
N SER A 37 -2.23 -3.33 3.34
CA SER A 37 -0.97 -2.63 3.58
C SER A 37 -0.74 -1.57 2.52
N PHE A 38 -1.05 -1.90 1.28
CA PHE A 38 -0.88 -0.96 0.17
C PHE A 38 -1.52 0.38 0.48
N LEU A 39 -2.78 0.34 0.91
CA LEU A 39 -3.51 1.56 1.25
C LEU A 39 -2.80 2.34 2.35
N ARG A 40 -2.23 1.62 3.31
CA ARG A 40 -1.51 2.24 4.42
C ARG A 40 -0.35 3.07 3.91
N ARG A 41 0.21 2.67 2.77
CA ARG A 41 1.34 3.38 2.17
C ARG A 41 0.88 4.65 1.47
N GLY A 42 -0.40 4.69 1.11
CA GLY A 42 -0.95 5.85 0.42
C GLY A 42 -1.38 6.93 1.39
N GLY A 43 -1.56 6.56 2.65
CA GLY A 43 -1.98 7.52 3.66
C GLY A 43 -3.27 7.13 4.34
N PHE A 44 -3.96 6.14 3.77
CA PHE A 44 -5.22 5.68 4.33
C PHE A 44 -4.98 4.66 5.44
N GLU A 45 -5.47 4.98 6.64
CA GLU A 45 -5.31 4.10 7.79
C GLU A 45 -6.64 3.84 8.48
N GLU A 46 -7.72 3.99 7.72
CA GLU A 46 -9.07 3.77 8.26
C GLU A 46 -9.32 2.29 8.51
N PRO A 47 -9.95 1.98 9.65
CA PRO A 47 -10.27 0.60 10.04
C PRO A 47 -11.36 0.00 9.17
N VAL A 48 -12.43 0.77 8.94
CA VAL A 48 -13.54 0.30 8.13
C VAL A 48 -13.09 -0.04 6.71
N LEU A 49 -12.18 0.78 6.18
CA LEU A 49 -11.66 0.57 4.83
C LEU A 49 -10.94 -0.77 4.73
N LEU A 50 -9.98 -0.98 5.63
CA LEU A 50 -9.22 -2.22 5.65
C LEU A 50 -10.09 -3.39 6.07
N LYS A 51 -11.19 -3.10 6.76
CA LYS A 51 -12.11 -4.13 7.22
C LYS A 51 -12.84 -4.77 6.05
N ASN A 52 -13.30 -3.94 5.12
CA ASN A 52 -14.02 -4.41 3.95
C ASN A 52 -13.11 -5.26 3.07
N ILE A 53 -11.82 -4.94 3.07
CA ILE A 53 -10.84 -5.67 2.27
C ILE A 53 -10.85 -7.16 2.62
N ARG A 54 -11.07 -7.46 3.90
CA ARG A 54 -11.10 -8.84 4.37
C ARG A 54 -12.51 -9.41 4.29
N GLU A 55 -13.50 -8.53 4.26
CA GLU A 55 -14.90 -8.94 4.18
C GLU A 55 -15.29 -9.28 2.75
N ASN A 56 -14.63 -8.64 1.80
CA ASN A 56 -14.91 -8.87 0.38
C ASN A 56 -13.73 -9.55 -0.30
N GLU A 57 -12.78 -10.03 0.49
CA GLU A 57 -11.59 -10.69 -0.03
C GLU A 57 -10.92 -9.83 -1.11
N ILE A 58 -11.05 -8.52 -0.96
CA ILE A 58 -10.45 -7.58 -1.91
C ILE A 58 -8.98 -7.89 -2.12
N THR A 59 -8.59 -8.07 -3.38
CA THR A 59 -7.21 -8.37 -3.72
C THR A 59 -6.64 -7.32 -4.69
N GLY A 60 -5.32 -7.37 -4.89
CA GLY A 60 -4.68 -6.42 -5.79
C GLY A 60 -5.30 -6.43 -7.17
N ALA A 61 -5.77 -7.59 -7.61
CA ALA A 61 -6.39 -7.73 -8.92
C ALA A 61 -7.74 -7.03 -8.96
N LEU A 62 -8.31 -6.78 -7.79
CA LEU A 62 -9.60 -6.12 -7.69
C LEU A 62 -9.44 -4.64 -7.36
N LEU A 63 -8.25 -4.28 -6.88
CA LEU A 63 -7.96 -2.90 -6.52
C LEU A 63 -8.33 -1.95 -7.66
N PRO A 64 -7.74 -2.17 -8.83
CA PRO A 64 -8.00 -1.35 -10.02
C PRO A 64 -9.40 -1.57 -10.58
N CYS A 65 -10.11 -2.56 -10.04
CA CYS A 65 -11.45 -2.87 -10.48
C CYS A 65 -12.49 -2.02 -9.74
N LEU A 66 -12.23 -1.81 -8.45
CA LEU A 66 -13.14 -1.02 -7.62
C LEU A 66 -13.20 0.43 -8.11
N ASP A 67 -14.40 1.00 -8.11
CA ASP A 67 -14.58 2.38 -8.54
C ASP A 67 -15.00 3.27 -7.38
N GLU A 68 -15.35 4.51 -7.67
CA GLU A 68 -15.76 5.46 -6.65
C GLU A 68 -16.87 4.87 -5.78
N SER A 69 -17.97 4.48 -6.42
CA SER A 69 -19.10 3.90 -5.70
C SER A 69 -18.64 2.75 -4.80
N ARG A 70 -17.79 1.89 -5.34
CA ARG A 70 -17.27 0.75 -4.60
C ARG A 70 -16.59 1.21 -3.30
N PHE A 71 -15.59 2.06 -3.45
CA PHE A 71 -14.84 2.58 -2.29
C PHE A 71 -15.80 3.19 -1.27
N GLU A 72 -16.80 3.90 -1.75
CA GLU A 72 -17.78 4.54 -0.87
C GLU A 72 -18.51 3.50 -0.03
N ASN A 73 -18.54 2.25 -0.52
CA ASN A 73 -19.20 1.17 0.19
C ASN A 73 -18.21 0.41 1.07
N LEU A 74 -16.94 0.50 0.73
CA LEU A 74 -15.90 -0.18 1.48
C LEU A 74 -15.53 0.61 2.74
N GLY A 75 -16.18 1.75 2.92
CA GLY A 75 -15.91 2.58 4.07
C GLY A 75 -15.39 3.96 3.70
N VAL A 76 -14.90 4.09 2.47
CA VAL A 76 -14.36 5.36 1.99
C VAL A 76 -15.48 6.28 1.54
N SER A 77 -16.41 6.58 2.45
CA SER A 77 -17.54 7.45 2.15
C SER A 77 -17.13 8.92 2.24
N SER A 78 -16.14 9.30 1.44
CA SER A 78 -15.65 10.67 1.43
C SER A 78 -15.28 11.11 0.01
N LEU A 79 -15.74 12.30 -0.38
CA LEU A 79 -15.46 12.83 -1.70
C LEU A 79 -13.97 13.03 -1.90
N GLY A 80 -13.28 13.41 -0.84
CA GLY A 80 -11.84 13.63 -0.92
C GLY A 80 -11.06 12.33 -0.87
N GLU A 81 -11.43 11.45 0.05
CA GLU A 81 -10.75 10.18 0.19
C GLU A 81 -10.76 9.40 -1.12
N ARG A 82 -11.95 9.11 -1.62
CA ARG A 82 -12.11 8.37 -2.87
C ARG A 82 -11.29 9.02 -3.98
N LYS A 83 -11.43 10.33 -4.12
CA LYS A 83 -10.71 11.07 -5.15
C LYS A 83 -9.21 10.78 -5.09
N LYS A 84 -8.72 10.46 -3.89
CA LYS A 84 -7.31 10.15 -3.69
C LYS A 84 -7.04 8.67 -3.95
N LEU A 85 -7.87 7.81 -3.37
CA LEU A 85 -7.72 6.38 -3.53
C LEU A 85 -7.78 5.99 -5.00
N LEU A 86 -8.78 6.50 -5.70
CA LEU A 86 -8.96 6.21 -7.13
C LEU A 86 -7.66 6.48 -7.89
N SER A 87 -7.00 7.59 -7.56
CA SER A 87 -5.76 7.96 -8.23
C SER A 87 -4.58 7.14 -7.67
N TYR A 88 -4.70 6.73 -6.42
CA TYR A 88 -3.66 5.95 -5.77
C TYR A 88 -3.48 4.60 -6.46
N ILE A 89 -4.54 3.80 -6.46
CA ILE A 89 -4.50 2.48 -7.09
C ILE A 89 -4.02 2.57 -8.54
N GLN A 90 -4.37 3.67 -9.20
CA GLN A 90 -3.98 3.88 -10.59
C GLN A 90 -2.46 3.91 -10.72
N ARG A 91 -1.79 4.34 -9.66
CA ARG A 91 -0.32 4.41 -9.65
C ARG A 91 0.29 3.03 -9.48
N LEU A 92 -0.55 2.04 -9.22
CA LEU A 92 -0.10 0.66 -9.03
C LEU A 92 -0.09 -0.09 -10.36
N VAL A 93 -1.28 -0.32 -10.90
CA VAL A 93 -1.41 -1.03 -12.17
C VAL A 93 -0.55 -0.40 -13.25
N GLN A 94 -0.49 0.92 -13.26
CA GLN A 94 0.31 1.65 -14.24
C GLN A 94 1.77 1.21 -14.18
N ILE A 95 2.18 0.69 -13.04
CA ILE A 95 3.55 0.23 -12.86
C ILE A 95 3.64 -1.29 -12.95
N HIS A 96 2.87 -1.98 -12.10
CA HIS A 96 2.87 -3.44 -12.10
C HIS A 96 2.34 -3.98 -13.42
N VAL A 97 2.96 -5.05 -13.91
CA VAL A 97 2.55 -5.67 -15.15
C VAL A 97 2.54 -4.66 -16.30
N ASP A 98 3.41 -3.66 -16.20
CA ASP A 98 3.49 -2.62 -17.23
C ASP A 98 4.70 -2.85 -18.13
N THR A 99 4.53 -2.57 -19.43
CA THR A 99 5.60 -2.75 -20.39
C THR A 99 6.88 -2.07 -19.93
N MET A 100 6.72 -0.97 -19.18
CA MET A 100 7.87 -0.23 -18.67
C MET A 100 8.47 -0.92 -17.46
N LYS A 101 9.64 -0.45 -17.03
CA LYS A 101 10.32 -1.02 -15.88
C LYS A 101 9.45 -0.95 -14.64
N VAL A 102 9.69 -1.86 -13.70
CA VAL A 102 8.92 -1.90 -12.46
C VAL A 102 9.84 -1.85 -11.24
N ILE A 103 9.77 -0.76 -10.50
CA ILE A 103 10.60 -0.59 -9.31
C ILE A 103 10.05 -1.40 -8.14
N GLY A 1 22.13 8.26 -4.45
CA GLY A 1 21.26 7.59 -3.50
C GLY A 1 21.26 8.26 -2.15
N SER A 2 20.08 8.37 -1.55
CA SER A 2 19.94 9.00 -0.24
C SER A 2 18.93 8.26 0.62
N SER A 3 19.28 8.03 1.88
CA SER A 3 18.40 7.33 2.81
C SER A 3 17.13 8.13 3.06
N GLY A 4 17.29 9.39 3.47
CA GLY A 4 16.14 10.23 3.74
C GLY A 4 16.22 10.90 5.10
N SER A 5 17.26 11.70 5.31
CA SER A 5 17.44 12.39 6.57
C SER A 5 18.39 13.57 6.42
N SER A 6 18.21 14.59 7.26
CA SER A 6 19.05 15.77 7.21
C SER A 6 20.50 15.44 7.55
N GLY A 7 21.42 15.83 6.66
CA GLY A 7 22.82 15.55 6.89
C GLY A 7 23.17 14.10 6.67
N SER A 8 24.19 13.85 5.85
CA SER A 8 24.62 12.49 5.54
C SER A 8 24.92 11.73 6.83
N ASN A 9 25.31 12.45 7.87
CA ASN A 9 25.62 11.83 9.15
C ASN A 9 24.75 12.42 10.27
N THR A 10 23.81 11.62 10.75
CA THR A 10 22.91 12.06 11.81
C THR A 10 23.38 11.56 13.17
N PRO A 11 22.91 12.22 14.24
CA PRO A 11 23.28 11.87 15.61
C PRO A 11 22.67 10.54 16.05
N SER A 12 21.37 10.38 15.80
CA SER A 12 20.67 9.15 16.17
C SER A 12 19.36 9.03 15.40
N ALA A 13 18.65 7.93 15.63
CA ALA A 13 17.38 7.69 14.95
C ALA A 13 16.74 6.39 15.43
N GLU A 14 15.49 6.48 15.88
CA GLU A 14 14.76 5.30 16.36
C GLU A 14 13.26 5.54 16.33
N ALA A 15 12.54 4.66 15.65
CA ALA A 15 11.09 4.77 15.55
C ALA A 15 10.50 3.62 14.74
N ASP A 16 9.19 3.67 14.54
CA ASP A 16 8.50 2.62 13.78
C ASP A 16 9.07 2.51 12.37
N TRP A 17 9.98 1.57 12.15
CA TRP A 17 10.59 1.37 10.85
C TRP A 17 11.42 0.09 10.84
N SER A 18 11.47 -0.57 9.68
CA SER A 18 12.23 -1.81 9.53
C SER A 18 13.02 -1.80 8.23
N PRO A 19 14.14 -2.55 8.21
CA PRO A 19 15.00 -2.65 7.03
C PRO A 19 14.35 -3.42 5.90
N GLY A 20 14.13 -2.75 4.78
CA GLY A 20 13.52 -3.39 3.63
C GLY A 20 12.02 -3.17 3.58
N LEU A 21 11.59 -2.31 2.67
CA LEU A 21 10.16 -2.00 2.52
C LEU A 21 9.72 -2.15 1.06
N GLU A 22 8.96 -3.21 0.79
CA GLU A 22 8.47 -3.46 -0.55
C GLU A 22 7.29 -4.42 -0.53
N LEU A 23 6.82 -4.81 -1.71
CA LEU A 23 5.69 -5.73 -1.82
C LEU A 23 5.88 -6.69 -2.98
N HIS A 24 4.97 -7.64 -3.13
CA HIS A 24 5.03 -8.63 -4.20
C HIS A 24 4.81 -7.97 -5.55
N PRO A 25 5.54 -8.44 -6.57
CA PRO A 25 5.45 -7.92 -7.94
C PRO A 25 4.12 -8.28 -8.60
N ASP A 26 3.56 -9.41 -8.22
CA ASP A 26 2.30 -9.87 -8.77
C ASP A 26 1.13 -9.45 -7.89
N TYR A 27 0.70 -8.20 -8.03
CA TYR A 27 -0.40 -7.67 -7.24
C TYR A 27 -1.65 -8.53 -7.40
N LYS A 28 -1.71 -9.25 -8.52
CA LYS A 28 -2.86 -10.12 -8.80
C LYS A 28 -3.04 -11.15 -7.69
N THR A 29 -1.98 -11.39 -6.93
CA THR A 29 -2.02 -12.36 -5.83
C THR A 29 -1.68 -11.69 -4.50
N TRP A 30 -2.13 -10.46 -4.33
CA TRP A 30 -1.87 -9.72 -3.11
C TRP A 30 -2.86 -10.12 -2.01
N GLY A 31 -4.06 -10.51 -2.42
CA GLY A 31 -5.08 -10.91 -1.46
C GLY A 31 -5.49 -9.77 -0.55
N PRO A 32 -6.38 -10.07 0.42
CA PRO A 32 -6.88 -9.08 1.37
C PRO A 32 -5.81 -8.65 2.36
N GLU A 33 -4.66 -9.31 2.32
CA GLU A 33 -3.56 -9.00 3.22
C GLU A 33 -2.75 -7.81 2.69
N GLN A 34 -2.05 -8.04 1.58
CA GLN A 34 -1.23 -6.99 0.98
C GLN A 34 -2.05 -5.73 0.75
N VAL A 35 -3.27 -5.89 0.25
CA VAL A 35 -4.14 -4.76 -0.01
C VAL A 35 -4.33 -3.91 1.24
N CYS A 36 -4.45 -4.57 2.39
CA CYS A 36 -4.62 -3.88 3.67
C CYS A 36 -3.39 -3.05 4.01
N SER A 37 -2.26 -3.39 3.39
CA SER A 37 -1.01 -2.69 3.64
C SER A 37 -0.77 -1.61 2.58
N PHE A 38 -1.11 -1.94 1.34
CA PHE A 38 -0.92 -1.01 0.23
C PHE A 38 -1.56 0.34 0.55
N LEU A 39 -2.84 0.32 0.92
CA LEU A 39 -3.56 1.54 1.26
C LEU A 39 -2.84 2.32 2.36
N ARG A 40 -2.24 1.59 3.30
CA ARG A 40 -1.53 2.20 4.41
C ARG A 40 -0.32 2.98 3.90
N ARG A 41 0.19 2.59 2.73
CA ARG A 41 1.35 3.24 2.14
C ARG A 41 0.95 4.56 1.48
N GLY A 42 -0.32 4.67 1.09
CA GLY A 42 -0.80 5.87 0.45
C GLY A 42 -1.20 6.94 1.46
N GLY A 43 -1.53 6.51 2.68
CA GLY A 43 -1.93 7.44 3.70
C GLY A 43 -3.21 7.04 4.40
N PHE A 44 -3.93 6.10 3.78
CA PHE A 44 -5.19 5.63 4.35
C PHE A 44 -4.95 4.63 5.47
N GLU A 45 -5.39 4.98 6.68
CA GLU A 45 -5.22 4.11 7.83
C GLU A 45 -6.54 3.86 8.53
N GLU A 46 -7.64 3.98 7.77
CA GLU A 46 -8.98 3.77 8.32
C GLU A 46 -9.23 2.28 8.55
N PRO A 47 -9.84 1.97 9.70
CA PRO A 47 -10.17 0.58 10.08
C PRO A 47 -11.27 -0.01 9.20
N VAL A 48 -12.32 0.78 8.97
CA VAL A 48 -13.44 0.34 8.15
C VAL A 48 -13.00 0.01 6.73
N LEU A 49 -12.13 0.86 6.19
CA LEU A 49 -11.62 0.67 4.83
C LEU A 49 -10.91 -0.67 4.70
N LEU A 50 -9.95 -0.92 5.59
CA LEU A 50 -9.19 -2.17 5.58
C LEU A 50 -10.08 -3.34 6.00
N LYS A 51 -11.12 -3.04 6.76
CA LYS A 51 -12.04 -4.07 7.24
C LYS A 51 -12.78 -4.72 6.06
N ASN A 52 -13.23 -3.89 5.13
CA ASN A 52 -13.95 -4.38 3.96
C ASN A 52 -13.04 -5.22 3.08
N ILE A 53 -11.75 -4.94 3.13
CA ILE A 53 -10.77 -5.67 2.33
C ILE A 53 -10.80 -7.16 2.65
N ARG A 54 -11.05 -7.47 3.92
CA ARG A 54 -11.12 -8.86 4.37
C ARG A 54 -12.53 -9.41 4.28
N GLU A 55 -13.50 -8.49 4.26
CA GLU A 55 -14.91 -8.88 4.19
C GLU A 55 -15.31 -9.20 2.75
N ASN A 56 -14.68 -8.53 1.80
CA ASN A 56 -14.97 -8.73 0.39
C ASN A 56 -13.81 -9.44 -0.31
N GLU A 57 -12.86 -9.93 0.48
CA GLU A 57 -11.70 -10.63 -0.05
C GLU A 57 -11.01 -9.79 -1.13
N ILE A 58 -11.11 -8.47 -0.99
CA ILE A 58 -10.49 -7.56 -1.94
C ILE A 58 -9.02 -7.89 -2.16
N THR A 59 -8.62 -8.02 -3.42
CA THR A 59 -7.25 -8.34 -3.76
C THR A 59 -6.67 -7.32 -4.72
N GLY A 60 -5.35 -7.36 -4.91
CA GLY A 60 -4.70 -6.42 -5.80
C GLY A 60 -5.30 -6.42 -7.20
N ALA A 61 -5.76 -7.60 -7.64
CA ALA A 61 -6.37 -7.73 -8.95
C ALA A 61 -7.72 -7.03 -9.01
N LEU A 62 -8.31 -6.81 -7.85
CA LEU A 62 -9.61 -6.14 -7.76
C LEU A 62 -9.45 -4.67 -7.42
N LEU A 63 -8.26 -4.30 -6.92
CA LEU A 63 -7.99 -2.92 -6.56
C LEU A 63 -8.36 -1.97 -7.69
N PRO A 64 -7.75 -2.18 -8.86
CA PRO A 64 -8.01 -1.35 -10.05
C PRO A 64 -9.40 -1.58 -10.63
N CYS A 65 -10.10 -2.57 -10.10
CA CYS A 65 -11.44 -2.89 -10.55
C CYS A 65 -12.49 -2.05 -9.80
N LEU A 66 -12.24 -1.81 -8.53
CA LEU A 66 -13.15 -1.03 -7.70
C LEU A 66 -13.22 0.42 -8.19
N ASP A 67 -14.41 0.98 -8.14
CA ASP A 67 -14.62 2.37 -8.58
C ASP A 67 -15.02 3.25 -7.40
N GLU A 68 -15.38 4.50 -7.71
CA GLU A 68 -15.79 5.44 -6.68
C GLU A 68 -16.89 4.85 -5.79
N SER A 69 -17.99 4.46 -6.43
CA SER A 69 -19.12 3.87 -5.70
C SER A 69 -18.65 2.73 -4.81
N ARG A 70 -17.79 1.88 -5.34
CA ARG A 70 -17.27 0.74 -4.60
C ARG A 70 -16.58 1.20 -3.31
N PHE A 71 -15.59 2.07 -3.46
CA PHE A 71 -14.84 2.59 -2.32
C PHE A 71 -15.80 3.20 -1.29
N GLU A 72 -16.81 3.90 -1.77
CA GLU A 72 -17.80 4.53 -0.89
C GLU A 72 -18.51 3.49 -0.04
N ASN A 73 -18.52 2.25 -0.51
CA ASN A 73 -19.18 1.16 0.20
C ASN A 73 -18.18 0.42 1.08
N LEU A 74 -16.90 0.52 0.74
CA LEU A 74 -15.85 -0.14 1.50
C LEU A 74 -15.49 0.66 2.75
N GLY A 75 -16.15 1.80 2.93
CA GLY A 75 -15.88 2.64 4.08
C GLY A 75 -15.36 4.01 3.70
N VAL A 76 -14.88 4.13 2.47
CA VAL A 76 -14.36 5.39 1.97
C VAL A 76 -15.47 6.32 1.51
N SER A 77 -16.40 6.60 2.42
CA SER A 77 -17.53 7.47 2.11
C SER A 77 -17.13 8.95 2.20
N SER A 78 -16.14 9.33 1.40
CA SER A 78 -15.66 10.71 1.41
C SER A 78 -15.28 11.15 -0.01
N LEU A 79 -15.80 12.30 -0.42
CA LEU A 79 -15.52 12.84 -1.75
C LEU A 79 -14.02 13.02 -1.96
N GLY A 80 -13.33 13.45 -0.91
CA GLY A 80 -11.89 13.65 -1.00
C GLY A 80 -11.12 12.35 -0.94
N GLU A 81 -11.49 11.48 0.00
CA GLU A 81 -10.82 10.20 0.17
C GLU A 81 -10.82 9.41 -1.14
N ARG A 82 -12.01 9.13 -1.66
CA ARG A 82 -12.14 8.39 -2.90
C ARG A 82 -11.32 9.03 -4.02
N LYS A 83 -11.46 10.34 -4.16
CA LYS A 83 -10.74 11.08 -5.18
C LYS A 83 -9.25 10.78 -5.12
N LYS A 84 -8.76 10.48 -3.91
CA LYS A 84 -7.35 10.17 -3.71
C LYS A 84 -7.08 8.68 -3.94
N LEU A 85 -7.91 7.84 -3.34
CA LEU A 85 -7.77 6.40 -3.48
C LEU A 85 -7.81 5.99 -4.95
N LEU A 86 -8.80 6.48 -5.68
CA LEU A 86 -8.95 6.17 -7.08
C LEU A 86 -7.65 6.43 -7.84
N SER A 87 -7.06 7.60 -7.62
CA SER A 87 -5.82 7.97 -8.28
C SER A 87 -4.64 7.19 -7.71
N TYR A 88 -4.79 6.74 -6.46
CA TYR A 88 -3.74 5.99 -5.79
C TYR A 88 -3.54 4.63 -6.46
N ILE A 89 -4.58 3.81 -6.45
CA ILE A 89 -4.51 2.48 -7.06
C ILE A 89 -4.04 2.57 -8.51
N GLN A 90 -4.31 3.70 -9.14
CA GLN A 90 -3.91 3.90 -10.53
C GLN A 90 -2.38 3.91 -10.66
N ARG A 91 -1.71 4.38 -9.62
CA ARG A 91 -0.25 4.44 -9.62
C ARG A 91 0.35 3.04 -9.45
N LEU A 92 -0.51 2.06 -9.18
CA LEU A 92 -0.07 0.68 -9.00
C LEU A 92 -0.07 -0.07 -10.33
N VAL A 93 -1.26 -0.29 -10.88
CA VAL A 93 -1.39 -1.00 -12.14
C VAL A 93 -0.52 -0.36 -13.23
N GLN A 94 -0.46 0.97 -13.22
CA GLN A 94 0.34 1.69 -14.20
C GLN A 94 1.80 1.27 -14.14
N ILE A 95 2.21 0.73 -12.99
CA ILE A 95 3.58 0.28 -12.82
C ILE A 95 3.67 -1.25 -12.91
N HIS A 96 2.94 -1.93 -12.05
CA HIS A 96 2.93 -3.39 -12.04
C HIS A 96 2.41 -3.94 -13.36
N VAL A 97 3.06 -4.99 -13.86
CA VAL A 97 2.67 -5.61 -15.12
C VAL A 97 2.68 -4.60 -16.26
N ASP A 98 3.57 -3.62 -16.16
CA ASP A 98 3.70 -2.59 -17.19
C ASP A 98 4.91 -2.85 -18.08
N THR A 99 4.77 -2.57 -19.37
CA THR A 99 5.84 -2.77 -20.32
C THR A 99 7.13 -2.10 -19.84
N MET A 100 6.99 -1.01 -19.11
CA MET A 100 8.14 -0.29 -18.57
C MET A 100 8.75 -1.02 -17.39
N LYS A 101 10.02 -0.73 -17.11
CA LYS A 101 10.73 -1.36 -16.00
C LYS A 101 10.03 -1.07 -14.67
N VAL A 102 10.35 -1.87 -13.66
CA VAL A 102 9.75 -1.69 -12.33
C VAL A 102 10.75 -2.04 -11.24
N ILE A 103 10.85 -1.16 -10.24
CA ILE A 103 11.76 -1.37 -9.13
C ILE A 103 11.07 -1.12 -7.79
N GLY A 1 25.38 10.23 44.80
CA GLY A 1 26.64 10.93 44.64
C GLY A 1 27.69 10.08 43.93
N SER A 2 28.95 10.43 44.13
CA SER A 2 30.05 9.70 43.50
C SER A 2 29.91 9.71 41.98
N SER A 3 29.60 10.88 41.42
CA SER A 3 29.44 11.01 39.98
C SER A 3 30.26 12.18 39.45
N GLY A 4 31.27 11.87 38.65
CA GLY A 4 32.13 12.90 38.09
C GLY A 4 32.91 12.42 36.88
N SER A 5 32.21 12.25 35.75
CA SER A 5 32.85 11.78 34.53
C SER A 5 32.02 12.17 33.31
N SER A 6 32.46 11.73 32.13
CA SER A 6 31.78 12.03 30.89
C SER A 6 31.32 10.75 30.19
N GLY A 7 30.08 10.73 29.74
CA GLY A 7 29.55 9.56 29.07
C GLY A 7 28.16 9.80 28.50
N SER A 8 28.11 10.31 27.27
CA SER A 8 26.83 10.60 26.62
C SER A 8 26.66 9.73 25.37
N ASN A 9 27.78 9.33 24.77
CA ASN A 9 27.76 8.50 23.58
C ASN A 9 27.27 7.10 23.90
N THR A 10 26.10 6.75 23.37
CA THR A 10 25.51 5.43 23.60
C THR A 10 24.85 4.90 22.33
N PRO A 11 25.12 3.63 22.01
CA PRO A 11 24.54 2.97 20.83
C PRO A 11 23.05 2.71 20.97
N SER A 12 22.27 3.24 20.03
CA SER A 12 20.82 3.07 20.06
C SER A 12 20.41 1.79 19.35
N ALA A 13 20.73 1.71 18.05
CA ALA A 13 20.39 0.54 17.25
C ALA A 13 21.65 -0.16 16.74
N GLU A 14 21.59 -1.48 16.64
CA GLU A 14 22.73 -2.26 16.17
C GLU A 14 22.47 -2.82 14.78
N ALA A 15 21.44 -2.29 14.12
CA ALA A 15 21.08 -2.74 12.78
C ALA A 15 20.14 -1.75 12.10
N ASP A 16 20.16 -1.73 10.78
CA ASP A 16 19.29 -0.82 10.02
C ASP A 16 18.18 -1.60 9.33
N TRP A 17 16.99 -1.58 9.92
CA TRP A 17 15.84 -2.28 9.36
C TRP A 17 14.54 -1.60 9.76
N SER A 18 13.55 -1.66 8.87
CA SER A 18 12.25 -1.04 9.13
C SER A 18 11.12 -1.94 8.64
N PRO A 19 9.94 -1.80 9.27
CA PRO A 19 8.76 -2.59 8.91
C PRO A 19 8.19 -2.20 7.55
N GLY A 20 8.36 -3.07 6.57
CA GLY A 20 7.86 -2.79 5.23
C GLY A 20 8.92 -2.17 4.33
N LEU A 21 9.50 -2.98 3.46
CA LEU A 21 10.53 -2.50 2.55
C LEU A 21 10.03 -2.52 1.11
N GLU A 22 9.20 -3.51 0.78
CA GLU A 22 8.65 -3.64 -0.56
C GLU A 22 7.47 -4.60 -0.57
N LEU A 23 6.84 -4.75 -1.73
CA LEU A 23 5.70 -5.65 -1.87
C LEU A 23 5.90 -6.61 -3.04
N HIS A 24 5.01 -7.58 -3.17
CA HIS A 24 5.08 -8.56 -4.24
C HIS A 24 4.83 -7.91 -5.59
N PRO A 25 5.57 -8.36 -6.62
CA PRO A 25 5.44 -7.84 -7.98
C PRO A 25 4.12 -8.22 -8.64
N ASP A 26 3.57 -9.36 -8.22
CA ASP A 26 2.29 -9.84 -8.76
C ASP A 26 1.14 -9.43 -7.87
N TYR A 27 0.70 -8.17 -8.02
CA TYR A 27 -0.40 -7.65 -7.21
C TYR A 27 -1.65 -8.52 -7.38
N LYS A 28 -1.71 -9.25 -8.49
CA LYS A 28 -2.85 -10.12 -8.76
C LYS A 28 -3.02 -11.15 -7.64
N THR A 29 -1.95 -11.39 -6.89
CA THR A 29 -1.98 -12.35 -5.80
C THR A 29 -1.64 -11.68 -4.47
N TRP A 30 -2.10 -10.45 -4.30
CA TRP A 30 -1.85 -9.70 -3.07
C TRP A 30 -2.84 -10.10 -1.98
N GLY A 31 -4.03 -10.49 -2.38
CA GLY A 31 -5.05 -10.89 -1.43
C GLY A 31 -5.47 -9.75 -0.51
N PRO A 32 -6.36 -10.05 0.45
CA PRO A 32 -6.86 -9.06 1.40
C PRO A 32 -5.79 -8.62 2.38
N GLU A 33 -4.64 -9.28 2.35
CA GLU A 33 -3.54 -8.95 3.24
C GLU A 33 -2.73 -7.78 2.71
N GLN A 34 -2.03 -7.99 1.60
CA GLN A 34 -1.22 -6.95 0.99
C GLN A 34 -2.04 -5.68 0.76
N VAL A 35 -3.25 -5.86 0.25
CA VAL A 35 -4.14 -4.74 -0.01
C VAL A 35 -4.33 -3.88 1.24
N CYS A 36 -4.44 -4.53 2.39
CA CYS A 36 -4.63 -3.84 3.66
C CYS A 36 -3.40 -3.01 4.00
N SER A 37 -2.26 -3.35 3.39
CA SER A 37 -1.01 -2.65 3.64
C SER A 37 -0.77 -1.58 2.58
N PHE A 38 -1.13 -1.90 1.34
CA PHE A 38 -0.94 -0.96 0.23
C PHE A 38 -1.55 0.40 0.56
N LEU A 39 -2.82 0.40 0.94
CA LEU A 39 -3.52 1.63 1.28
C LEU A 39 -2.79 2.39 2.38
N ARG A 40 -2.21 1.64 3.32
CA ARG A 40 -1.47 2.24 4.42
C ARG A 40 -0.24 2.99 3.92
N ARG A 41 0.24 2.60 2.74
CA ARG A 41 1.42 3.23 2.15
C ARG A 41 1.04 4.55 1.50
N GLY A 42 -0.21 4.68 1.10
CA GLY A 42 -0.67 5.91 0.48
C GLY A 42 -1.08 6.96 1.49
N GLY A 43 -1.36 6.53 2.71
CA GLY A 43 -1.76 7.46 3.75
C GLY A 43 -3.07 7.07 4.41
N PHE A 44 -3.81 6.17 3.76
CA PHE A 44 -5.09 5.71 4.29
C PHE A 44 -4.89 4.70 5.40
N GLU A 45 -5.38 5.03 6.59
CA GLU A 45 -5.25 4.15 7.74
C GLU A 45 -6.61 3.90 8.39
N GLU A 46 -7.66 4.03 7.59
CA GLU A 46 -9.03 3.82 8.09
C GLU A 46 -9.27 2.35 8.41
N PRO A 47 -9.90 2.08 9.55
CA PRO A 47 -10.22 0.72 10.00
C PRO A 47 -11.29 0.06 9.13
N VAL A 48 -12.38 0.78 8.90
CA VAL A 48 -13.47 0.26 8.09
C VAL A 48 -13.02 -0.02 6.66
N LEU A 49 -12.16 0.85 6.14
CA LEU A 49 -11.65 0.70 4.78
C LEU A 49 -10.90 -0.62 4.63
N LEU A 50 -9.99 -0.89 5.55
CA LEU A 50 -9.21 -2.12 5.53
C LEU A 50 -10.05 -3.31 5.95
N LYS A 51 -11.12 -3.04 6.70
CA LYS A 51 -12.01 -4.10 7.18
C LYS A 51 -12.75 -4.74 6.01
N ASN A 52 -13.30 -3.91 5.13
CA ASN A 52 -14.03 -4.40 3.97
C ASN A 52 -13.13 -5.26 3.08
N ILE A 53 -11.85 -4.95 3.08
CA ILE A 53 -10.88 -5.69 2.27
C ILE A 53 -10.92 -7.18 2.61
N ARG A 54 -11.11 -7.49 3.89
CA ARG A 54 -11.16 -8.87 4.34
C ARG A 54 -12.58 -9.42 4.27
N GLU A 55 -13.56 -8.50 4.26
CA GLU A 55 -14.96 -8.89 4.18
C GLU A 55 -15.37 -9.20 2.75
N ASN A 56 -14.64 -8.65 1.80
CA ASN A 56 -14.93 -8.87 0.38
C ASN A 56 -13.75 -9.53 -0.32
N GLU A 57 -12.80 -10.02 0.48
CA GLU A 57 -11.61 -10.68 -0.06
C GLU A 57 -10.94 -9.81 -1.12
N ILE A 58 -11.06 -8.50 -0.97
CA ILE A 58 -10.46 -7.56 -1.91
C ILE A 58 -8.98 -7.86 -2.12
N THR A 59 -8.61 -8.07 -3.38
CA THR A 59 -7.23 -8.36 -3.73
C THR A 59 -6.65 -7.32 -4.68
N GLY A 60 -5.35 -7.37 -4.89
CA GLY A 60 -4.69 -6.42 -5.78
C GLY A 60 -5.31 -6.42 -7.17
N ALA A 61 -5.75 -7.59 -7.61
CA ALA A 61 -6.37 -7.72 -8.93
C ALA A 61 -7.73 -7.04 -8.97
N LEU A 62 -8.30 -6.79 -7.80
CA LEU A 62 -9.60 -6.14 -7.71
C LEU A 62 -9.45 -4.66 -7.40
N LEU A 63 -8.28 -4.28 -6.90
CA LEU A 63 -8.00 -2.90 -6.55
C LEU A 63 -8.38 -1.97 -7.69
N PRO A 64 -7.77 -2.18 -8.87
CA PRO A 64 -8.03 -1.38 -10.06
C PRO A 64 -9.42 -1.62 -10.63
N CYS A 65 -10.11 -2.60 -10.09
CA CYS A 65 -11.47 -2.94 -10.54
C CYS A 65 -12.51 -2.11 -9.80
N LEU A 66 -12.26 -1.87 -8.52
CA LEU A 66 -13.18 -1.10 -7.69
C LEU A 66 -13.27 0.34 -8.20
N ASP A 67 -14.47 0.91 -8.14
CA ASP A 67 -14.70 2.28 -8.58
C ASP A 67 -15.10 3.18 -7.41
N GLU A 68 -15.40 4.43 -7.70
CA GLU A 68 -15.80 5.38 -6.67
C GLU A 68 -16.93 4.82 -5.82
N SER A 69 -18.01 4.40 -6.47
CA SER A 69 -19.16 3.85 -5.77
C SER A 69 -18.74 2.70 -4.86
N ARG A 70 -17.83 1.87 -5.36
CA ARG A 70 -17.34 0.72 -4.60
C ARG A 70 -16.62 1.18 -3.32
N PHE A 71 -15.63 2.05 -3.49
CA PHE A 71 -14.87 2.56 -2.36
C PHE A 71 -15.79 3.15 -1.31
N GLU A 72 -16.80 3.88 -1.76
CA GLU A 72 -17.77 4.50 -0.85
C GLU A 72 -18.48 3.46 -0.01
N ASN A 73 -18.55 2.23 -0.53
CA ASN A 73 -19.20 1.14 0.18
C ASN A 73 -18.21 0.38 1.05
N LEU A 74 -16.93 0.49 0.71
CA LEU A 74 -15.88 -0.19 1.46
C LEU A 74 -15.51 0.60 2.72
N GLY A 75 -16.18 1.73 2.91
CA GLY A 75 -15.90 2.56 4.07
C GLY A 75 -15.38 3.94 3.69
N VAL A 76 -14.89 4.07 2.46
CA VAL A 76 -14.36 5.33 1.97
C VAL A 76 -15.48 6.26 1.53
N SER A 77 -16.40 6.55 2.45
CA SER A 77 -17.52 7.43 2.14
C SER A 77 -17.12 8.90 2.25
N SER A 78 -16.13 9.28 1.45
CA SER A 78 -15.63 10.66 1.45
C SER A 78 -15.27 11.10 0.04
N LEU A 79 -15.74 12.28 -0.34
CA LEU A 79 -15.46 12.82 -1.67
C LEU A 79 -13.96 13.01 -1.87
N GLY A 80 -13.27 13.40 -0.81
CA GLY A 80 -11.84 13.62 -0.89
C GLY A 80 -11.05 12.32 -0.85
N GLU A 81 -11.43 11.43 0.08
CA GLU A 81 -10.75 10.15 0.23
C GLU A 81 -10.76 9.37 -1.09
N ARG A 82 -11.96 9.09 -1.59
CA ARG A 82 -12.10 8.35 -2.85
C ARG A 82 -11.28 9.00 -3.95
N LYS A 83 -11.41 10.32 -4.09
CA LYS A 83 -10.69 11.05 -5.11
C LYS A 83 -9.19 10.75 -5.05
N LYS A 84 -8.71 10.43 -3.84
CA LYS A 84 -7.31 10.11 -3.64
C LYS A 84 -7.03 8.63 -3.90
N LEU A 85 -7.89 7.78 -3.33
CA LEU A 85 -7.75 6.34 -3.51
C LEU A 85 -7.80 5.95 -4.98
N LEU A 86 -8.80 6.46 -5.68
CA LEU A 86 -8.97 6.17 -7.11
C LEU A 86 -7.68 6.44 -7.87
N SER A 87 -7.07 7.58 -7.57
CA SER A 87 -5.82 7.98 -8.23
C SER A 87 -4.64 7.18 -7.68
N TYR A 88 -4.77 6.73 -6.43
CA TYR A 88 -3.71 5.95 -5.79
C TYR A 88 -3.52 4.61 -6.48
N ILE A 89 -4.57 3.80 -6.49
CA ILE A 89 -4.52 2.49 -7.12
C ILE A 89 -4.03 2.59 -8.55
N GLN A 90 -4.40 3.67 -9.23
CA GLN A 90 -3.99 3.88 -10.62
C GLN A 90 -2.47 3.93 -10.74
N ARG A 91 -1.81 4.35 -9.67
CA ARG A 91 -0.36 4.43 -9.66
C ARG A 91 0.27 3.05 -9.49
N LEU A 92 -0.58 2.05 -9.22
CA LEU A 92 -0.11 0.68 -9.02
C LEU A 92 -0.10 -0.07 -10.35
N VAL A 93 -1.28 -0.31 -10.90
CA VAL A 93 -1.41 -1.03 -12.16
C VAL A 93 -0.53 -0.39 -13.25
N GLN A 94 -0.48 0.93 -13.25
CA GLN A 94 0.32 1.66 -14.23
C GLN A 94 1.78 1.24 -14.17
N ILE A 95 2.18 0.71 -13.01
CA ILE A 95 3.55 0.26 -12.82
C ILE A 95 3.66 -1.26 -12.91
N HIS A 96 2.91 -1.94 -12.05
CA HIS A 96 2.91 -3.40 -12.03
C HIS A 96 2.40 -3.96 -13.35
N VAL A 97 3.03 -5.03 -13.82
CA VAL A 97 2.63 -5.66 -15.07
C VAL A 97 2.71 -4.68 -16.24
N ASP A 98 3.63 -3.74 -16.15
CA ASP A 98 3.82 -2.74 -17.19
C ASP A 98 5.05 -3.06 -18.04
N THR A 99 4.94 -2.80 -19.34
CA THR A 99 6.04 -3.07 -20.26
C THR A 99 7.33 -2.44 -19.76
N MET A 100 7.21 -1.30 -19.09
CA MET A 100 8.38 -0.60 -18.55
C MET A 100 8.65 -1.02 -17.11
N LYS A 101 9.72 -0.49 -16.53
CA LYS A 101 10.09 -0.81 -15.16
C LYS A 101 10.21 0.46 -14.32
N VAL A 102 10.65 0.30 -13.07
CA VAL A 102 10.81 1.43 -12.17
C VAL A 102 11.64 2.54 -12.81
N ILE A 103 11.03 3.71 -12.95
CA ILE A 103 11.72 4.85 -13.55
C ILE A 103 12.63 5.53 -12.54
N GLY A 1 40.97 -9.40 33.98
CA GLY A 1 40.22 -9.93 32.85
C GLY A 1 39.16 -10.92 33.28
N SER A 2 38.37 -10.55 34.28
CA SER A 2 37.32 -11.43 34.80
C SER A 2 36.34 -11.81 33.69
N SER A 3 36.47 -13.03 33.19
CA SER A 3 35.59 -13.52 32.12
C SER A 3 35.74 -12.65 30.88
N GLY A 4 36.96 -12.22 30.61
CA GLY A 4 37.21 -11.39 29.44
C GLY A 4 38.42 -11.84 28.66
N SER A 5 38.19 -12.39 27.47
CA SER A 5 39.27 -12.88 26.62
C SER A 5 39.89 -11.73 25.82
N SER A 6 41.12 -11.37 26.16
CA SER A 6 41.82 -10.28 25.48
C SER A 6 42.77 -10.83 24.43
N GLY A 7 42.81 -10.17 23.28
CA GLY A 7 43.69 -10.61 22.20
C GLY A 7 42.98 -11.53 21.21
N SER A 8 41.78 -11.14 20.81
CA SER A 8 41.00 -11.93 19.86
C SER A 8 40.50 -11.07 18.71
N ASN A 9 40.10 -11.72 17.62
CA ASN A 9 39.59 -11.02 16.45
C ASN A 9 38.38 -10.17 16.81
N THR A 10 37.55 -10.67 17.73
CA THR A 10 36.36 -9.97 18.15
C THR A 10 35.35 -9.86 17.02
N PRO A 11 34.07 -10.13 17.34
CA PRO A 11 32.99 -10.07 16.36
C PRO A 11 32.68 -8.65 15.92
N SER A 12 32.96 -8.34 14.66
CA SER A 12 32.71 -7.01 14.11
C SER A 12 31.71 -7.07 12.96
N ALA A 13 30.43 -7.13 13.29
CA ALA A 13 29.38 -7.19 12.29
C ALA A 13 28.03 -6.78 12.88
N GLU A 14 27.17 -6.21 12.04
CA GLU A 14 25.85 -5.78 12.47
C GLU A 14 24.84 -5.87 11.34
N ALA A 15 23.64 -6.33 11.66
CA ALA A 15 22.58 -6.47 10.66
C ALA A 15 21.80 -5.17 10.50
N ASP A 16 20.80 -5.19 9.63
CA ASP A 16 19.98 -4.00 9.39
C ASP A 16 18.63 -4.40 8.80
N TRP A 17 17.56 -3.95 9.46
CA TRP A 17 16.20 -4.25 9.01
C TRP A 17 15.22 -3.19 9.48
N SER A 18 14.19 -2.93 8.67
CA SER A 18 13.18 -1.94 9.02
C SER A 18 11.79 -2.43 8.65
N PRO A 19 10.77 -1.91 9.36
CA PRO A 19 9.38 -2.29 9.12
C PRO A 19 8.85 -1.75 7.80
N GLY A 20 8.66 -2.64 6.83
CA GLY A 20 8.16 -2.23 5.53
C GLY A 20 9.27 -1.99 4.53
N LEU A 21 9.49 -2.95 3.65
CA LEU A 21 10.53 -2.83 2.63
C LEU A 21 9.93 -2.70 1.24
N GLU A 22 9.31 -3.79 0.77
CA GLU A 22 8.70 -3.80 -0.55
C GLU A 22 7.50 -4.75 -0.59
N LEU A 23 6.88 -4.88 -1.76
CA LEU A 23 5.73 -5.76 -1.92
C LEU A 23 5.94 -6.70 -3.10
N HIS A 24 5.04 -7.67 -3.23
CA HIS A 24 5.11 -8.64 -4.33
C HIS A 24 4.84 -7.96 -5.67
N PRO A 25 5.56 -8.41 -6.71
CA PRO A 25 5.43 -7.86 -8.06
C PRO A 25 4.10 -8.24 -8.71
N ASP A 26 3.55 -9.36 -8.29
CA ASP A 26 2.27 -9.84 -8.82
C ASP A 26 1.12 -9.42 -7.92
N TYR A 27 0.69 -8.18 -8.05
CA TYR A 27 -0.41 -7.65 -7.24
C TYR A 27 -1.66 -8.52 -7.40
N LYS A 28 -1.73 -9.24 -8.51
CA LYS A 28 -2.87 -10.11 -8.79
C LYS A 28 -3.05 -11.14 -7.68
N THR A 29 -1.98 -11.38 -6.92
CA THR A 29 -2.02 -12.35 -5.83
C THR A 29 -1.67 -11.68 -4.50
N TRP A 30 -2.12 -10.45 -4.32
CA TRP A 30 -1.86 -9.70 -3.10
C TRP A 30 -2.84 -10.11 -2.01
N GLY A 31 -4.05 -10.50 -2.40
CA GLY A 31 -5.06 -10.89 -1.44
C GLY A 31 -5.46 -9.76 -0.53
N PRO A 32 -6.36 -10.06 0.43
CA PRO A 32 -6.85 -9.07 1.39
C PRO A 32 -5.79 -8.64 2.38
N GLU A 33 -4.64 -9.32 2.34
CA GLU A 33 -3.54 -9.00 3.24
C GLU A 33 -2.72 -7.82 2.71
N GLN A 34 -2.03 -8.05 1.60
CA GLN A 34 -1.20 -7.00 1.00
C GLN A 34 -2.01 -5.73 0.77
N VAL A 35 -3.23 -5.89 0.27
CA VAL A 35 -4.11 -4.75 0.01
C VAL A 35 -4.29 -3.90 1.26
N CYS A 36 -4.39 -4.56 2.41
CA CYS A 36 -4.57 -3.87 3.68
C CYS A 36 -3.33 -3.05 4.03
N SER A 37 -2.21 -3.40 3.40
CA SER A 37 -0.95 -2.70 3.66
C SER A 37 -0.70 -1.64 2.60
N PHE A 38 -1.06 -1.95 1.36
CA PHE A 38 -0.87 -1.03 0.25
C PHE A 38 -1.46 0.34 0.57
N LEU A 39 -2.74 0.35 0.96
CA LEU A 39 -3.43 1.59 1.30
C LEU A 39 -2.67 2.34 2.40
N ARG A 40 -2.13 1.60 3.35
CA ARG A 40 -1.38 2.20 4.45
C ARG A 40 -0.18 2.97 3.94
N ARG A 41 0.28 2.61 2.74
CA ARG A 41 1.42 3.28 2.13
C ARG A 41 1.03 4.63 1.54
N GLY A 42 -0.25 4.77 1.21
CA GLY A 42 -0.73 6.02 0.64
C GLY A 42 -1.14 7.02 1.70
N GLY A 43 -1.51 6.51 2.87
CA GLY A 43 -1.92 7.38 3.96
C GLY A 43 -3.23 6.94 4.59
N PHE A 44 -3.95 6.06 3.90
CA PHE A 44 -5.23 5.56 4.41
C PHE A 44 -5.01 4.55 5.53
N GLU A 45 -5.51 4.88 6.71
CA GLU A 45 -5.38 4.00 7.87
C GLU A 45 -6.72 3.76 8.54
N GLU A 46 -7.79 3.90 7.76
CA GLU A 46 -9.14 3.71 8.29
C GLU A 46 -9.42 2.22 8.53
N PRO A 47 -10.06 1.93 9.66
CA PRO A 47 -10.40 0.55 10.05
C PRO A 47 -11.48 -0.05 9.16
N VAL A 48 -12.52 0.75 8.90
CA VAL A 48 -13.63 0.29 8.06
C VAL A 48 -13.16 0.00 6.64
N LEU A 49 -12.19 0.78 6.17
CA LEU A 49 -11.64 0.60 4.82
C LEU A 49 -10.93 -0.74 4.70
N LEU A 50 -10.00 -0.99 5.61
CA LEU A 50 -9.23 -2.24 5.61
C LEU A 50 -10.11 -3.41 6.03
N LYS A 51 -11.17 -3.12 6.77
CA LYS A 51 -12.08 -4.15 7.24
C LYS A 51 -12.83 -4.78 6.07
N ASN A 52 -13.29 -3.94 5.14
CA ASN A 52 -14.02 -4.42 3.98
C ASN A 52 -13.11 -5.28 3.08
N ILE A 53 -11.82 -4.97 3.09
CA ILE A 53 -10.86 -5.69 2.27
C ILE A 53 -10.87 -7.18 2.63
N ARG A 54 -11.08 -7.48 3.90
CA ARG A 54 -11.12 -8.86 4.37
C ARG A 54 -12.54 -9.42 4.30
N GLU A 55 -13.53 -8.53 4.26
CA GLU A 55 -14.92 -8.93 4.20
C GLU A 55 -15.33 -9.25 2.77
N ASN A 56 -14.62 -8.66 1.80
CA ASN A 56 -14.92 -8.87 0.39
C ASN A 56 -13.73 -9.54 -0.31
N GLU A 57 -12.78 -10.03 0.48
CA GLU A 57 -11.60 -10.69 -0.07
C GLU A 57 -10.93 -9.82 -1.13
N ILE A 58 -11.05 -8.51 -0.97
CA ILE A 58 -10.46 -7.57 -1.91
C ILE A 58 -8.97 -7.87 -2.13
N THR A 59 -8.61 -8.08 -3.39
CA THR A 59 -7.22 -8.38 -3.74
C THR A 59 -6.66 -7.33 -4.69
N GLY A 60 -5.34 -7.37 -4.88
CA GLY A 60 -4.69 -6.42 -5.76
C GLY A 60 -5.30 -6.41 -7.16
N ALA A 61 -5.76 -7.57 -7.60
CA ALA A 61 -6.37 -7.69 -8.92
C ALA A 61 -7.72 -6.99 -8.97
N LEU A 62 -8.31 -6.78 -7.80
CA LEU A 62 -9.62 -6.13 -7.71
C LEU A 62 -9.45 -4.65 -7.34
N LEU A 63 -8.27 -4.30 -6.85
CA LEU A 63 -7.99 -2.92 -6.47
C LEU A 63 -8.37 -1.95 -7.59
N PRO A 64 -7.76 -2.14 -8.77
CA PRO A 64 -8.02 -1.31 -9.94
C PRO A 64 -9.42 -1.52 -10.51
N CYS A 65 -10.11 -2.54 -9.99
CA CYS A 65 -11.45 -2.85 -10.46
C CYS A 65 -12.50 -2.03 -9.72
N LEU A 66 -12.25 -1.80 -8.43
CA LEU A 66 -13.18 -1.02 -7.61
C LEU A 66 -13.26 0.41 -8.09
N ASP A 67 -14.48 0.97 -8.08
CA ASP A 67 -14.70 2.34 -8.52
C ASP A 67 -15.09 3.23 -7.35
N GLU A 68 -15.42 4.48 -7.65
CA GLU A 68 -15.81 5.44 -6.63
C GLU A 68 -16.91 4.87 -5.75
N SER A 69 -18.02 4.48 -6.37
CA SER A 69 -19.15 3.91 -5.65
C SER A 69 -18.72 2.77 -4.75
N ARG A 70 -17.84 1.92 -5.28
CA ARG A 70 -17.35 0.77 -4.52
C ARG A 70 -16.63 1.23 -3.27
N PHE A 71 -15.62 2.08 -3.43
CA PHE A 71 -14.85 2.60 -2.31
C PHE A 71 -15.77 3.21 -1.26
N GLU A 72 -16.80 3.92 -1.72
CA GLU A 72 -17.75 4.56 -0.82
C GLU A 72 -18.47 3.53 0.04
N ASN A 73 -18.52 2.29 -0.45
CA ASN A 73 -19.17 1.21 0.29
C ASN A 73 -18.18 0.47 1.17
N LEU A 74 -16.91 0.53 0.80
CA LEU A 74 -15.86 -0.14 1.55
C LEU A 74 -15.50 0.65 2.81
N GLY A 75 -16.12 1.82 2.96
CA GLY A 75 -15.85 2.66 4.11
C GLY A 75 -15.33 4.02 3.73
N VAL A 76 -14.81 4.14 2.52
CA VAL A 76 -14.27 5.40 2.04
C VAL A 76 -15.38 6.33 1.58
N SER A 77 -16.28 6.66 2.50
CA SER A 77 -17.41 7.54 2.20
C SER A 77 -16.98 9.00 2.29
N SER A 78 -16.00 9.38 1.47
CA SER A 78 -15.50 10.75 1.46
C SER A 78 -15.16 11.19 0.05
N LEU A 79 -15.73 12.31 -0.37
CA LEU A 79 -15.49 12.85 -1.71
C LEU A 79 -14.00 13.02 -1.96
N GLY A 80 -13.27 13.43 -0.91
CA GLY A 80 -11.84 13.64 -1.03
C GLY A 80 -11.06 12.34 -0.97
N GLU A 81 -11.41 11.48 -0.02
CA GLU A 81 -10.73 10.20 0.15
C GLU A 81 -10.76 9.40 -1.15
N ARG A 82 -11.95 9.15 -1.67
CA ARG A 82 -12.11 8.39 -2.90
C ARG A 82 -11.32 9.02 -4.03
N LYS A 83 -11.46 10.34 -4.19
CA LYS A 83 -10.76 11.07 -5.24
C LYS A 83 -9.26 10.79 -5.18
N LYS A 84 -8.76 10.48 -3.98
CA LYS A 84 -7.35 10.19 -3.80
C LYS A 84 -7.07 8.70 -4.02
N LEU A 85 -7.91 7.86 -3.41
CA LEU A 85 -7.76 6.41 -3.54
C LEU A 85 -7.82 5.98 -5.01
N LEU A 86 -8.83 6.46 -5.71
CA LEU A 86 -9.01 6.12 -7.12
C LEU A 86 -7.73 6.40 -7.90
N SER A 87 -7.14 7.57 -7.68
CA SER A 87 -5.91 7.95 -8.37
C SER A 87 -4.71 7.20 -7.80
N TYR A 88 -4.84 6.75 -6.55
CA TYR A 88 -3.76 6.02 -5.89
C TYR A 88 -3.56 4.65 -6.55
N ILE A 89 -4.59 3.83 -6.53
CA ILE A 89 -4.52 2.50 -7.13
C ILE A 89 -4.05 2.57 -8.58
N GLN A 90 -4.30 3.70 -9.22
CA GLN A 90 -3.89 3.90 -10.61
C GLN A 90 -2.37 3.90 -10.74
N ARG A 91 -1.69 4.38 -9.70
CA ARG A 91 -0.24 4.44 -9.69
C ARG A 91 0.36 3.05 -9.50
N LEU A 92 -0.49 2.07 -9.22
CA LEU A 92 -0.05 0.69 -9.02
C LEU A 92 -0.05 -0.08 -10.33
N VAL A 93 -1.24 -0.28 -10.90
CA VAL A 93 -1.38 -1.00 -12.15
C VAL A 93 -0.50 -0.39 -13.23
N GLN A 94 -0.41 0.94 -13.22
CA GLN A 94 0.40 1.65 -14.21
C GLN A 94 1.87 1.23 -14.11
N ILE A 95 2.24 0.64 -12.99
CA ILE A 95 3.61 0.19 -12.77
C ILE A 95 3.71 -1.33 -12.84
N HIS A 96 2.95 -1.99 -11.98
CA HIS A 96 2.95 -3.46 -11.94
C HIS A 96 2.45 -4.04 -13.26
N VAL A 97 3.10 -5.09 -13.72
CA VAL A 97 2.73 -5.74 -14.97
C VAL A 97 2.79 -4.76 -16.14
N ASP A 98 3.69 -3.80 -16.05
CA ASP A 98 3.85 -2.80 -17.09
C ASP A 98 5.08 -3.09 -17.94
N THR A 99 4.97 -2.86 -19.24
CA THR A 99 6.07 -3.10 -20.17
C THR A 99 7.36 -2.45 -19.67
N MET A 100 7.21 -1.33 -18.97
CA MET A 100 8.36 -0.61 -18.44
C MET A 100 8.83 -1.21 -17.11
N LYS A 101 10.10 -1.02 -16.78
CA LYS A 101 10.66 -1.55 -15.55
C LYS A 101 11.68 -0.58 -14.96
N VAL A 102 12.31 -0.98 -13.86
CA VAL A 102 13.31 -0.16 -13.21
C VAL A 102 13.97 -0.90 -12.05
N ILE A 103 15.29 -0.74 -11.92
CA ILE A 103 16.03 -1.40 -10.86
C ILE A 103 16.62 -0.38 -9.89
N GLY A 1 13.08 13.65 14.94
CA GLY A 1 11.97 13.53 14.01
C GLY A 1 11.77 12.10 13.53
N SER A 2 11.99 11.14 14.43
CA SER A 2 11.83 9.74 14.10
C SER A 2 11.02 9.01 15.17
N SER A 3 10.31 7.96 14.75
CA SER A 3 9.49 7.19 15.68
C SER A 3 10.17 5.87 16.03
N GLY A 4 10.64 5.77 17.27
CA GLY A 4 11.31 4.57 17.72
C GLY A 4 10.36 3.58 18.37
N SER A 5 10.57 2.29 18.13
CA SER A 5 9.72 1.25 18.69
C SER A 5 10.51 -0.04 18.88
N SER A 6 10.29 -0.70 20.02
CA SER A 6 10.97 -1.95 20.33
C SER A 6 10.20 -3.15 19.77
N GLY A 7 10.89 -4.28 19.65
CA GLY A 7 10.27 -5.47 19.13
C GLY A 7 10.70 -6.73 19.86
N SER A 8 11.68 -7.43 19.29
CA SER A 8 12.18 -8.66 19.90
C SER A 8 13.51 -8.41 20.62
N ASN A 9 13.94 -9.38 21.42
CA ASN A 9 15.18 -9.26 22.15
C ASN A 9 16.07 -10.48 21.92
N THR A 10 16.24 -10.85 20.65
CA THR A 10 17.06 -11.99 20.29
C THR A 10 18.53 -11.60 20.19
N PRO A 11 19.41 -12.49 20.67
CA PRO A 11 20.86 -12.26 20.65
C PRO A 11 21.43 -12.31 19.23
N SER A 12 21.41 -11.17 18.55
CA SER A 12 21.92 -11.08 17.18
C SER A 12 22.39 -9.67 16.87
N ALA A 13 23.35 -9.57 15.95
CA ALA A 13 23.89 -8.28 15.56
C ALA A 13 23.39 -7.86 14.18
N GLU A 14 22.07 -7.93 14.00
CA GLU A 14 21.46 -7.56 12.72
C GLU A 14 20.88 -6.15 12.78
N ALA A 15 21.67 -5.18 12.31
CA ALA A 15 21.24 -3.79 12.30
C ALA A 15 21.12 -3.26 10.88
N ASP A 16 20.71 -4.13 9.96
CA ASP A 16 20.54 -3.75 8.56
C ASP A 16 19.17 -4.17 8.04
N TRP A 17 18.13 -3.87 8.83
CA TRP A 17 16.77 -4.21 8.45
C TRP A 17 15.78 -3.20 9.03
N SER A 18 14.69 -2.95 8.30
CA SER A 18 13.68 -2.01 8.73
C SER A 18 12.28 -2.53 8.43
N PRO A 19 11.28 -2.09 9.21
CA PRO A 19 9.89 -2.51 9.05
C PRO A 19 9.27 -1.94 7.77
N GLY A 20 9.04 -2.80 6.80
CA GLY A 20 8.45 -2.36 5.54
C GLY A 20 9.50 -2.04 4.49
N LEU A 21 9.70 -2.96 3.56
CA LEU A 21 10.67 -2.76 2.49
C LEU A 21 9.98 -2.61 1.14
N GLU A 22 9.35 -3.68 0.68
CA GLU A 22 8.65 -3.66 -0.59
C GLU A 22 7.48 -4.65 -0.60
N LEU A 23 6.85 -4.81 -1.75
CA LEU A 23 5.72 -5.73 -1.88
C LEU A 23 5.93 -6.68 -3.06
N HIS A 24 5.02 -7.65 -3.18
CA HIS A 24 5.09 -8.63 -4.26
C HIS A 24 4.85 -7.97 -5.61
N PRO A 25 5.58 -8.42 -6.64
CA PRO A 25 5.46 -7.89 -8.00
C PRO A 25 4.12 -8.26 -8.65
N ASP A 26 3.58 -9.40 -8.23
CA ASP A 26 2.31 -9.87 -8.77
C ASP A 26 1.14 -9.45 -7.88
N TYR A 27 0.71 -8.20 -8.03
CA TYR A 27 -0.39 -7.68 -7.23
C TYR A 27 -1.64 -8.54 -7.39
N LYS A 28 -1.71 -9.27 -8.50
CA LYS A 28 -2.85 -10.14 -8.77
C LYS A 28 -3.02 -11.18 -7.66
N THR A 29 -1.96 -11.40 -6.90
CA THR A 29 -1.99 -12.37 -5.80
C THR A 29 -1.67 -11.70 -4.46
N TRP A 30 -2.12 -10.46 -4.31
CA TRP A 30 -1.88 -9.72 -3.08
C TRP A 30 -2.88 -10.11 -1.99
N GLY A 31 -4.08 -10.51 -2.42
CA GLY A 31 -5.09 -10.90 -1.47
C GLY A 31 -5.51 -9.78 -0.55
N PRO A 32 -6.41 -10.08 0.40
CA PRO A 32 -6.91 -9.09 1.36
C PRO A 32 -5.85 -8.67 2.36
N GLU A 33 -4.69 -9.33 2.32
CA GLU A 33 -3.59 -9.02 3.22
C GLU A 33 -2.78 -7.84 2.70
N GLN A 34 -2.07 -8.06 1.59
CA GLN A 34 -1.24 -7.01 1.00
C GLN A 34 -2.06 -5.75 0.78
N VAL A 35 -3.27 -5.91 0.27
CA VAL A 35 -4.15 -4.77 0.00
C VAL A 35 -4.35 -3.92 1.25
N CYS A 36 -4.46 -4.58 2.40
CA CYS A 36 -4.64 -3.89 3.67
C CYS A 36 -3.40 -3.06 4.02
N SER A 37 -2.27 -3.41 3.42
CA SER A 37 -1.02 -2.71 3.66
C SER A 37 -0.77 -1.64 2.60
N PHE A 38 -1.11 -1.96 1.36
CA PHE A 38 -0.93 -1.04 0.26
C PHE A 38 -1.54 0.33 0.58
N LEU A 39 -2.81 0.33 0.94
CA LEU A 39 -3.51 1.56 1.28
C LEU A 39 -2.77 2.33 2.37
N ARG A 40 -2.25 1.60 3.35
CA ARG A 40 -1.51 2.21 4.45
C ARG A 40 -0.31 3.00 3.94
N ARG A 41 0.18 2.62 2.76
CA ARG A 41 1.33 3.29 2.16
C ARG A 41 0.91 4.60 1.50
N GLY A 42 -0.36 4.67 1.08
CA GLY A 42 -0.87 5.87 0.44
C GLY A 42 -1.26 6.94 1.45
N GLY A 43 -1.52 6.52 2.68
CA GLY A 43 -1.91 7.46 3.71
C GLY A 43 -3.19 7.06 4.42
N PHE A 44 -3.93 6.14 3.80
CA PHE A 44 -5.20 5.66 4.37
C PHE A 44 -4.94 4.66 5.49
N GLU A 45 -5.31 5.04 6.72
CA GLU A 45 -5.12 4.18 7.87
C GLU A 45 -6.45 3.90 8.57
N GLU A 46 -7.54 4.01 7.81
CA GLU A 46 -8.87 3.77 8.35
C GLU A 46 -9.11 2.28 8.58
N PRO A 47 -9.72 1.94 9.73
CA PRO A 47 -10.02 0.56 10.10
C PRO A 47 -11.11 -0.04 9.22
N VAL A 48 -12.15 0.74 8.94
CA VAL A 48 -13.26 0.27 8.12
C VAL A 48 -12.80 -0.01 6.69
N LEU A 49 -12.07 0.93 6.12
CA LEU A 49 -11.56 0.78 4.75
C LEU A 49 -10.83 -0.55 4.59
N LEU A 50 -10.02 -0.90 5.58
CA LEU A 50 -9.26 -2.14 5.55
C LEU A 50 -10.13 -3.32 5.98
N LYS A 51 -11.16 -3.04 6.76
CA LYS A 51 -12.07 -4.07 7.24
C LYS A 51 -12.82 -4.72 6.07
N ASN A 52 -13.24 -3.89 5.12
CA ASN A 52 -13.96 -4.38 3.95
C ASN A 52 -13.06 -5.24 3.07
N ILE A 53 -11.76 -4.96 3.12
CA ILE A 53 -10.80 -5.70 2.32
C ILE A 53 -10.84 -7.19 2.65
N ARG A 54 -11.09 -7.50 3.91
CA ARG A 54 -11.15 -8.90 4.36
C ARG A 54 -12.58 -9.42 4.27
N GLU A 55 -13.55 -8.50 4.25
CA GLU A 55 -14.96 -8.86 4.17
C GLU A 55 -15.36 -9.18 2.73
N ASN A 56 -14.69 -8.54 1.79
CA ASN A 56 -14.98 -8.74 0.37
C ASN A 56 -13.82 -9.44 -0.33
N GLU A 57 -12.87 -9.94 0.47
CA GLU A 57 -11.72 -10.64 -0.08
C GLU A 57 -11.02 -9.80 -1.14
N ILE A 58 -11.12 -8.47 -1.01
CA ILE A 58 -10.50 -7.56 -1.95
C ILE A 58 -9.03 -7.90 -2.17
N THR A 59 -8.63 -8.02 -3.43
CA THR A 59 -7.26 -8.33 -3.77
C THR A 59 -6.68 -7.31 -4.72
N GLY A 60 -5.36 -7.36 -4.91
CA GLY A 60 -4.70 -6.42 -5.80
C GLY A 60 -5.30 -6.42 -7.20
N ALA A 61 -5.75 -7.59 -7.64
CA ALA A 61 -6.36 -7.72 -8.97
C ALA A 61 -7.71 -7.02 -9.01
N LEU A 62 -8.31 -6.79 -7.85
CA LEU A 62 -9.60 -6.14 -7.77
C LEU A 62 -9.44 -4.65 -7.42
N LEU A 63 -8.27 -4.29 -6.92
CA LEU A 63 -7.98 -2.91 -6.56
C LEU A 63 -8.35 -1.96 -7.69
N PRO A 64 -7.74 -2.17 -8.86
CA PRO A 64 -7.99 -1.34 -10.05
C PRO A 64 -9.38 -1.57 -10.63
N CYS A 65 -10.09 -2.56 -10.09
CA CYS A 65 -11.43 -2.87 -10.55
C CYS A 65 -12.48 -2.05 -9.81
N LEU A 66 -12.22 -1.80 -8.52
CA LEU A 66 -13.13 -1.03 -7.71
C LEU A 66 -13.23 0.42 -8.20
N ASP A 67 -14.43 0.97 -8.15
CA ASP A 67 -14.67 2.34 -8.59
C ASP A 67 -15.06 3.24 -7.42
N GLU A 68 -15.42 4.47 -7.72
CA GLU A 68 -15.82 5.43 -6.69
C GLU A 68 -16.92 4.84 -5.81
N SER A 69 -18.02 4.44 -6.44
CA SER A 69 -19.15 3.87 -5.72
C SER A 69 -18.70 2.72 -4.83
N ARG A 70 -17.81 1.88 -5.35
CA ARG A 70 -17.29 0.74 -4.60
C ARG A 70 -16.60 1.19 -3.33
N PHE A 71 -15.60 2.06 -3.48
CA PHE A 71 -14.86 2.57 -2.33
C PHE A 71 -15.80 3.16 -1.29
N GLU A 72 -16.81 3.89 -1.76
CA GLU A 72 -17.78 4.52 -0.87
C GLU A 72 -18.49 3.47 -0.01
N ASN A 73 -18.52 2.23 -0.50
CA ASN A 73 -19.17 1.14 0.21
C ASN A 73 -18.16 0.39 1.08
N LEU A 74 -16.88 0.52 0.74
CA LEU A 74 -15.82 -0.14 1.50
C LEU A 74 -15.45 0.65 2.73
N GLY A 75 -16.14 1.78 2.94
CA GLY A 75 -15.87 2.61 4.10
C GLY A 75 -15.36 3.98 3.71
N VAL A 76 -14.84 4.11 2.49
CA VAL A 76 -14.32 5.37 2.00
C VAL A 76 -15.45 6.29 1.54
N SER A 77 -16.38 6.59 2.45
CA SER A 77 -17.50 7.46 2.14
C SER A 77 -17.11 8.93 2.23
N SER A 78 -16.13 9.31 1.42
CA SER A 78 -15.65 10.69 1.41
C SER A 78 -15.29 11.14 0.00
N LEU A 79 -15.78 12.31 -0.38
CA LEU A 79 -15.52 12.86 -1.72
C LEU A 79 -14.02 13.03 -1.95
N GLY A 80 -13.31 13.44 -0.90
CA GLY A 80 -11.88 13.65 -1.00
C GLY A 80 -11.11 12.34 -0.94
N GLU A 81 -11.47 11.48 0.01
CA GLU A 81 -10.80 10.20 0.16
C GLU A 81 -10.81 9.41 -1.15
N ARG A 82 -12.01 9.13 -1.66
CA ARG A 82 -12.16 8.39 -2.90
C ARG A 82 -11.34 9.03 -4.01
N LYS A 83 -11.48 10.33 -4.16
CA LYS A 83 -10.75 11.07 -5.19
C LYS A 83 -9.26 10.78 -5.13
N LYS A 84 -8.77 10.48 -3.92
CA LYS A 84 -7.37 10.18 -3.72
C LYS A 84 -7.09 8.70 -3.96
N LEU A 85 -7.92 7.84 -3.36
CA LEU A 85 -7.77 6.40 -3.50
C LEU A 85 -7.82 5.99 -4.97
N LEU A 86 -8.82 6.49 -5.68
CA LEU A 86 -8.97 6.18 -7.10
C LEU A 86 -7.68 6.44 -7.86
N SER A 87 -7.09 7.61 -7.63
CA SER A 87 -5.84 7.98 -8.30
C SER A 87 -4.67 7.20 -7.72
N TYR A 88 -4.81 6.76 -6.48
CA TYR A 88 -3.76 6.01 -5.80
C TYR A 88 -3.54 4.66 -6.48
N ILE A 89 -4.59 3.83 -6.47
CA ILE A 89 -4.52 2.51 -7.07
C ILE A 89 -4.04 2.59 -8.52
N GLN A 90 -4.30 3.72 -9.15
CA GLN A 90 -3.89 3.92 -10.54
C GLN A 90 -2.37 3.92 -10.67
N ARG A 91 -1.70 4.40 -9.63
CA ARG A 91 -0.24 4.45 -9.62
C ARG A 91 0.36 3.06 -9.45
N LEU A 92 -0.50 2.08 -9.18
CA LEU A 92 -0.06 0.71 -8.99
C LEU A 92 -0.05 -0.05 -10.31
N VAL A 93 -1.24 -0.27 -10.86
CA VAL A 93 -1.37 -0.99 -12.13
C VAL A 93 -0.49 -0.36 -13.20
N GLN A 94 -0.43 0.97 -13.21
CA GLN A 94 0.37 1.70 -14.19
C GLN A 94 1.83 1.26 -14.13
N ILE A 95 2.23 0.73 -12.98
CA ILE A 95 3.61 0.28 -12.79
C ILE A 95 3.70 -1.25 -12.89
N HIS A 96 2.92 -1.93 -12.06
CA HIS A 96 2.91 -3.40 -12.05
C HIS A 96 2.42 -3.94 -13.38
N VAL A 97 3.06 -5.00 -13.86
CA VAL A 97 2.68 -5.63 -15.13
C VAL A 97 2.62 -4.59 -16.24
N ASP A 98 3.75 -3.94 -16.50
CA ASP A 98 3.83 -2.93 -17.55
C ASP A 98 4.77 -3.37 -18.66
N THR A 99 4.92 -2.53 -19.68
CA THR A 99 5.80 -2.84 -20.80
C THR A 99 7.23 -3.06 -20.34
N MET A 100 7.67 -2.26 -19.38
CA MET A 100 9.02 -2.38 -18.85
C MET A 100 9.00 -2.44 -17.32
N LYS A 101 9.31 -3.62 -16.78
CA LYS A 101 9.32 -3.81 -15.33
C LYS A 101 10.75 -4.08 -14.84
N VAL A 102 10.86 -4.45 -13.57
CA VAL A 102 12.17 -4.74 -12.98
C VAL A 102 12.93 -5.76 -13.80
N ILE A 103 14.10 -5.37 -14.30
CA ILE A 103 14.93 -6.25 -15.11
C ILE A 103 15.19 -7.56 -14.39
N GLY A 1 25.61 21.09 13.15
CA GLY A 1 25.22 20.75 14.50
C GLY A 1 24.74 19.31 14.61
N SER A 2 24.73 18.77 15.83
CA SER A 2 24.30 17.40 16.06
C SER A 2 22.95 17.37 16.76
N SER A 3 21.88 17.52 15.99
CA SER A 3 20.53 17.50 16.54
C SER A 3 19.93 16.10 16.48
N GLY A 4 19.69 15.62 15.27
CA GLY A 4 19.11 14.30 15.09
C GLY A 4 19.92 13.23 15.81
N SER A 5 21.11 12.93 15.29
CA SER A 5 21.97 11.92 15.89
C SER A 5 22.50 12.38 17.24
N SER A 6 21.93 11.85 18.31
CA SER A 6 22.33 12.20 19.66
C SER A 6 23.61 11.46 20.07
N GLY A 7 24.33 12.01 21.02
CA GLY A 7 25.56 11.38 21.49
C GLY A 7 26.80 12.04 20.91
N SER A 8 27.59 12.65 21.77
CA SER A 8 28.81 13.32 21.33
C SER A 8 29.76 12.35 20.64
N ASN A 9 29.81 11.12 21.14
CA ASN A 9 30.67 10.10 20.57
C ASN A 9 29.86 9.16 19.66
N THR A 10 30.32 9.00 18.43
CA THR A 10 29.66 8.14 17.46
C THR A 10 29.95 6.68 17.75
N PRO A 11 28.90 5.84 17.72
CA PRO A 11 29.02 4.40 17.97
C PRO A 11 29.74 3.68 16.85
N SER A 12 29.81 2.36 16.94
CA SER A 12 30.47 1.55 15.93
C SER A 12 29.49 0.55 15.30
N ALA A 13 28.30 1.04 14.98
CA ALA A 13 27.27 0.19 14.38
C ALA A 13 26.04 1.00 14.02
N GLU A 14 25.71 1.03 12.72
CA GLU A 14 24.55 1.77 12.25
C GLU A 14 23.78 0.97 11.19
N ALA A 15 22.85 0.15 11.66
CA ALA A 15 22.05 -0.68 10.76
C ALA A 15 20.70 -0.02 10.46
N ASP A 16 19.82 -0.75 9.80
CA ASP A 16 18.50 -0.25 9.46
C ASP A 16 17.64 -1.33 8.81
N TRP A 17 16.60 -1.75 9.51
CA TRP A 17 15.71 -2.79 9.00
C TRP A 17 14.26 -2.48 9.35
N SER A 18 13.34 -2.87 8.47
CA SER A 18 11.92 -2.64 8.70
C SER A 18 11.09 -3.85 8.26
N PRO A 19 9.92 -4.01 8.88
CA PRO A 19 9.01 -5.11 8.58
C PRO A 19 8.38 -4.99 7.20
N GLY A 20 8.60 -3.85 6.55
CA GLY A 20 8.05 -3.62 5.22
C GLY A 20 8.95 -2.76 4.36
N LEU A 21 9.71 -3.41 3.48
CA LEU A 21 10.62 -2.70 2.58
C LEU A 21 10.07 -2.66 1.15
N GLU A 22 9.25 -3.65 0.81
CA GLU A 22 8.66 -3.73 -0.51
C GLU A 22 7.47 -4.69 -0.53
N LEU A 23 6.86 -4.85 -1.70
CA LEU A 23 5.72 -5.73 -1.84
C LEU A 23 5.91 -6.70 -3.02
N HIS A 24 5.01 -7.66 -3.14
CA HIS A 24 5.09 -8.64 -4.23
C HIS A 24 4.83 -7.97 -5.58
N PRO A 25 5.56 -8.42 -6.61
CA PRO A 25 5.43 -7.89 -7.96
C PRO A 25 4.11 -8.26 -8.61
N ASP A 26 3.56 -9.40 -8.22
CA ASP A 26 2.29 -9.87 -8.75
C ASP A 26 1.13 -9.45 -7.86
N TYR A 27 0.70 -8.20 -8.00
CA TYR A 27 -0.41 -7.67 -7.20
C TYR A 27 -1.65 -8.54 -7.36
N LYS A 28 -1.72 -9.26 -8.47
CA LYS A 28 -2.86 -10.13 -8.74
C LYS A 28 -3.04 -11.17 -7.62
N THR A 29 -1.97 -11.41 -6.88
CA THR A 29 -2.00 -12.37 -5.78
C THR A 29 -1.66 -11.70 -4.45
N TRP A 30 -2.12 -10.46 -4.28
CA TRP A 30 -1.87 -9.71 -3.07
C TRP A 30 -2.85 -10.11 -1.97
N GLY A 31 -4.05 -10.51 -2.37
CA GLY A 31 -5.07 -10.90 -1.41
C GLY A 31 -5.49 -9.77 -0.51
N PRO A 32 -6.39 -10.07 0.44
CA PRO A 32 -6.89 -9.07 1.40
C PRO A 32 -5.82 -8.63 2.39
N GLU A 33 -4.68 -9.29 2.36
CA GLU A 33 -3.59 -8.96 3.27
C GLU A 33 -2.78 -7.79 2.73
N GLN A 34 -2.06 -8.02 1.63
CA GLN A 34 -1.24 -6.98 1.02
C GLN A 34 -2.06 -5.71 0.78
N VAL A 35 -3.28 -5.88 0.28
CA VAL A 35 -4.16 -4.75 0.00
C VAL A 35 -4.35 -3.89 1.24
N CYS A 36 -4.45 -4.54 2.40
CA CYS A 36 -4.64 -3.83 3.67
C CYS A 36 -3.40 -3.02 4.02
N SER A 37 -2.26 -3.37 3.41
CA SER A 37 -1.01 -2.68 3.66
C SER A 37 -0.76 -1.61 2.59
N PHE A 38 -1.10 -1.93 1.35
CA PHE A 38 -0.91 -1.00 0.24
C PHE A 38 -1.51 0.36 0.56
N LEU A 39 -2.78 0.37 0.95
CA LEU A 39 -3.47 1.61 1.28
C LEU A 39 -2.73 2.37 2.38
N ARG A 40 -2.19 1.63 3.35
CA ARG A 40 -1.45 2.23 4.45
C ARG A 40 -0.25 3.00 3.93
N ARG A 41 0.23 2.64 2.74
CA ARG A 41 1.39 3.30 2.15
C ARG A 41 0.99 4.63 1.53
N GLY A 42 -0.28 4.75 1.15
CA GLY A 42 -0.77 5.97 0.54
C GLY A 42 -1.18 7.00 1.58
N GLY A 43 -1.45 6.54 2.79
CA GLY A 43 -1.86 7.45 3.85
C GLY A 43 -3.14 7.00 4.53
N PHE A 44 -3.89 6.12 3.87
CA PHE A 44 -5.14 5.62 4.41
C PHE A 44 -4.89 4.61 5.54
N GLU A 45 -5.35 4.95 6.74
CA GLU A 45 -5.16 4.08 7.89
C GLU A 45 -6.50 3.81 8.58
N GLU A 46 -7.59 3.92 7.82
CA GLU A 46 -8.92 3.67 8.35
C GLU A 46 -9.16 2.19 8.57
N PRO A 47 -9.78 1.85 9.71
CA PRO A 47 -10.08 0.47 10.08
C PRO A 47 -11.17 -0.14 9.19
N VAL A 48 -12.20 0.64 8.91
CA VAL A 48 -13.30 0.19 8.08
C VAL A 48 -12.84 -0.07 6.65
N LEU A 49 -12.11 0.88 6.08
CA LEU A 49 -11.61 0.75 4.72
C LEU A 49 -10.83 -0.56 4.55
N LEU A 50 -9.99 -0.88 5.53
CA LEU A 50 -9.20 -2.10 5.49
C LEU A 50 -10.03 -3.30 5.92
N LYS A 51 -11.10 -3.04 6.66
CA LYS A 51 -11.98 -4.11 7.13
C LYS A 51 -12.73 -4.75 5.96
N ASN A 52 -13.31 -3.92 5.12
CA ASN A 52 -14.06 -4.40 3.96
C ASN A 52 -13.17 -5.26 3.06
N ILE A 53 -11.88 -4.97 3.06
CA ILE A 53 -10.92 -5.73 2.25
C ILE A 53 -10.97 -7.21 2.60
N ARG A 54 -11.10 -7.51 3.88
CA ARG A 54 -11.14 -8.89 4.34
C ARG A 54 -12.57 -9.43 4.29
N GLU A 55 -13.54 -8.52 4.23
CA GLU A 55 -14.95 -8.90 4.18
C GLU A 55 -15.36 -9.23 2.75
N ASN A 56 -14.65 -8.66 1.78
CA ASN A 56 -14.94 -8.90 0.37
C ASN A 56 -13.77 -9.57 -0.33
N GLU A 57 -12.82 -10.04 0.46
CA GLU A 57 -11.63 -10.71 -0.08
C GLU A 57 -10.96 -9.84 -1.15
N ILE A 58 -11.09 -8.52 -0.99
CA ILE A 58 -10.48 -7.59 -1.93
C ILE A 58 -9.01 -7.89 -2.13
N THR A 59 -8.62 -8.08 -3.40
CA THR A 59 -7.23 -8.38 -3.74
C THR A 59 -6.67 -7.34 -4.69
N GLY A 60 -5.35 -7.38 -4.89
CA GLY A 60 -4.71 -6.43 -5.79
C GLY A 60 -5.32 -6.44 -7.18
N ALA A 61 -5.78 -7.60 -7.62
CA ALA A 61 -6.40 -7.73 -8.93
C ALA A 61 -7.75 -7.04 -8.98
N LEU A 62 -8.33 -6.80 -7.80
CA LEU A 62 -9.62 -6.14 -7.72
C LEU A 62 -9.46 -4.66 -7.38
N LEU A 63 -8.29 -4.30 -6.89
CA LEU A 63 -7.99 -2.91 -6.54
C LEU A 63 -8.37 -1.97 -7.68
N PRO A 64 -7.77 -2.19 -8.85
CA PRO A 64 -8.02 -1.37 -10.04
C PRO A 64 -9.42 -1.59 -10.61
N CYS A 65 -10.12 -2.58 -10.06
CA CYS A 65 -11.47 -2.91 -10.52
C CYS A 65 -12.51 -2.07 -9.77
N LEU A 66 -12.24 -1.82 -8.50
CA LEU A 66 -13.15 -1.03 -7.67
C LEU A 66 -13.23 0.41 -8.16
N ASP A 67 -14.42 0.99 -8.12
CA ASP A 67 -14.63 2.37 -8.56
C ASP A 67 -15.04 3.25 -7.38
N GLU A 68 -15.38 4.50 -7.68
CA GLU A 68 -15.79 5.44 -6.65
C GLU A 68 -16.90 4.86 -5.78
N SER A 69 -17.99 4.48 -6.42
CA SER A 69 -19.13 3.91 -5.70
C SER A 69 -18.69 2.75 -4.81
N ARG A 70 -17.82 1.90 -5.34
CA ARG A 70 -17.31 0.76 -4.59
C ARG A 70 -16.61 1.21 -3.32
N PHE A 71 -15.60 2.06 -3.47
CA PHE A 71 -14.85 2.58 -2.33
C PHE A 71 -15.79 3.17 -1.29
N GLU A 72 -16.80 3.89 -1.75
CA GLU A 72 -17.76 4.52 -0.86
C GLU A 72 -18.48 3.48 0.00
N ASN A 73 -18.54 2.25 -0.51
CA ASN A 73 -19.20 1.16 0.20
C ASN A 73 -18.20 0.40 1.07
N LEU A 74 -16.93 0.51 0.73
CA LEU A 74 -15.87 -0.16 1.48
C LEU A 74 -15.49 0.64 2.73
N GLY A 75 -16.17 1.76 2.93
CA GLY A 75 -15.90 2.60 4.08
C GLY A 75 -15.38 3.97 3.70
N VAL A 76 -14.89 4.10 2.47
CA VAL A 76 -14.36 5.36 1.98
C VAL A 76 -15.49 6.30 1.54
N SER A 77 -16.40 6.58 2.46
CA SER A 77 -17.53 7.46 2.17
C SER A 77 -17.11 8.93 2.25
N SER A 78 -16.14 9.32 1.44
CA SER A 78 -15.65 10.69 1.43
C SER A 78 -15.29 11.13 0.01
N LEU A 79 -15.78 12.30 -0.38
CA LEU A 79 -15.51 12.83 -1.71
C LEU A 79 -14.02 13.03 -1.93
N GLY A 80 -13.32 13.43 -0.88
CA GLY A 80 -11.89 13.64 -0.97
C GLY A 80 -11.10 12.35 -0.92
N GLU A 81 -11.46 11.48 0.01
CA GLU A 81 -10.77 10.19 0.17
C GLU A 81 -10.79 9.41 -1.15
N ARG A 82 -11.99 9.11 -1.65
CA ARG A 82 -12.14 8.38 -2.89
C ARG A 82 -11.33 9.02 -4.01
N LYS A 83 -11.47 10.34 -4.15
CA LYS A 83 -10.75 11.07 -5.18
C LYS A 83 -9.25 10.79 -5.12
N LYS A 84 -8.77 10.47 -3.92
CA LYS A 84 -7.35 10.18 -3.73
C LYS A 84 -7.08 8.69 -3.96
N LEU A 85 -7.91 7.84 -3.37
CA LEU A 85 -7.76 6.40 -3.51
C LEU A 85 -7.81 5.98 -4.97
N LEU A 86 -8.81 6.48 -5.69
CA LEU A 86 -8.97 6.17 -7.11
C LEU A 86 -7.69 6.43 -7.87
N SER A 87 -7.09 7.60 -7.64
CA SER A 87 -5.84 7.97 -8.31
C SER A 87 -4.66 7.18 -7.73
N TYR A 88 -4.79 6.75 -6.49
CA TYR A 88 -3.75 6.01 -5.81
C TYR A 88 -3.54 4.64 -6.47
N ILE A 89 -4.58 3.82 -6.46
CA ILE A 89 -4.53 2.49 -7.05
C ILE A 89 -4.06 2.56 -8.50
N GLN A 90 -4.33 3.69 -9.16
CA GLN A 90 -3.94 3.89 -10.54
C GLN A 90 -2.41 3.89 -10.68
N ARG A 91 -1.73 4.36 -9.64
CA ARG A 91 -0.28 4.42 -9.66
C ARG A 91 0.33 3.03 -9.48
N LEU A 92 -0.53 2.05 -9.20
CA LEU A 92 -0.10 0.68 -9.00
C LEU A 92 -0.09 -0.09 -10.34
N VAL A 93 -1.28 -0.32 -10.88
CA VAL A 93 -1.41 -1.03 -12.14
C VAL A 93 -0.54 -0.39 -13.23
N GLN A 94 -0.49 0.93 -13.23
CA GLN A 94 0.31 1.65 -14.21
C GLN A 94 1.77 1.23 -14.15
N ILE A 95 2.19 0.71 -12.99
CA ILE A 95 3.56 0.26 -12.81
C ILE A 95 3.66 -1.25 -12.91
N HIS A 96 2.92 -1.95 -12.04
CA HIS A 96 2.92 -3.41 -12.03
C HIS A 96 2.41 -3.97 -13.36
N VAL A 97 3.07 -5.01 -13.85
CA VAL A 97 2.68 -5.64 -15.11
C VAL A 97 2.68 -4.63 -16.24
N ASP A 98 3.55 -3.63 -16.15
CA ASP A 98 3.65 -2.60 -17.18
C ASP A 98 4.87 -2.84 -18.07
N THR A 99 4.70 -2.56 -19.36
CA THR A 99 5.78 -2.75 -20.32
C THR A 99 7.06 -2.07 -19.85
N MET A 100 6.91 -0.96 -19.14
CA MET A 100 8.06 -0.21 -18.62
C MET A 100 8.66 -0.90 -17.41
N LYS A 101 9.63 -0.26 -16.78
CA LYS A 101 10.28 -0.81 -15.60
C LYS A 101 9.29 -0.95 -14.45
N VAL A 102 9.70 -1.68 -13.42
CA VAL A 102 8.85 -1.90 -12.25
C VAL A 102 9.60 -1.58 -10.96
N ILE A 103 9.09 -0.60 -10.21
CA ILE A 103 9.71 -0.21 -8.95
C ILE A 103 9.11 -0.96 -7.77
N GLY A 1 31.53 16.90 35.57
CA GLY A 1 32.01 15.60 35.14
C GLY A 1 33.33 15.69 34.40
N SER A 2 33.40 15.04 33.25
CA SER A 2 34.61 15.04 32.43
C SER A 2 35.78 14.42 33.20
N SER A 3 35.47 13.53 34.14
CA SER A 3 36.48 12.88 34.95
C SER A 3 36.65 11.42 34.52
N GLY A 4 37.72 11.15 33.77
CA GLY A 4 37.97 9.79 33.31
C GLY A 4 37.72 9.63 31.82
N SER A 5 38.65 8.98 31.14
CA SER A 5 38.52 8.75 29.70
C SER A 5 39.41 7.58 29.26
N SER A 6 39.31 7.23 27.98
CA SER A 6 40.08 6.13 27.43
C SER A 6 39.90 4.87 28.27
N GLY A 7 38.67 4.62 28.71
CA GLY A 7 38.38 3.45 29.52
C GLY A 7 38.04 2.24 28.67
N SER A 8 36.88 2.28 28.03
CA SER A 8 36.43 1.17 27.19
C SER A 8 35.69 1.69 25.96
N ASN A 9 35.32 0.77 25.08
CA ASN A 9 34.61 1.13 23.85
C ASN A 9 33.12 0.81 23.98
N THR A 10 32.81 -0.28 24.65
CA THR A 10 31.43 -0.70 24.84
C THR A 10 30.78 -1.10 23.51
N PRO A 11 30.12 -2.26 23.49
CA PRO A 11 29.45 -2.77 22.30
C PRO A 11 28.22 -1.95 21.93
N SER A 12 28.26 -1.33 20.75
CA SER A 12 27.15 -0.51 20.28
C SER A 12 26.11 -1.36 19.56
N ALA A 13 24.84 -1.12 19.88
CA ALA A 13 23.74 -1.86 19.26
C ALA A 13 23.69 -1.63 17.76
N GLU A 14 23.84 -2.71 16.99
CA GLU A 14 23.81 -2.61 15.54
C GLU A 14 22.52 -3.21 14.98
N ALA A 15 21.74 -2.38 14.30
CA ALA A 15 20.49 -2.82 13.71
C ALA A 15 19.93 -1.78 12.74
N ASP A 16 19.32 -2.25 11.66
CA ASP A 16 18.76 -1.36 10.65
C ASP A 16 17.55 -2.01 9.98
N TRP A 17 16.36 -1.55 10.35
CA TRP A 17 15.12 -2.08 9.78
C TRP A 17 13.98 -1.09 9.94
N SER A 18 13.07 -1.10 8.97
CA SER A 18 11.92 -0.19 9.01
C SER A 18 10.65 -0.89 8.54
N PRO A 19 9.49 -0.41 9.02
CA PRO A 19 8.20 -0.99 8.65
C PRO A 19 7.82 -0.72 7.20
N GLY A 20 7.87 -1.76 6.39
CA GLY A 20 7.54 -1.62 4.98
C GLY A 20 8.76 -1.38 4.11
N LEU A 21 9.21 -2.43 3.43
CA LEU A 21 10.38 -2.32 2.57
C LEU A 21 9.99 -2.48 1.10
N GLU A 22 9.11 -3.44 0.83
CA GLU A 22 8.65 -3.68 -0.54
C GLU A 22 7.46 -4.66 -0.54
N LEU A 23 6.87 -4.84 -1.71
CA LEU A 23 5.72 -5.74 -1.85
C LEU A 23 5.92 -6.69 -3.03
N HIS A 24 5.02 -7.66 -3.16
CA HIS A 24 5.10 -8.64 -4.25
C HIS A 24 4.85 -7.96 -5.59
N PRO A 25 5.57 -8.41 -6.62
CA PRO A 25 5.45 -7.87 -7.98
C PRO A 25 4.11 -8.25 -8.63
N ASP A 26 3.56 -9.39 -8.22
CA ASP A 26 2.29 -9.85 -8.77
C ASP A 26 1.13 -9.44 -7.88
N TYR A 27 0.71 -8.19 -8.01
CA TYR A 27 -0.39 -7.67 -7.21
C TYR A 27 -1.64 -8.53 -7.37
N LYS A 28 -1.72 -9.26 -8.48
CA LYS A 28 -2.85 -10.12 -8.76
C LYS A 28 -3.03 -11.17 -7.64
N THR A 29 -1.95 -11.39 -6.89
CA THR A 29 -1.99 -12.36 -5.80
C THR A 29 -1.65 -11.69 -4.46
N TRP A 30 -2.11 -10.46 -4.29
CA TRP A 30 -1.86 -9.70 -3.07
C TRP A 30 -2.84 -10.11 -1.98
N GLY A 31 -4.05 -10.50 -2.39
CA GLY A 31 -5.06 -10.90 -1.43
C GLY A 31 -5.49 -9.77 -0.52
N PRO A 32 -6.38 -10.07 0.44
CA PRO A 32 -6.88 -9.08 1.39
C PRO A 32 -5.82 -8.64 2.39
N GLU A 33 -4.66 -9.31 2.35
CA GLU A 33 -3.57 -8.99 3.25
C GLU A 33 -2.75 -7.81 2.72
N GLN A 34 -2.04 -8.04 1.62
CA GLN A 34 -1.23 -7.00 1.01
C GLN A 34 -2.04 -5.73 0.78
N VAL A 35 -3.26 -5.90 0.27
CA VAL A 35 -4.13 -4.77 -0.01
C VAL A 35 -4.33 -3.90 1.24
N CYS A 36 -4.44 -4.56 2.39
CA CYS A 36 -4.63 -3.85 3.66
C CYS A 36 -3.39 -3.03 4.01
N SER A 37 -2.26 -3.39 3.40
CA SER A 37 -1.00 -2.69 3.65
C SER A 37 -0.75 -1.62 2.59
N PHE A 38 -1.10 -1.94 1.35
CA PHE A 38 -0.91 -1.02 0.24
C PHE A 38 -1.52 0.35 0.56
N LEU A 39 -2.79 0.35 0.92
CA LEU A 39 -3.50 1.58 1.25
C LEU A 39 -2.76 2.35 2.35
N ARG A 40 -2.22 1.61 3.32
CA ARG A 40 -1.50 2.22 4.43
C ARG A 40 -0.29 2.99 3.92
N ARG A 41 0.20 2.62 2.75
CA ARG A 41 1.36 3.27 2.15
C ARG A 41 0.96 4.60 1.51
N GLY A 42 -0.30 4.70 1.10
CA GLY A 42 -0.78 5.92 0.48
C GLY A 42 -1.20 6.97 1.49
N GLY A 43 -1.50 6.52 2.71
CA GLY A 43 -1.91 7.43 3.76
C GLY A 43 -3.22 7.03 4.41
N PHE A 44 -3.95 6.13 3.76
CA PHE A 44 -5.22 5.65 4.28
C PHE A 44 -5.01 4.64 5.40
N GLU A 45 -5.36 5.03 6.62
CA GLU A 45 -5.20 4.16 7.77
C GLU A 45 -6.55 3.88 8.44
N GLU A 46 -7.62 4.01 7.65
CA GLU A 46 -8.96 3.78 8.16
C GLU A 46 -9.20 2.29 8.44
N PRO A 47 -9.82 1.99 9.59
CA PRO A 47 -10.11 0.62 10.00
C PRO A 47 -11.20 -0.02 9.14
N VAL A 48 -12.27 0.72 8.90
CA VAL A 48 -13.38 0.22 8.08
C VAL A 48 -12.92 -0.04 6.65
N LEU A 49 -12.11 0.86 6.12
CA LEU A 49 -11.61 0.73 4.75
C LEU A 49 -10.84 -0.58 4.58
N LEU A 50 -10.00 -0.90 5.54
CA LEU A 50 -9.21 -2.13 5.51
C LEU A 50 -10.05 -3.32 5.93
N LYS A 51 -11.10 -3.07 6.70
CA LYS A 51 -11.99 -4.12 7.18
C LYS A 51 -12.73 -4.76 6.01
N ASN A 52 -13.27 -3.93 5.14
CA ASN A 52 -14.02 -4.42 3.98
C ASN A 52 -13.14 -5.28 3.08
N ILE A 53 -11.85 -4.98 3.07
CA ILE A 53 -10.89 -5.73 2.27
C ILE A 53 -10.93 -7.21 2.60
N ARG A 54 -11.11 -7.51 3.88
CA ARG A 54 -11.17 -8.90 4.34
C ARG A 54 -12.59 -9.44 4.27
N GLU A 55 -13.56 -8.52 4.24
CA GLU A 55 -14.97 -8.91 4.17
C GLU A 55 -15.38 -9.22 2.74
N ASN A 56 -14.65 -8.66 1.78
CA ASN A 56 -14.94 -8.88 0.37
C ASN A 56 -13.76 -9.55 -0.32
N GLU A 57 -12.81 -10.05 0.46
CA GLU A 57 -11.63 -10.72 -0.07
C GLU A 57 -10.95 -9.86 -1.12
N ILE A 58 -11.08 -8.54 -0.98
CA ILE A 58 -10.47 -7.61 -1.92
C ILE A 58 -8.99 -7.92 -2.13
N THR A 59 -8.61 -8.07 -3.41
CA THR A 59 -7.22 -8.37 -3.75
C THR A 59 -6.66 -7.33 -4.71
N GLY A 60 -5.34 -7.37 -4.91
CA GLY A 60 -4.69 -6.43 -5.80
C GLY A 60 -5.31 -6.43 -7.18
N ALA A 61 -5.76 -7.60 -7.63
CA ALA A 61 -6.38 -7.73 -8.95
C ALA A 61 -7.73 -7.04 -8.99
N LEU A 62 -8.32 -6.80 -7.82
CA LEU A 62 -9.61 -6.13 -7.74
C LEU A 62 -9.45 -4.66 -7.40
N LEU A 63 -8.27 -4.30 -6.90
CA LEU A 63 -7.98 -2.92 -6.54
C LEU A 63 -8.35 -1.96 -7.67
N PRO A 64 -7.75 -2.18 -8.85
CA PRO A 64 -8.00 -1.36 -10.03
C PRO A 64 -9.40 -1.58 -10.60
N CYS A 65 -10.10 -2.57 -10.07
CA CYS A 65 -11.45 -2.89 -10.53
C CYS A 65 -12.49 -2.06 -9.78
N LEU A 66 -12.23 -1.81 -8.49
CA LEU A 66 -13.14 -1.03 -7.67
C LEU A 66 -13.22 0.42 -8.16
N ASP A 67 -14.41 0.98 -8.11
CA ASP A 67 -14.62 2.36 -8.55
C ASP A 67 -15.03 3.25 -7.38
N GLU A 68 -15.38 4.49 -7.67
CA GLU A 68 -15.79 5.44 -6.65
C GLU A 68 -16.89 4.86 -5.78
N SER A 69 -18.00 4.48 -6.39
CA SER A 69 -19.12 3.90 -5.68
C SER A 69 -18.67 2.75 -4.78
N ARG A 70 -17.81 1.90 -5.33
CA ARG A 70 -17.31 0.75 -4.58
C ARG A 70 -16.60 1.20 -3.29
N PHE A 71 -15.60 2.06 -3.44
CA PHE A 71 -14.85 2.57 -2.29
C PHE A 71 -15.80 3.18 -1.26
N GLU A 72 -16.81 3.90 -1.74
CA GLU A 72 -17.77 4.53 -0.86
C GLU A 72 -18.50 3.50 0.00
N ASN A 73 -18.53 2.26 -0.48
CA ASN A 73 -19.18 1.18 0.24
C ASN A 73 -18.18 0.43 1.12
N LEU A 74 -16.91 0.52 0.78
CA LEU A 74 -15.86 -0.15 1.53
C LEU A 74 -15.49 0.65 2.78
N GLY A 75 -16.14 1.79 2.95
CA GLY A 75 -15.88 2.64 4.11
C GLY A 75 -15.36 4.00 3.72
N VAL A 76 -14.86 4.12 2.50
CA VAL A 76 -14.33 5.38 2.00
C VAL A 76 -15.44 6.32 1.55
N SER A 77 -16.37 6.62 2.46
CA SER A 77 -17.50 7.49 2.16
C SER A 77 -17.08 8.96 2.25
N SER A 78 -16.10 9.33 1.45
CA SER A 78 -15.60 10.71 1.44
C SER A 78 -15.25 11.15 0.02
N LEU A 79 -15.78 12.30 -0.39
CA LEU A 79 -15.51 12.83 -1.71
C LEU A 79 -14.01 13.01 -1.94
N GLY A 80 -13.31 13.43 -0.90
CA GLY A 80 -11.88 13.63 -1.00
C GLY A 80 -11.10 12.34 -0.93
N GLU A 81 -11.46 11.47 0.02
CA GLU A 81 -10.79 10.19 0.18
C GLU A 81 -10.79 9.40 -1.12
N ARG A 82 -11.99 9.14 -1.65
CA ARG A 82 -12.14 8.38 -2.89
C ARG A 82 -11.33 9.03 -4.00
N LYS A 83 -11.47 10.34 -4.15
CA LYS A 83 -10.75 11.07 -5.18
C LYS A 83 -9.26 10.78 -5.13
N LYS A 84 -8.77 10.48 -3.93
CA LYS A 84 -7.36 10.17 -3.73
C LYS A 84 -7.08 8.69 -3.96
N LEU A 85 -7.93 7.85 -3.36
CA LEU A 85 -7.77 6.40 -3.49
C LEU A 85 -7.82 5.98 -4.97
N LEU A 86 -8.82 6.47 -5.68
CA LEU A 86 -8.97 6.16 -7.10
C LEU A 86 -7.68 6.42 -7.86
N SER A 87 -7.09 7.58 -7.63
CA SER A 87 -5.85 7.96 -8.29
C SER A 87 -4.67 7.19 -7.72
N TYR A 88 -4.81 6.74 -6.47
CA TYR A 88 -3.75 6.00 -5.81
C TYR A 88 -3.54 4.64 -6.47
N ILE A 89 -4.58 3.81 -6.46
CA ILE A 89 -4.52 2.49 -7.06
C ILE A 89 -4.05 2.57 -8.52
N GLN A 90 -4.31 3.70 -9.16
CA GLN A 90 -3.91 3.90 -10.55
C GLN A 90 -2.39 3.90 -10.67
N ARG A 91 -1.71 4.38 -9.63
CA ARG A 91 -0.26 4.43 -9.63
C ARG A 91 0.34 3.05 -9.46
N LEU A 92 -0.51 2.06 -9.19
CA LEU A 92 -0.06 0.69 -9.00
C LEU A 92 -0.06 -0.07 -10.32
N VAL A 93 -1.26 -0.29 -10.86
CA VAL A 93 -1.39 -1.01 -12.13
C VAL A 93 -0.53 -0.38 -13.22
N GLN A 94 -0.46 0.95 -13.22
CA GLN A 94 0.33 1.67 -14.19
C GLN A 94 1.80 1.24 -14.14
N ILE A 95 2.21 0.70 -12.99
CA ILE A 95 3.58 0.25 -12.81
C ILE A 95 3.67 -1.26 -12.89
N HIS A 96 2.92 -1.95 -12.03
CA HIS A 96 2.92 -3.40 -12.01
C HIS A 96 2.40 -3.96 -13.33
N VAL A 97 3.05 -5.02 -13.82
CA VAL A 97 2.65 -5.65 -15.08
C VAL A 97 2.72 -4.66 -16.23
N ASP A 98 3.64 -3.70 -16.13
CA ASP A 98 3.81 -2.70 -17.17
C ASP A 98 5.03 -2.99 -18.03
N THR A 99 4.91 -2.74 -19.33
CA THR A 99 6.01 -2.98 -20.25
C THR A 99 7.31 -2.34 -19.76
N MET A 100 7.19 -1.21 -19.08
CA MET A 100 8.34 -0.51 -18.54
C MET A 100 8.52 -0.80 -17.05
N LYS A 101 9.75 -1.11 -16.65
CA LYS A 101 10.05 -1.41 -15.26
C LYS A 101 10.42 -0.14 -14.51
N VAL A 102 10.87 -0.30 -13.26
CA VAL A 102 11.26 0.83 -12.44
C VAL A 102 12.62 0.60 -11.78
N ILE A 103 13.61 1.38 -12.18
CA ILE A 103 14.96 1.26 -11.64
C ILE A 103 15.26 2.40 -10.68
N GLY A 1 15.14 37.14 22.75
CA GLY A 1 15.58 36.41 21.57
C GLY A 1 17.00 35.87 21.74
N SER A 2 17.48 35.18 20.70
CA SER A 2 18.83 34.61 20.72
C SER A 2 19.89 35.71 20.72
N SER A 3 21.05 35.40 21.28
CA SER A 3 22.14 36.37 21.34
C SER A 3 23.43 35.69 21.80
N GLY A 4 24.41 35.64 20.90
CA GLY A 4 25.69 35.02 21.22
C GLY A 4 25.92 33.74 20.45
N SER A 5 26.66 32.81 21.04
CA SER A 5 26.96 31.54 20.40
C SER A 5 26.27 30.38 21.12
N SER A 6 25.64 29.51 20.35
CA SER A 6 24.94 28.37 20.91
C SER A 6 24.64 27.32 19.83
N GLY A 7 24.58 26.06 20.24
CA GLY A 7 24.31 24.98 19.30
C GLY A 7 22.96 24.34 19.54
N SER A 8 22.74 23.18 18.93
CA SER A 8 21.50 22.45 19.08
C SER A 8 21.75 20.98 19.35
N ASN A 9 20.68 20.19 19.43
CA ASN A 9 20.79 18.76 19.69
C ASN A 9 20.26 17.95 18.50
N THR A 10 20.34 16.63 18.61
CA THR A 10 19.87 15.75 17.56
C THR A 10 18.78 14.81 18.07
N PRO A 11 17.76 14.58 17.23
CA PRO A 11 16.63 13.71 17.56
C PRO A 11 17.04 12.24 17.63
N SER A 12 16.05 11.35 17.75
CA SER A 12 16.31 9.93 17.83
C SER A 12 15.95 9.24 16.51
N ALA A 13 15.98 7.90 16.52
CA ALA A 13 15.67 7.13 15.33
C ALA A 13 14.90 5.86 15.70
N GLU A 14 13.85 6.02 16.50
CA GLU A 14 13.04 4.88 16.92
C GLU A 14 11.56 5.12 16.61
N ALA A 15 11.10 4.54 15.51
CA ALA A 15 9.71 4.68 15.10
C ALA A 15 9.36 3.68 14.01
N ASP A 16 8.12 3.73 13.53
CA ASP A 16 7.65 2.83 12.49
C ASP A 16 8.48 2.99 11.22
N TRP A 17 9.48 2.14 11.05
CA TRP A 17 10.34 2.18 9.87
C TRP A 17 11.23 0.96 9.80
N SER A 18 11.55 0.52 8.59
CA SER A 18 12.40 -0.65 8.39
C SER A 18 13.37 -0.41 7.23
N PRO A 19 14.52 -1.11 7.27
CA PRO A 19 15.55 -1.01 6.24
C PRO A 19 15.10 -1.62 4.91
N GLY A 20 13.96 -2.29 4.92
CA GLY A 20 13.45 -2.92 3.73
C GLY A 20 11.93 -2.90 3.66
N LEU A 21 11.39 -2.07 2.78
CA LEU A 21 9.94 -1.95 2.63
C LEU A 21 9.54 -2.11 1.16
N GLU A 22 8.89 -3.23 0.85
CA GLU A 22 8.44 -3.50 -0.51
C GLU A 22 7.24 -4.44 -0.52
N LEU A 23 6.82 -4.83 -1.71
CA LEU A 23 5.68 -5.73 -1.86
C LEU A 23 5.88 -6.68 -3.03
N HIS A 24 4.97 -7.64 -3.17
CA HIS A 24 5.05 -8.62 -4.26
C HIS A 24 4.81 -7.95 -5.60
N PRO A 25 5.54 -8.40 -6.63
CA PRO A 25 5.42 -7.86 -7.99
C PRO A 25 4.10 -8.23 -8.65
N ASP A 26 3.54 -9.36 -8.24
CA ASP A 26 2.27 -9.83 -8.79
C ASP A 26 1.11 -9.42 -7.90
N TYR A 27 0.67 -8.17 -8.04
CA TYR A 27 -0.43 -7.65 -7.24
C TYR A 27 -1.68 -8.51 -7.40
N LYS A 28 -1.74 -9.24 -8.51
CA LYS A 28 -2.88 -10.12 -8.79
C LYS A 28 -3.06 -11.15 -7.69
N THR A 29 -2.00 -11.37 -6.91
CA THR A 29 -2.04 -12.34 -5.83
C THR A 29 -1.68 -11.68 -4.49
N TRP A 30 -2.14 -10.44 -4.32
CA TRP A 30 -1.87 -9.70 -3.09
C TRP A 30 -2.85 -10.09 -1.99
N GLY A 31 -4.06 -10.48 -2.39
CA GLY A 31 -5.07 -10.88 -1.42
C GLY A 31 -5.48 -9.74 -0.51
N PRO A 32 -6.37 -10.04 0.45
CA PRO A 32 -6.87 -9.05 1.40
C PRO A 32 -5.80 -8.60 2.39
N GLU A 33 -4.64 -9.27 2.34
CA GLU A 33 -3.54 -8.95 3.24
C GLU A 33 -2.73 -7.78 2.71
N GLN A 34 -2.03 -8.00 1.59
CA GLN A 34 -1.21 -6.96 0.98
C GLN A 34 -2.02 -5.69 0.76
N VAL A 35 -3.25 -5.85 0.26
CA VAL A 35 -4.13 -4.72 0.00
C VAL A 35 -4.30 -3.86 1.25
N CYS A 36 -4.43 -4.51 2.40
CA CYS A 36 -4.60 -3.82 3.66
C CYS A 36 -3.36 -3.01 4.01
N SER A 37 -2.24 -3.35 3.38
CA SER A 37 -0.98 -2.65 3.63
C SER A 37 -0.75 -1.58 2.57
N PHE A 38 -1.05 -1.90 1.32
CA PHE A 38 -0.88 -0.96 0.22
C PHE A 38 -1.52 0.38 0.53
N LEU A 39 -2.81 0.34 0.90
CA LEU A 39 -3.56 1.54 1.22
C LEU A 39 -2.85 2.34 2.32
N ARG A 40 -2.27 1.62 3.28
CA ARG A 40 -1.57 2.25 4.39
C ARG A 40 -0.37 3.04 3.89
N ARG A 41 0.15 2.65 2.73
CA ARG A 41 1.31 3.32 2.14
C ARG A 41 0.90 4.63 1.48
N GLY A 42 -0.36 4.71 1.07
CA GLY A 42 -0.86 5.92 0.43
C GLY A 42 -1.28 6.97 1.43
N GLY A 43 -1.52 6.56 2.67
CA GLY A 43 -1.94 7.48 3.71
C GLY A 43 -3.25 7.09 4.35
N PHE A 44 -3.95 6.15 3.72
CA PHE A 44 -5.23 5.68 4.25
C PHE A 44 -5.02 4.68 5.37
N GLU A 45 -5.42 5.06 6.59
CA GLU A 45 -5.26 4.18 7.74
C GLU A 45 -6.62 3.91 8.40
N GLU A 46 -7.68 4.04 7.62
CA GLU A 46 -9.03 3.82 8.12
C GLU A 46 -9.27 2.34 8.40
N PRO A 47 -9.90 2.06 9.55
CA PRO A 47 -10.19 0.68 9.98
C PRO A 47 -11.27 0.03 9.11
N VAL A 48 -12.37 0.75 8.89
CA VAL A 48 -13.46 0.24 8.09
C VAL A 48 -13.01 -0.03 6.66
N LEU A 49 -12.17 0.85 6.13
CA LEU A 49 -11.67 0.70 4.77
C LEU A 49 -10.91 -0.61 4.61
N LEU A 50 -9.99 -0.88 5.53
CA LEU A 50 -9.20 -2.09 5.50
C LEU A 50 -10.03 -3.30 5.93
N LYS A 51 -11.08 -3.04 6.69
CA LYS A 51 -11.97 -4.10 7.17
C LYS A 51 -12.71 -4.75 6.01
N ASN A 52 -13.29 -3.93 5.14
CA ASN A 52 -14.03 -4.42 3.99
C ASN A 52 -13.14 -5.29 3.10
N ILE A 53 -11.85 -4.96 3.07
CA ILE A 53 -10.89 -5.70 2.27
C ILE A 53 -10.93 -7.19 2.61
N ARG A 54 -11.10 -7.49 3.89
CA ARG A 54 -11.14 -8.88 4.35
C ARG A 54 -12.57 -9.42 4.29
N GLU A 55 -13.54 -8.52 4.26
CA GLU A 55 -14.95 -8.90 4.19
C GLU A 55 -15.36 -9.22 2.76
N ASN A 56 -14.62 -8.68 1.81
CA ASN A 56 -14.91 -8.91 0.39
C ASN A 56 -13.73 -9.58 -0.30
N GLU A 57 -12.78 -10.05 0.49
CA GLU A 57 -11.59 -10.71 -0.06
C GLU A 57 -10.92 -9.84 -1.12
N ILE A 58 -11.05 -8.53 -0.97
CA ILE A 58 -10.46 -7.59 -1.91
C ILE A 58 -8.99 -7.89 -2.13
N THR A 59 -8.61 -8.10 -3.39
CA THR A 59 -7.22 -8.40 -3.73
C THR A 59 -6.65 -7.34 -4.68
N GLY A 60 -5.33 -7.37 -4.87
CA GLY A 60 -4.70 -6.42 -5.75
C GLY A 60 -5.31 -6.41 -7.15
N ALA A 61 -5.75 -7.58 -7.60
CA ALA A 61 -6.36 -7.70 -8.92
C ALA A 61 -7.71 -7.01 -8.97
N LEU A 62 -8.30 -6.79 -7.80
CA LEU A 62 -9.61 -6.15 -7.71
C LEU A 62 -9.45 -4.67 -7.35
N LEU A 63 -8.28 -4.31 -6.85
CA LEU A 63 -8.00 -2.93 -6.46
C LEU A 63 -8.38 -1.96 -7.59
N PRO A 64 -7.76 -2.15 -8.76
CA PRO A 64 -8.02 -1.31 -9.94
C PRO A 64 -9.41 -1.54 -10.52
N CYS A 65 -10.11 -2.55 -10.00
CA CYS A 65 -11.45 -2.87 -10.47
C CYS A 65 -12.49 -2.05 -9.73
N LEU A 66 -12.26 -1.82 -8.43
CA LEU A 66 -13.18 -1.04 -7.61
C LEU A 66 -13.28 0.40 -8.12
N ASP A 67 -14.48 0.94 -8.10
CA ASP A 67 -14.71 2.31 -8.53
C ASP A 67 -15.11 3.20 -7.37
N GLU A 68 -15.43 4.46 -7.67
CA GLU A 68 -15.83 5.42 -6.65
C GLU A 68 -16.94 4.85 -5.77
N SER A 69 -18.04 4.44 -6.41
CA SER A 69 -19.18 3.89 -5.68
C SER A 69 -18.73 2.74 -4.78
N ARG A 70 -17.85 1.89 -5.31
CA ARG A 70 -17.36 0.75 -4.55
C ARG A 70 -16.65 1.20 -3.29
N PHE A 71 -15.64 2.05 -3.45
CA PHE A 71 -14.87 2.56 -2.33
C PHE A 71 -15.79 3.17 -1.27
N GLU A 72 -16.82 3.88 -1.73
CA GLU A 72 -17.77 4.51 -0.83
C GLU A 72 -18.50 3.47 0.02
N ASN A 73 -18.56 2.25 -0.48
CA ASN A 73 -19.22 1.16 0.24
C ASN A 73 -18.23 0.40 1.11
N LEU A 74 -16.95 0.50 0.77
CA LEU A 74 -15.90 -0.17 1.53
C LEU A 74 -15.55 0.61 2.79
N GLY A 75 -16.20 1.76 2.97
CA GLY A 75 -15.93 2.60 4.12
C GLY A 75 -15.39 3.95 3.75
N VAL A 76 -14.90 4.08 2.52
CA VAL A 76 -14.34 5.34 2.04
C VAL A 76 -15.45 6.28 1.57
N SER A 77 -16.39 6.57 2.46
CA SER A 77 -17.51 7.45 2.13
C SER A 77 -17.09 8.92 2.23
N SER A 78 -16.08 9.29 1.45
CA SER A 78 -15.58 10.66 1.45
C SER A 78 -15.16 11.09 0.04
N LEU A 79 -15.73 12.19 -0.43
CA LEU A 79 -15.43 12.71 -1.75
C LEU A 79 -13.93 12.92 -1.93
N GLY A 80 -13.28 13.38 -0.86
CA GLY A 80 -11.84 13.61 -0.91
C GLY A 80 -11.04 12.32 -0.87
N GLU A 81 -11.40 11.43 0.06
CA GLU A 81 -10.71 10.16 0.20
C GLU A 81 -10.73 9.38 -1.12
N ARG A 82 -11.93 9.09 -1.61
CA ARG A 82 -12.09 8.36 -2.86
C ARG A 82 -11.27 9.00 -3.98
N LYS A 83 -11.41 10.31 -4.13
CA LYS A 83 -10.68 11.05 -5.16
C LYS A 83 -9.19 10.76 -5.09
N LYS A 84 -8.71 10.44 -3.89
CA LYS A 84 -7.30 10.14 -3.68
C LYS A 84 -7.02 8.66 -3.91
N LEU A 85 -7.87 7.81 -3.34
CA LEU A 85 -7.72 6.37 -3.49
C LEU A 85 -7.77 5.96 -4.95
N LEU A 86 -8.79 6.44 -5.66
CA LEU A 86 -8.95 6.12 -7.08
C LEU A 86 -7.67 6.41 -7.85
N SER A 87 -7.05 7.55 -7.55
CA SER A 87 -5.82 7.95 -8.23
C SER A 87 -4.63 7.17 -7.68
N TYR A 88 -4.75 6.71 -6.43
CA TYR A 88 -3.69 5.96 -5.78
C TYR A 88 -3.49 4.61 -6.46
N ILE A 89 -4.55 3.80 -6.46
CA ILE A 89 -4.49 2.48 -7.07
C ILE A 89 -4.00 2.56 -8.51
N GLN A 90 -4.31 3.67 -9.18
CA GLN A 90 -3.91 3.88 -10.56
C GLN A 90 -2.39 3.89 -10.69
N ARG A 91 -1.71 4.36 -9.64
CA ARG A 91 -0.26 4.43 -9.64
C ARG A 91 0.35 3.03 -9.46
N LEU A 92 -0.50 2.06 -9.20
CA LEU A 92 -0.05 0.67 -9.01
C LEU A 92 -0.05 -0.07 -10.33
N VAL A 93 -1.24 -0.28 -10.90
CA VAL A 93 -1.37 -0.99 -12.16
C VAL A 93 -0.50 -0.35 -13.24
N GLN A 94 -0.40 0.97 -13.21
CA GLN A 94 0.40 1.71 -14.19
C GLN A 94 1.86 1.29 -14.11
N ILE A 95 2.25 0.69 -12.99
CA ILE A 95 3.61 0.24 -12.79
C ILE A 95 3.73 -1.27 -12.86
N HIS A 96 2.97 -1.96 -12.01
CA HIS A 96 2.97 -3.42 -11.99
C HIS A 96 2.46 -3.98 -13.31
N VAL A 97 3.09 -5.06 -13.76
CA VAL A 97 2.70 -5.70 -15.01
C VAL A 97 2.81 -4.73 -16.18
N ASP A 98 3.76 -3.80 -16.09
CA ASP A 98 3.97 -2.81 -17.14
C ASP A 98 5.21 -3.15 -17.96
N THR A 99 5.13 -2.91 -19.27
CA THR A 99 6.23 -3.20 -20.17
C THR A 99 7.53 -2.58 -19.66
N MET A 100 7.41 -1.45 -18.96
CA MET A 100 8.58 -0.77 -18.41
C MET A 100 9.10 -1.48 -17.17
N LYS A 101 10.41 -1.50 -17.01
CA LYS A 101 11.03 -2.15 -15.86
C LYS A 101 11.55 -1.12 -14.86
N VAL A 102 12.06 -1.60 -13.73
CA VAL A 102 12.58 -0.72 -12.69
C VAL A 102 13.21 -1.53 -11.56
N ILE A 103 14.29 -0.99 -10.99
CA ILE A 103 14.99 -1.66 -9.90
C ILE A 103 15.34 -0.67 -8.79
N GLY A 1 31.64 11.37 -9.63
CA GLY A 1 30.26 11.04 -9.35
C GLY A 1 30.04 10.62 -7.91
N SER A 2 30.90 11.09 -7.02
CA SER A 2 30.80 10.77 -5.61
C SER A 2 29.86 11.74 -4.89
N SER A 3 29.34 11.31 -3.74
CA SER A 3 28.44 12.14 -2.96
C SER A 3 29.19 13.30 -2.30
N GLY A 4 28.95 14.51 -2.81
CA GLY A 4 29.60 15.68 -2.26
C GLY A 4 28.68 16.88 -2.17
N SER A 5 27.66 16.78 -1.32
CA SER A 5 26.70 17.86 -1.15
C SER A 5 26.16 17.87 0.28
N SER A 6 26.03 19.07 0.84
CA SER A 6 25.53 19.23 2.20
C SER A 6 24.01 19.42 2.20
N GLY A 7 23.35 18.80 3.17
CA GLY A 7 21.90 18.91 3.26
C GLY A 7 21.28 17.71 3.96
N SER A 8 21.45 16.53 3.37
CA SER A 8 20.88 15.31 3.93
C SER A 8 21.84 14.70 4.94
N ASN A 9 21.28 14.15 6.02
CA ASN A 9 22.08 13.53 7.07
C ASN A 9 21.62 12.11 7.35
N THR A 10 22.44 11.34 8.03
CA THR A 10 22.11 9.95 8.36
C THR A 10 21.26 9.87 9.63
N PRO A 11 20.28 8.98 9.62
CA PRO A 11 19.37 8.79 10.76
C PRO A 11 20.08 8.14 11.96
N SER A 12 19.32 7.90 13.03
CA SER A 12 19.88 7.29 14.23
C SER A 12 19.16 5.99 14.57
N ALA A 13 19.72 4.88 14.10
CA ALA A 13 19.13 3.57 14.35
C ALA A 13 20.18 2.58 14.86
N GLU A 14 19.73 1.40 15.26
CA GLU A 14 20.64 0.37 15.77
C GLU A 14 20.34 -0.98 15.11
N ALA A 15 19.80 -0.94 13.90
CA ALA A 15 19.47 -2.16 13.18
C ALA A 15 19.25 -1.88 11.70
N ASP A 16 19.17 -2.93 10.89
CA ASP A 16 18.95 -2.80 9.46
C ASP A 16 17.70 -3.54 9.02
N TRP A 17 16.54 -3.05 9.47
CA TRP A 17 15.27 -3.68 9.12
C TRP A 17 14.11 -2.70 9.34
N SER A 18 13.08 -2.82 8.51
CA SER A 18 11.92 -1.95 8.61
C SER A 18 10.63 -2.74 8.37
N PRO A 19 9.52 -2.25 8.94
CA PRO A 19 8.22 -2.89 8.81
C PRO A 19 7.65 -2.77 7.39
N GLY A 20 8.33 -1.99 6.56
CA GLY A 20 7.87 -1.82 5.19
C GLY A 20 9.04 -1.60 4.23
N LEU A 21 9.41 -2.66 3.53
CA LEU A 21 10.52 -2.59 2.56
C LEU A 21 9.99 -2.58 1.14
N GLU A 22 9.23 -3.62 0.79
CA GLU A 22 8.67 -3.72 -0.56
C GLU A 22 7.49 -4.69 -0.57
N LEU A 23 6.87 -4.85 -1.74
CA LEU A 23 5.73 -5.74 -1.88
C LEU A 23 5.92 -6.69 -3.06
N HIS A 24 5.02 -7.66 -3.19
CA HIS A 24 5.10 -8.63 -4.28
C HIS A 24 4.84 -7.96 -5.63
N PRO A 25 5.57 -8.40 -6.67
CA PRO A 25 5.44 -7.86 -8.01
C PRO A 25 4.11 -8.24 -8.67
N ASP A 26 3.55 -9.37 -8.25
CA ASP A 26 2.28 -9.85 -8.79
C ASP A 26 1.12 -9.44 -7.88
N TYR A 27 0.69 -8.18 -8.02
CA TYR A 27 -0.40 -7.67 -7.21
C TYR A 27 -1.65 -8.53 -7.37
N LYS A 28 -1.72 -9.25 -8.48
CA LYS A 28 -2.86 -10.12 -8.76
C LYS A 28 -3.04 -11.16 -7.66
N THR A 29 -1.98 -11.39 -6.90
CA THR A 29 -2.01 -12.36 -5.81
C THR A 29 -1.68 -11.70 -4.47
N TRP A 30 -2.13 -10.47 -4.30
CA TRP A 30 -1.87 -9.73 -3.07
C TRP A 30 -2.87 -10.13 -1.98
N GLY A 31 -4.06 -10.51 -2.39
CA GLY A 31 -5.08 -10.91 -1.43
C GLY A 31 -5.50 -9.77 -0.52
N PRO A 32 -6.39 -10.08 0.44
CA PRO A 32 -6.88 -9.08 1.39
C PRO A 32 -5.82 -8.65 2.40
N GLU A 33 -4.67 -9.32 2.35
CA GLU A 33 -3.56 -9.00 3.24
C GLU A 33 -2.75 -7.84 2.72
N GLN A 34 -2.04 -8.06 1.62
CA GLN A 34 -1.23 -7.01 1.01
C GLN A 34 -2.03 -5.74 0.79
N VAL A 35 -3.25 -5.90 0.28
CA VAL A 35 -4.12 -4.76 0.02
C VAL A 35 -4.30 -3.91 1.27
N CYS A 36 -4.43 -4.56 2.42
CA CYS A 36 -4.61 -3.87 3.68
C CYS A 36 -3.36 -3.05 4.03
N SER A 37 -2.24 -3.41 3.42
CA SER A 37 -0.98 -2.71 3.66
C SER A 37 -0.73 -1.65 2.60
N PHE A 38 -1.09 -1.96 1.36
CA PHE A 38 -0.90 -1.04 0.25
C PHE A 38 -1.51 0.33 0.57
N LEU A 39 -2.79 0.33 0.95
CA LEU A 39 -3.48 1.57 1.27
C LEU A 39 -2.73 2.33 2.36
N ARG A 40 -2.18 1.61 3.32
CA ARG A 40 -1.43 2.21 4.42
C ARG A 40 -0.24 2.99 3.90
N ARG A 41 0.25 2.59 2.73
CA ARG A 41 1.40 3.25 2.12
C ARG A 41 0.99 4.57 1.47
N GLY A 42 -0.27 4.67 1.08
CA GLY A 42 -0.77 5.88 0.45
C GLY A 42 -1.16 6.94 1.46
N GLY A 43 -1.46 6.50 2.69
CA GLY A 43 -1.86 7.44 3.73
C GLY A 43 -3.16 7.04 4.39
N PHE A 44 -3.89 6.13 3.77
CA PHE A 44 -5.16 5.66 4.31
C PHE A 44 -4.94 4.65 5.43
N GLU A 45 -5.37 5.00 6.64
CA GLU A 45 -5.21 4.13 7.79
C GLU A 45 -6.56 3.86 8.45
N GLU A 46 -7.64 3.99 7.68
CA GLU A 46 -8.98 3.77 8.19
C GLU A 46 -9.22 2.28 8.46
N PRO A 47 -9.84 1.99 9.62
CA PRO A 47 -10.14 0.61 10.02
C PRO A 47 -11.22 -0.03 9.15
N VAL A 48 -12.29 0.72 8.91
CA VAL A 48 -13.40 0.22 8.10
C VAL A 48 -12.95 -0.03 6.66
N LEU A 49 -12.12 0.86 6.14
CA LEU A 49 -11.62 0.73 4.77
C LEU A 49 -10.86 -0.59 4.59
N LEU A 50 -10.01 -0.91 5.56
CA LEU A 50 -9.22 -2.13 5.51
C LEU A 50 -10.07 -3.33 5.94
N LYS A 51 -11.11 -3.07 6.72
CA LYS A 51 -12.00 -4.12 7.19
C LYS A 51 -12.75 -4.76 6.04
N ASN A 52 -13.29 -3.93 5.15
CA ASN A 52 -14.03 -4.42 3.99
C ASN A 52 -13.15 -5.28 3.10
N ILE A 53 -11.85 -4.96 3.08
CA ILE A 53 -10.90 -5.72 2.27
C ILE A 53 -10.94 -7.20 2.61
N ARG A 54 -11.12 -7.51 3.88
CA ARG A 54 -11.17 -8.89 4.34
C ARG A 54 -12.60 -9.42 4.27
N GLU A 55 -13.58 -8.52 4.24
CA GLU A 55 -14.97 -8.91 4.17
C GLU A 55 -15.39 -9.22 2.74
N ASN A 56 -14.65 -8.65 1.78
CA ASN A 56 -14.94 -8.87 0.37
C ASN A 56 -13.77 -9.55 -0.33
N GLU A 57 -12.82 -10.04 0.47
CA GLU A 57 -11.63 -10.70 -0.07
C GLU A 57 -10.96 -9.84 -1.13
N ILE A 58 -11.07 -8.53 -0.97
CA ILE A 58 -10.47 -7.58 -1.92
C ILE A 58 -9.00 -7.90 -2.13
N THR A 59 -8.62 -8.09 -3.39
CA THR A 59 -7.23 -8.40 -3.73
C THR A 59 -6.66 -7.35 -4.67
N GLY A 60 -5.35 -7.39 -4.87
CA GLY A 60 -4.69 -6.43 -5.75
C GLY A 60 -5.30 -6.41 -7.13
N ALA A 61 -5.74 -7.58 -7.60
CA ALA A 61 -6.34 -7.70 -8.92
C ALA A 61 -7.70 -6.99 -8.97
N LEU A 62 -8.30 -6.79 -7.80
CA LEU A 62 -9.59 -6.14 -7.70
C LEU A 62 -9.44 -4.66 -7.33
N LEU A 63 -8.26 -4.31 -6.84
CA LEU A 63 -7.98 -2.93 -6.44
C LEU A 63 -8.36 -1.96 -7.57
N PRO A 64 -7.74 -2.15 -8.74
CA PRO A 64 -8.00 -1.30 -9.91
C PRO A 64 -9.39 -1.52 -10.49
N CYS A 65 -10.08 -2.54 -9.98
CA CYS A 65 -11.42 -2.85 -10.46
C CYS A 65 -12.47 -2.02 -9.71
N LEU A 66 -12.24 -1.80 -8.43
CA LEU A 66 -13.16 -1.02 -7.60
C LEU A 66 -13.24 0.43 -8.10
N ASP A 67 -14.46 0.97 -8.09
CA ASP A 67 -14.68 2.34 -8.54
C ASP A 67 -15.08 3.24 -7.37
N GLU A 68 -15.42 4.48 -7.67
CA GLU A 68 -15.82 5.43 -6.63
C GLU A 68 -16.92 4.85 -5.76
N SER A 69 -18.03 4.47 -6.39
CA SER A 69 -19.16 3.89 -5.66
C SER A 69 -18.71 2.74 -4.76
N ARG A 70 -17.84 1.90 -5.30
CA ARG A 70 -17.33 0.75 -4.55
C ARG A 70 -16.61 1.21 -3.28
N PHE A 71 -15.62 2.07 -3.46
CA PHE A 71 -14.86 2.58 -2.32
C PHE A 71 -15.78 3.19 -1.26
N GLU A 72 -16.81 3.89 -1.73
CA GLU A 72 -17.76 4.53 -0.84
C GLU A 72 -18.47 3.49 0.03
N ASN A 73 -18.53 2.25 -0.47
CA ASN A 73 -19.19 1.17 0.26
C ASN A 73 -18.18 0.43 1.14
N LEU A 74 -16.91 0.52 0.78
CA LEU A 74 -15.85 -0.14 1.53
C LEU A 74 -15.49 0.65 2.79
N GLY A 75 -16.14 1.80 2.95
CA GLY A 75 -15.88 2.64 4.11
C GLY A 75 -15.35 4.01 3.72
N VAL A 76 -14.86 4.12 2.50
CA VAL A 76 -14.31 5.39 2.01
C VAL A 76 -15.44 6.32 1.55
N SER A 77 -16.36 6.63 2.46
CA SER A 77 -17.48 7.50 2.16
C SER A 77 -17.06 8.97 2.25
N SER A 78 -16.07 9.35 1.45
CA SER A 78 -15.58 10.72 1.44
C SER A 78 -15.22 11.17 0.03
N LEU A 79 -15.79 12.29 -0.39
CA LEU A 79 -15.53 12.82 -1.72
C LEU A 79 -14.03 13.01 -1.95
N GLY A 80 -13.32 13.43 -0.91
CA GLY A 80 -11.89 13.64 -1.02
C GLY A 80 -11.11 12.34 -0.96
N GLU A 81 -11.47 11.48 -0.01
CA GLU A 81 -10.79 10.20 0.16
C GLU A 81 -10.80 9.41 -1.14
N ARG A 82 -12.00 9.14 -1.66
CA ARG A 82 -12.14 8.39 -2.90
C ARG A 82 -11.33 9.03 -4.02
N LYS A 83 -11.48 10.34 -4.17
CA LYS A 83 -10.77 11.07 -5.21
C LYS A 83 -9.27 10.78 -5.15
N LYS A 84 -8.78 10.49 -3.95
CA LYS A 84 -7.37 10.19 -3.75
C LYS A 84 -7.09 8.70 -3.98
N LEU A 85 -7.92 7.85 -3.38
CA LEU A 85 -7.77 6.41 -3.52
C LEU A 85 -7.82 6.00 -4.99
N LEU A 86 -8.83 6.48 -5.70
CA LEU A 86 -8.99 6.16 -7.11
C LEU A 86 -7.70 6.43 -7.88
N SER A 87 -7.10 7.59 -7.65
CA SER A 87 -5.87 7.97 -8.32
C SER A 87 -4.68 7.20 -7.73
N TYR A 88 -4.82 6.75 -6.49
CA TYR A 88 -3.76 6.02 -5.82
C TYR A 88 -3.54 4.65 -6.49
N ILE A 89 -4.58 3.84 -6.49
CA ILE A 89 -4.51 2.51 -7.09
C ILE A 89 -4.02 2.58 -8.53
N GLN A 90 -4.28 3.72 -9.18
CA GLN A 90 -3.87 3.92 -10.56
C GLN A 90 -2.35 3.93 -10.68
N ARG A 91 -1.68 4.41 -9.64
CA ARG A 91 -0.22 4.47 -9.62
C ARG A 91 0.38 3.07 -9.43
N LEU A 92 -0.48 2.10 -9.16
CA LEU A 92 -0.04 0.72 -8.96
C LEU A 92 -0.03 -0.04 -10.28
N VAL A 93 -1.21 -0.26 -10.84
CA VAL A 93 -1.35 -0.97 -12.10
C VAL A 93 -0.47 -0.36 -13.18
N GLN A 94 -0.36 0.97 -13.16
CA GLN A 94 0.45 1.69 -14.15
C GLN A 94 1.90 1.26 -14.07
N ILE A 95 2.28 0.69 -12.92
CA ILE A 95 3.66 0.24 -12.72
C ILE A 95 3.75 -1.28 -12.79
N HIS A 96 2.97 -1.95 -11.95
CA HIS A 96 2.97 -3.41 -11.92
C HIS A 96 2.49 -3.98 -13.26
N VAL A 97 3.15 -5.03 -13.72
CA VAL A 97 2.79 -5.67 -14.97
C VAL A 97 2.81 -4.66 -16.12
N ASP A 98 3.68 -3.67 -16.01
CA ASP A 98 3.80 -2.65 -17.04
C ASP A 98 5.04 -2.88 -17.90
N THR A 99 5.05 -2.29 -19.10
CA THR A 99 6.17 -2.43 -20.02
C THR A 99 7.49 -2.09 -19.33
N MET A 100 7.42 -1.19 -18.36
CA MET A 100 8.62 -0.77 -17.62
C MET A 100 8.56 -1.28 -16.18
N LYS A 101 9.70 -1.77 -15.69
CA LYS A 101 9.79 -2.27 -14.33
C LYS A 101 11.18 -2.05 -13.75
N VAL A 102 11.26 -1.97 -12.43
CA VAL A 102 12.54 -1.77 -11.76
C VAL A 102 12.63 -2.58 -10.47
N ILE A 103 11.74 -3.57 -10.36
CA ILE A 103 11.72 -4.43 -9.18
C ILE A 103 13.10 -5.03 -8.90
N GLY A 1 40.81 32.01 -13.27
CA GLY A 1 42.25 32.06 -13.46
C GLY A 1 42.83 30.72 -13.85
N SER A 2 42.39 30.20 -14.99
CA SER A 2 42.88 28.91 -15.48
C SER A 2 42.60 27.80 -14.47
N SER A 3 41.37 27.78 -13.96
CA SER A 3 40.97 26.77 -12.97
C SER A 3 39.69 26.06 -13.42
N GLY A 4 39.65 24.76 -13.21
CA GLY A 4 38.48 23.98 -13.58
C GLY A 4 38.85 22.62 -14.15
N SER A 5 38.23 21.57 -13.62
CA SER A 5 38.51 20.21 -14.07
C SER A 5 37.37 19.27 -13.69
N SER A 6 37.26 18.17 -14.41
CA SER A 6 36.21 17.18 -14.15
C SER A 6 36.76 15.76 -14.24
N GLY A 7 36.18 14.85 -13.46
CA GLY A 7 36.62 13.48 -13.47
C GLY A 7 35.54 12.52 -13.95
N SER A 8 34.36 12.61 -13.35
CA SER A 8 33.25 11.75 -13.72
C SER A 8 33.67 10.28 -13.71
N ASN A 9 34.01 9.79 -12.52
CA ASN A 9 34.44 8.39 -12.37
C ASN A 9 33.24 7.48 -12.20
N THR A 10 33.46 6.18 -12.35
CA THR A 10 32.40 5.19 -12.21
C THR A 10 32.41 4.55 -10.83
N PRO A 11 31.25 4.01 -10.41
CA PRO A 11 31.11 3.36 -9.11
C PRO A 11 31.87 2.05 -9.03
N SER A 12 32.07 1.55 -7.81
CA SER A 12 32.78 0.30 -7.60
C SER A 12 32.08 -0.55 -6.54
N ALA A 13 31.57 -1.70 -6.97
CA ALA A 13 30.87 -2.60 -6.06
C ALA A 13 30.66 -3.97 -6.70
N GLU A 14 30.12 -4.91 -5.92
CA GLU A 14 29.87 -6.26 -6.42
C GLU A 14 28.57 -6.81 -5.85
N ALA A 15 27.65 -5.92 -5.50
CA ALA A 15 26.36 -6.31 -4.94
C ALA A 15 25.45 -5.11 -4.75
N ASP A 16 24.23 -5.20 -5.27
CA ASP A 16 23.26 -4.11 -5.14
C ASP A 16 21.87 -4.66 -4.83
N TRP A 17 21.80 -5.55 -3.85
CA TRP A 17 20.53 -6.15 -3.45
C TRP A 17 20.45 -6.28 -1.94
N SER A 18 19.24 -6.16 -1.40
CA SER A 18 19.03 -6.26 0.04
C SER A 18 17.75 -7.03 0.34
N PRO A 19 17.71 -7.67 1.52
CA PRO A 19 16.54 -8.45 1.96
C PRO A 19 15.33 -7.58 2.28
N GLY A 20 14.32 -7.65 1.42
CA GLY A 20 13.12 -6.87 1.63
C GLY A 20 13.22 -5.48 1.02
N LEU A 21 12.60 -5.31 -0.15
CA LEU A 21 12.63 -4.02 -0.85
C LEU A 21 11.24 -3.41 -0.89
N GLU A 22 10.24 -4.23 -1.16
CA GLU A 22 8.86 -3.76 -1.24
C GLU A 22 7.89 -4.94 -1.29
N LEU A 23 6.62 -4.64 -1.55
CA LEU A 23 5.59 -5.68 -1.63
C LEU A 23 5.84 -6.61 -2.81
N HIS A 24 4.96 -7.59 -2.98
CA HIS A 24 5.08 -8.55 -4.07
C HIS A 24 4.85 -7.86 -5.42
N PRO A 25 5.61 -8.30 -6.44
CA PRO A 25 5.51 -7.75 -7.79
C PRO A 25 4.20 -8.12 -8.47
N ASP A 26 3.64 -9.26 -8.07
CA ASP A 26 2.39 -9.74 -8.65
C ASP A 26 1.20 -9.33 -7.77
N TYR A 27 0.77 -8.09 -7.93
CA TYR A 27 -0.36 -7.57 -7.15
C TYR A 27 -1.59 -8.45 -7.32
N LYS A 28 -1.64 -9.17 -8.45
CA LYS A 28 -2.76 -10.06 -8.73
C LYS A 28 -2.94 -11.09 -7.63
N THR A 29 -1.87 -11.32 -6.87
CA THR A 29 -1.90 -12.28 -5.78
C THR A 29 -1.59 -11.62 -4.45
N TRP A 30 -2.06 -10.39 -4.28
CA TRP A 30 -1.84 -9.65 -3.04
C TRP A 30 -2.84 -10.05 -1.96
N GLY A 31 -4.03 -10.44 -2.40
CA GLY A 31 -5.07 -10.84 -1.47
C GLY A 31 -5.50 -9.71 -0.56
N PRO A 32 -6.41 -10.02 0.39
CA PRO A 32 -6.93 -9.02 1.34
C PRO A 32 -5.87 -8.59 2.35
N GLU A 33 -4.72 -9.26 2.32
CA GLU A 33 -3.64 -8.93 3.24
C GLU A 33 -2.82 -7.75 2.73
N GLN A 34 -2.11 -7.97 1.62
CA GLN A 34 -1.30 -6.92 1.03
C GLN A 34 -2.13 -5.66 0.76
N VAL A 35 -3.31 -5.85 0.20
CA VAL A 35 -4.20 -4.74 -0.10
C VAL A 35 -4.48 -3.90 1.14
N CYS A 36 -4.56 -4.56 2.28
CA CYS A 36 -4.82 -3.88 3.55
C CYS A 36 -3.63 -3.02 3.96
N SER A 37 -2.47 -3.32 3.38
CA SER A 37 -1.25 -2.58 3.69
C SER A 37 -0.97 -1.52 2.62
N PHE A 38 -1.25 -1.87 1.37
CA PHE A 38 -1.02 -0.96 0.25
C PHE A 38 -1.62 0.41 0.54
N LEU A 39 -2.90 0.42 0.88
CA LEU A 39 -3.60 1.67 1.18
C LEU A 39 -2.91 2.42 2.31
N ARG A 40 -2.22 1.68 3.17
CA ARG A 40 -1.51 2.27 4.31
C ARG A 40 -0.24 2.98 3.85
N ARG A 41 0.15 2.74 2.59
CA ARG A 41 1.34 3.36 2.03
C ARG A 41 0.98 4.61 1.23
N GLY A 42 -0.32 4.80 0.99
CA GLY A 42 -0.76 5.95 0.23
C GLY A 42 -1.18 7.10 1.13
N GLY A 43 -1.55 6.79 2.36
CA GLY A 43 -1.97 7.81 3.30
C GLY A 43 -3.24 7.45 4.02
N PHE A 44 -3.90 6.38 3.58
CA PHE A 44 -5.14 5.93 4.20
C PHE A 44 -4.86 4.97 5.34
N GLU A 45 -5.48 5.24 6.50
CA GLU A 45 -5.30 4.40 7.67
C GLU A 45 -6.64 4.10 8.34
N GLU A 46 -7.71 4.17 7.57
CA GLU A 46 -9.04 3.92 8.08
C GLU A 46 -9.20 2.45 8.51
N PRO A 47 -9.80 2.23 9.68
CA PRO A 47 -10.03 0.89 10.21
C PRO A 47 -11.07 0.11 9.43
N VAL A 48 -12.17 0.77 9.08
CA VAL A 48 -13.23 0.15 8.32
C VAL A 48 -12.76 -0.25 6.93
N LEU A 49 -11.95 0.61 6.32
CA LEU A 49 -11.43 0.36 4.98
C LEU A 49 -10.75 -1.00 4.91
N LEU A 50 -10.05 -1.36 5.99
CA LEU A 50 -9.35 -2.64 6.05
C LEU A 50 -10.30 -3.76 6.44
N LYS A 51 -11.43 -3.39 7.03
CA LYS A 51 -12.43 -4.36 7.46
C LYS A 51 -13.21 -4.91 6.26
N ASN A 52 -13.36 -4.08 5.24
CA ASN A 52 -14.08 -4.49 4.03
C ASN A 52 -13.19 -5.34 3.12
N ILE A 53 -11.93 -4.95 3.01
CA ILE A 53 -10.97 -5.68 2.18
C ILE A 53 -10.96 -7.16 2.54
N ARG A 54 -11.22 -7.46 3.81
CA ARG A 54 -11.24 -8.84 4.28
C ARG A 54 -12.64 -9.43 4.19
N GLU A 55 -13.65 -8.55 4.22
CA GLU A 55 -15.03 -9.00 4.13
C GLU A 55 -15.42 -9.33 2.69
N ASN A 56 -14.73 -8.70 1.75
CA ASN A 56 -14.99 -8.92 0.33
C ASN A 56 -13.81 -9.62 -0.34
N GLU A 57 -12.83 -10.00 0.46
CA GLU A 57 -11.65 -10.68 -0.06
C GLU A 57 -10.98 -9.85 -1.14
N ILE A 58 -11.10 -8.54 -1.03
CA ILE A 58 -10.51 -7.62 -2.00
C ILE A 58 -9.03 -7.93 -2.21
N THR A 59 -8.63 -8.09 -3.47
CA THR A 59 -7.24 -8.38 -3.80
C THR A 59 -6.67 -7.32 -4.74
N GLY A 60 -5.35 -7.36 -4.93
CA GLY A 60 -4.70 -6.40 -5.80
C GLY A 60 -5.29 -6.40 -7.20
N ALA A 61 -5.73 -7.57 -7.66
CA ALA A 61 -6.33 -7.70 -8.98
C ALA A 61 -7.68 -6.99 -9.05
N LEU A 62 -8.27 -6.75 -7.89
CA LEU A 62 -9.57 -6.07 -7.82
C LEU A 62 -9.40 -4.60 -7.49
N LEU A 63 -8.24 -4.24 -6.96
CA LEU A 63 -7.95 -2.86 -6.60
C LEU A 63 -8.30 -1.91 -7.74
N PRO A 64 -7.69 -2.14 -8.91
CA PRO A 64 -7.93 -1.32 -10.11
C PRO A 64 -9.32 -1.53 -10.68
N CYS A 65 -10.03 -2.51 -10.15
CA CYS A 65 -11.38 -2.83 -10.61
C CYS A 65 -12.42 -2.00 -9.86
N LEU A 66 -12.21 -1.83 -8.56
CA LEU A 66 -13.12 -1.07 -7.72
C LEU A 66 -13.24 0.37 -8.22
N ASP A 67 -14.45 0.93 -8.15
CA ASP A 67 -14.69 2.29 -8.58
C ASP A 67 -15.07 3.19 -7.41
N GLU A 68 -15.42 4.43 -7.70
CA GLU A 68 -15.80 5.38 -6.67
C GLU A 68 -16.91 4.81 -5.78
N SER A 69 -18.01 4.39 -6.40
CA SER A 69 -19.13 3.83 -5.67
C SER A 69 -18.67 2.68 -4.77
N ARG A 70 -17.78 1.84 -5.30
CA ARG A 70 -17.27 0.71 -4.55
C ARG A 70 -16.55 1.17 -3.28
N PHE A 71 -15.57 2.05 -3.45
CA PHE A 71 -14.80 2.57 -2.32
C PHE A 71 -15.72 3.17 -1.27
N GLU A 72 -16.74 3.89 -1.74
CA GLU A 72 -17.70 4.52 -0.84
C GLU A 72 -18.41 3.47 0.02
N ASN A 73 -18.38 2.23 -0.43
CA ASN A 73 -19.02 1.13 0.29
C ASN A 73 -18.03 0.39 1.17
N LEU A 74 -16.75 0.52 0.83
CA LEU A 74 -15.68 -0.14 1.59
C LEU A 74 -15.31 0.67 2.82
N GLY A 75 -15.99 1.80 3.01
CA GLY A 75 -15.73 2.65 4.16
C GLY A 75 -15.21 4.02 3.76
N VAL A 76 -14.73 4.13 2.52
CA VAL A 76 -14.20 5.39 2.01
C VAL A 76 -15.33 6.31 1.55
N SER A 77 -16.26 6.60 2.46
CA SER A 77 -17.39 7.47 2.14
C SER A 77 -16.99 8.93 2.24
N SER A 78 -16.00 9.33 1.44
CA SER A 78 -15.52 10.71 1.43
C SER A 78 -15.17 11.15 0.02
N LEU A 79 -15.70 12.30 -0.39
CA LEU A 79 -15.45 12.84 -1.71
C LEU A 79 -13.95 13.03 -1.94
N GLY A 80 -13.24 13.43 -0.90
CA GLY A 80 -11.81 13.64 -1.00
C GLY A 80 -11.03 12.35 -0.95
N GLU A 81 -11.38 11.48 -0.01
CA GLU A 81 -10.71 10.19 0.13
C GLU A 81 -10.72 9.42 -1.18
N ARG A 82 -11.91 9.13 -1.68
CA ARG A 82 -12.07 8.39 -2.93
C ARG A 82 -11.26 9.04 -4.05
N LYS A 83 -11.42 10.35 -4.19
CA LYS A 83 -10.71 11.11 -5.21
C LYS A 83 -9.21 10.82 -5.17
N LYS A 84 -8.71 10.52 -3.97
CA LYS A 84 -7.29 10.22 -3.78
C LYS A 84 -7.01 8.74 -4.02
N LEU A 85 -7.85 7.88 -3.43
CA LEU A 85 -7.69 6.44 -3.57
C LEU A 85 -7.75 6.03 -5.04
N LEU A 86 -8.77 6.51 -5.75
CA LEU A 86 -8.93 6.19 -7.16
C LEU A 86 -7.65 6.47 -7.93
N SER A 87 -7.02 7.60 -7.62
CA SER A 87 -5.77 7.99 -8.29
C SER A 87 -4.59 7.20 -7.74
N TYR A 88 -4.71 6.77 -6.49
CA TYR A 88 -3.65 6.01 -5.85
C TYR A 88 -3.45 4.66 -6.53
N ILE A 89 -4.50 3.85 -6.54
CA ILE A 89 -4.44 2.53 -7.16
C ILE A 89 -3.94 2.62 -8.60
N GLN A 90 -4.30 3.71 -9.28
CA GLN A 90 -3.90 3.92 -10.66
C GLN A 90 -2.38 3.95 -10.78
N ARG A 91 -1.72 4.38 -9.70
CA ARG A 91 -0.26 4.46 -9.69
C ARG A 91 0.36 3.07 -9.50
N LEU A 92 -0.49 2.09 -9.24
CA LEU A 92 -0.03 0.72 -9.02
C LEU A 92 0.00 -0.05 -10.34
N VAL A 93 -1.18 -0.28 -10.91
CA VAL A 93 -1.30 -1.00 -12.17
C VAL A 93 -0.42 -0.38 -13.24
N GLN A 94 -0.36 0.95 -13.25
CA GLN A 94 0.45 1.67 -14.23
C GLN A 94 1.91 1.25 -14.14
N ILE A 95 2.31 0.73 -12.98
CA ILE A 95 3.67 0.30 -12.77
C ILE A 95 3.78 -1.22 -12.84
N HIS A 96 3.04 -1.91 -11.97
CA HIS A 96 3.05 -3.37 -11.94
C HIS A 96 2.55 -3.94 -13.25
N VAL A 97 3.17 -5.04 -13.68
CA VAL A 97 2.77 -5.69 -14.93
C VAL A 97 3.01 -4.78 -16.13
N ASP A 98 4.02 -3.92 -16.03
CA ASP A 98 4.36 -3.00 -17.10
C ASP A 98 5.63 -3.43 -17.82
N THR A 99 5.65 -3.24 -19.14
CA THR A 99 6.81 -3.61 -19.94
C THR A 99 8.10 -3.04 -19.35
N MET A 100 7.99 -1.88 -18.70
CA MET A 100 9.14 -1.24 -18.09
C MET A 100 9.25 -1.60 -16.60
N LYS A 101 10.21 -2.45 -16.27
CA LYS A 101 10.41 -2.87 -14.90
C LYS A 101 10.96 -1.73 -14.05
N VAL A 102 10.58 -1.71 -12.77
CA VAL A 102 11.04 -0.66 -11.85
C VAL A 102 10.58 -0.96 -10.43
N ILE A 103 11.46 -0.71 -9.47
CA ILE A 103 11.14 -0.94 -8.06
C ILE A 103 10.14 0.10 -7.55
N GLY A 1 21.36 -15.23 12.47
CA GLY A 1 22.24 -16.24 13.03
C GLY A 1 23.69 -16.01 12.64
N SER A 2 24.01 -16.23 11.37
CA SER A 2 25.37 -16.07 10.87
C SER A 2 25.62 -14.62 10.45
N SER A 3 25.87 -13.76 11.44
CA SER A 3 26.11 -12.35 11.16
C SER A 3 27.45 -11.91 11.76
N GLY A 4 28.08 -10.92 11.12
CA GLY A 4 29.36 -10.43 11.62
C GLY A 4 29.80 -9.17 10.90
N SER A 5 30.94 -8.62 11.31
CA SER A 5 31.46 -7.41 10.70
C SER A 5 32.57 -7.73 9.71
N SER A 6 32.20 -7.90 8.45
CA SER A 6 33.17 -8.22 7.40
C SER A 6 34.28 -7.17 7.37
N GLY A 7 33.94 -5.93 7.68
CA GLY A 7 34.92 -4.87 7.67
C GLY A 7 34.41 -3.62 6.98
N SER A 8 33.44 -2.95 7.60
CA SER A 8 32.86 -1.74 7.03
C SER A 8 32.31 -0.84 8.13
N ASN A 9 32.16 0.44 7.83
CA ASN A 9 31.65 1.42 8.78
C ASN A 9 30.33 2.00 8.32
N THR A 10 29.22 1.40 8.76
CA THR A 10 27.90 1.87 8.39
C THR A 10 27.01 2.06 9.62
N PRO A 11 26.31 3.19 9.67
CA PRO A 11 25.42 3.53 10.78
C PRO A 11 24.18 2.64 10.80
N SER A 12 24.18 1.63 11.66
CA SER A 12 23.06 0.71 11.77
C SER A 12 22.50 0.71 13.20
N ALA A 13 21.44 -0.07 13.40
CA ALA A 13 20.82 -0.17 14.72
C ALA A 13 20.91 -1.58 15.27
N GLU A 14 22.11 -2.15 15.23
CA GLU A 14 22.33 -3.50 15.72
C GLU A 14 21.42 -4.50 15.01
N ALA A 15 21.04 -4.17 13.78
CA ALA A 15 20.18 -5.03 12.99
C ALA A 15 20.16 -4.61 11.52
N ASP A 16 20.01 -5.59 10.63
CA ASP A 16 19.98 -5.31 9.20
C ASP A 16 18.55 -5.43 8.65
N TRP A 17 17.61 -4.81 9.35
CA TRP A 17 16.21 -4.86 8.94
C TRP A 17 15.50 -3.56 9.30
N SER A 18 14.52 -3.17 8.48
CA SER A 18 13.77 -1.95 8.71
C SER A 18 12.29 -2.15 8.40
N PRO A 19 11.43 -1.37 9.06
CA PRO A 19 9.97 -1.44 8.87
C PRO A 19 9.55 -0.94 7.50
N GLY A 20 9.14 -1.86 6.63
CA GLY A 20 8.70 -1.49 5.30
C GLY A 20 9.82 -1.58 4.28
N LEU A 21 9.80 -2.65 3.49
CA LEU A 21 10.82 -2.87 2.47
C LEU A 21 10.23 -2.75 1.07
N GLU A 22 9.30 -3.66 0.76
CA GLU A 22 8.65 -3.66 -0.55
C GLU A 22 7.46 -4.62 -0.56
N LEU A 23 6.85 -4.78 -1.73
CA LEU A 23 5.70 -5.66 -1.88
C LEU A 23 5.89 -6.63 -3.05
N HIS A 24 4.99 -7.59 -3.17
CA HIS A 24 5.06 -8.57 -4.25
C HIS A 24 4.81 -7.92 -5.60
N PRO A 25 5.55 -8.38 -6.62
CA PRO A 25 5.43 -7.85 -7.99
C PRO A 25 4.10 -8.23 -8.65
N ASP A 26 3.55 -9.37 -8.23
CA ASP A 26 2.28 -9.85 -8.78
C ASP A 26 1.12 -9.42 -7.88
N TYR A 27 0.70 -8.18 -8.02
CA TYR A 27 -0.41 -7.65 -7.22
C TYR A 27 -1.65 -8.52 -7.38
N LYS A 28 -1.73 -9.24 -8.49
CA LYS A 28 -2.87 -10.12 -8.76
C LYS A 28 -3.04 -11.15 -7.66
N THR A 29 -1.97 -11.39 -6.90
CA THR A 29 -2.00 -12.34 -5.81
C THR A 29 -1.66 -11.67 -4.48
N TRP A 30 -2.11 -10.44 -4.31
CA TRP A 30 -1.86 -9.70 -3.09
C TRP A 30 -2.84 -10.09 -1.99
N GLY A 31 -4.04 -10.49 -2.39
CA GLY A 31 -5.06 -10.88 -1.44
C GLY A 31 -5.47 -9.74 -0.52
N PRO A 32 -6.36 -10.04 0.44
CA PRO A 32 -6.85 -9.05 1.40
C PRO A 32 -5.78 -8.60 2.38
N GLU A 33 -4.63 -9.27 2.34
CA GLU A 33 -3.52 -8.95 3.23
C GLU A 33 -2.72 -7.77 2.69
N GLN A 34 -2.02 -7.98 1.58
CA GLN A 34 -1.21 -6.94 0.97
C GLN A 34 -2.03 -5.68 0.75
N VAL A 35 -3.24 -5.84 0.25
CA VAL A 35 -4.13 -4.71 -0.01
C VAL A 35 -4.31 -3.86 1.23
N CYS A 36 -4.44 -4.52 2.38
CA CYS A 36 -4.63 -3.82 3.65
C CYS A 36 -3.40 -2.99 4.00
N SER A 37 -2.26 -3.33 3.38
CA SER A 37 -1.02 -2.62 3.62
C SER A 37 -0.78 -1.55 2.56
N PHE A 38 -1.12 -1.88 1.31
CA PHE A 38 -0.95 -0.95 0.21
C PHE A 38 -1.58 0.41 0.53
N LEU A 39 -2.85 0.38 0.92
CA LEU A 39 -3.57 1.60 1.26
C LEU A 39 -2.85 2.37 2.37
N ARG A 40 -2.25 1.63 3.29
CA ARG A 40 -1.53 2.24 4.40
C ARG A 40 -0.31 3.02 3.91
N ARG A 41 0.20 2.62 2.75
CA ARG A 41 1.37 3.27 2.16
C ARG A 41 0.97 4.58 1.48
N GLY A 42 -0.30 4.67 1.10
CA GLY A 42 -0.78 5.88 0.44
C GLY A 42 -1.20 6.95 1.42
N GLY A 43 -1.52 6.54 2.64
CA GLY A 43 -1.94 7.48 3.66
C GLY A 43 -3.23 7.07 4.33
N PHE A 44 -3.95 6.15 3.72
CA PHE A 44 -5.22 5.67 4.27
C PHE A 44 -4.98 4.67 5.40
N GLU A 45 -5.47 5.01 6.58
CA GLU A 45 -5.32 4.13 7.75
C GLU A 45 -6.66 3.88 8.43
N GLU A 46 -7.74 4.02 7.66
CA GLU A 46 -9.08 3.80 8.18
C GLU A 46 -9.32 2.32 8.44
N PRO A 47 -9.96 2.01 9.59
CA PRO A 47 -10.28 0.64 9.98
C PRO A 47 -11.36 0.03 9.11
N VAL A 48 -12.44 0.76 8.91
CA VAL A 48 -13.55 0.28 8.09
C VAL A 48 -13.11 0.01 6.66
N LEU A 49 -12.16 0.81 6.17
CA LEU A 49 -11.64 0.66 4.82
C LEU A 49 -10.90 -0.66 4.67
N LEU A 50 -9.97 -0.92 5.58
CA LEU A 50 -9.18 -2.15 5.55
C LEU A 50 -10.03 -3.35 5.97
N LYS A 51 -11.09 -3.08 6.71
CA LYS A 51 -12.00 -4.12 7.18
C LYS A 51 -12.73 -4.77 6.01
N ASN A 52 -13.29 -3.93 5.13
CA ASN A 52 -14.03 -4.43 3.97
C ASN A 52 -13.12 -5.29 3.08
N ILE A 53 -11.83 -4.96 3.07
CA ILE A 53 -10.87 -5.69 2.26
C ILE A 53 -10.89 -7.18 2.61
N ARG A 54 -11.09 -7.49 3.89
CA ARG A 54 -11.13 -8.87 4.35
C ARG A 54 -12.55 -9.41 4.29
N GLU A 55 -13.53 -8.51 4.26
CA GLU A 55 -14.93 -8.90 4.20
C GLU A 55 -15.35 -9.23 2.77
N ASN A 56 -14.61 -8.68 1.80
CA ASN A 56 -14.90 -8.90 0.39
C ASN A 56 -13.72 -9.57 -0.30
N GLU A 57 -12.76 -10.05 0.49
CA GLU A 57 -11.58 -10.71 -0.06
C GLU A 57 -10.92 -9.84 -1.12
N ILE A 58 -11.04 -8.53 -0.97
CA ILE A 58 -10.45 -7.58 -1.91
C ILE A 58 -8.97 -7.88 -2.14
N THR A 59 -8.60 -8.10 -3.40
CA THR A 59 -7.22 -8.40 -3.74
C THR A 59 -6.66 -7.36 -4.69
N GLY A 60 -5.35 -7.39 -4.90
CA GLY A 60 -4.70 -6.44 -5.79
C GLY A 60 -5.31 -6.43 -7.17
N ALA A 61 -5.77 -7.60 -7.62
CA ALA A 61 -6.38 -7.73 -8.93
C ALA A 61 -7.73 -7.03 -8.98
N LEU A 62 -8.31 -6.79 -7.81
CA LEU A 62 -9.61 -6.13 -7.71
C LEU A 62 -9.44 -4.64 -7.38
N LEU A 63 -8.26 -4.28 -6.89
CA LEU A 63 -7.98 -2.89 -6.54
C LEU A 63 -8.35 -1.95 -7.69
N PRO A 64 -7.75 -2.17 -8.86
CA PRO A 64 -8.00 -1.37 -10.05
C PRO A 64 -9.40 -1.59 -10.61
N CYS A 65 -10.10 -2.57 -10.08
CA CYS A 65 -11.45 -2.89 -10.52
C CYS A 65 -12.48 -2.06 -9.77
N LEU A 66 -12.24 -1.85 -8.49
CA LEU A 66 -13.16 -1.07 -7.67
C LEU A 66 -13.26 0.37 -8.17
N ASP A 67 -14.46 0.93 -8.10
CA ASP A 67 -14.69 2.29 -8.55
C ASP A 67 -15.09 3.20 -7.38
N GLU A 68 -15.40 4.45 -7.69
CA GLU A 68 -15.79 5.41 -6.66
C GLU A 68 -16.91 4.84 -5.78
N SER A 69 -18.00 4.42 -6.42
CA SER A 69 -19.14 3.87 -5.71
C SER A 69 -18.71 2.72 -4.80
N ARG A 70 -17.82 1.88 -5.31
CA ARG A 70 -17.32 0.74 -4.56
C ARG A 70 -16.61 1.20 -3.28
N PHE A 71 -15.61 2.06 -3.45
CA PHE A 71 -14.84 2.58 -2.33
C PHE A 71 -15.77 3.19 -1.28
N GLU A 72 -16.80 3.89 -1.74
CA GLU A 72 -17.76 4.52 -0.85
C GLU A 72 -18.48 3.49 0.02
N ASN A 73 -18.52 2.25 -0.48
CA ASN A 73 -19.18 1.16 0.23
C ASN A 73 -18.18 0.41 1.11
N LEU A 74 -16.91 0.49 0.74
CA LEU A 74 -15.85 -0.18 1.49
C LEU A 74 -15.48 0.60 2.74
N GLY A 75 -16.12 1.76 2.93
CA GLY A 75 -15.84 2.58 4.07
C GLY A 75 -15.31 3.95 3.70
N VAL A 76 -14.83 4.07 2.47
CA VAL A 76 -14.29 5.35 1.98
C VAL A 76 -15.40 6.29 1.53
N SER A 77 -16.34 6.56 2.44
CA SER A 77 -17.46 7.44 2.13
C SER A 77 -17.04 8.91 2.25
N SER A 78 -16.04 9.30 1.45
CA SER A 78 -15.55 10.67 1.47
C SER A 78 -15.19 11.13 0.06
N LEU A 79 -15.73 12.27 -0.33
CA LEU A 79 -15.46 12.82 -1.66
C LEU A 79 -13.96 13.00 -1.88
N GLY A 80 -13.26 13.41 -0.83
CA GLY A 80 -11.83 13.61 -0.93
C GLY A 80 -11.05 12.31 -0.88
N GLU A 81 -11.42 11.44 0.05
CA GLU A 81 -10.75 10.15 0.20
C GLU A 81 -10.76 9.38 -1.12
N ARG A 82 -11.96 9.10 -1.62
CA ARG A 82 -12.10 8.36 -2.87
C ARG A 82 -11.29 9.01 -3.98
N LYS A 83 -11.42 10.32 -4.12
CA LYS A 83 -10.70 11.07 -5.14
C LYS A 83 -9.20 10.76 -5.08
N LYS A 84 -8.72 10.45 -3.88
CA LYS A 84 -7.31 10.14 -3.69
C LYS A 84 -7.04 8.65 -3.93
N LEU A 85 -7.88 7.80 -3.36
CA LEU A 85 -7.74 6.36 -3.52
C LEU A 85 -7.79 5.97 -4.99
N LEU A 86 -8.79 6.47 -5.70
CA LEU A 86 -8.94 6.17 -7.12
C LEU A 86 -7.66 6.46 -7.87
N SER A 87 -7.02 7.57 -7.55
CA SER A 87 -5.78 7.96 -8.21
C SER A 87 -4.60 7.16 -7.66
N TYR A 88 -4.72 6.71 -6.42
CA TYR A 88 -3.68 5.93 -5.78
C TYR A 88 -3.49 4.59 -6.47
N ILE A 89 -4.54 3.79 -6.49
CA ILE A 89 -4.50 2.48 -7.12
C ILE A 89 -4.00 2.58 -8.56
N GLN A 90 -4.38 3.66 -9.23
CA GLN A 90 -3.97 3.88 -10.61
C GLN A 90 -2.44 3.92 -10.74
N ARG A 91 -1.79 4.33 -9.66
CA ARG A 91 -0.33 4.41 -9.65
C ARG A 91 0.29 3.03 -9.47
N LEU A 92 -0.56 2.04 -9.21
CA LEU A 92 -0.09 0.67 -9.02
C LEU A 92 -0.08 -0.09 -10.34
N VAL A 93 -1.26 -0.32 -10.89
CA VAL A 93 -1.38 -1.04 -12.16
C VAL A 93 -0.52 -0.40 -13.24
N GLN A 94 -0.45 0.92 -13.24
CA GLN A 94 0.34 1.65 -14.22
C GLN A 94 1.81 1.23 -14.15
N ILE A 95 2.21 0.69 -13.00
CA ILE A 95 3.58 0.24 -12.80
C ILE A 95 3.68 -1.27 -12.88
N HIS A 96 2.95 -1.95 -12.01
CA HIS A 96 2.95 -3.41 -11.99
C HIS A 96 2.44 -3.98 -13.30
N VAL A 97 3.07 -5.05 -13.78
CA VAL A 97 2.68 -5.68 -15.03
C VAL A 97 2.75 -4.70 -16.19
N ASP A 98 3.68 -3.76 -16.11
CA ASP A 98 3.85 -2.76 -17.16
C ASP A 98 5.08 -3.07 -18.01
N THR A 99 5.00 -2.75 -19.29
CA THR A 99 6.10 -3.00 -20.22
C THR A 99 7.41 -2.44 -19.67
N MET A 100 7.34 -1.29 -19.02
CA MET A 100 8.51 -0.67 -18.44
C MET A 100 8.24 -0.18 -17.01
N LYS A 101 9.24 0.44 -16.40
CA LYS A 101 9.11 0.94 -15.04
C LYS A 101 9.88 2.24 -14.86
N VAL A 102 9.58 2.96 -13.78
CA VAL A 102 10.25 4.23 -13.50
C VAL A 102 11.54 4.00 -12.70
N ILE A 103 12.67 4.32 -13.32
CA ILE A 103 13.97 4.15 -12.67
C ILE A 103 14.86 5.36 -12.92
#